data_7NK1
#
_entry.id   7NK1
#
_cell.length_a   1.00
_cell.length_b   1.00
_cell.length_c   1.00
_cell.angle_alpha   90.00
_cell.angle_beta   90.00
_cell.angle_gamma   90.00
#
_symmetry.space_group_name_H-M   'P 1'
#
loop_
_entity.id
_entity.type
_entity.pdbx_description
1 polymer 'Polymerase acidic protein'
2 polymer 'RNA-directed RNA polymerase catalytic subunit'
3 polymer 'Polymerase basic protein 2,Immunoglobulin G-binding protein A'
4 polymer "RNA (5'-R(P*GP*GP*CP*CP*UP*GP*CP*U)-3')"
5 polymer "RNA (5'-R(P*AP*GP*UP*AP*GP*AP*AP*AP*CP*AP*AP*GP*GP*CP*C)-3')"
6 polymer Nanobody8201
#
loop_
_entity_poly.entity_id
_entity_poly.type
_entity_poly.pdbx_seq_one_letter_code
_entity_poly.pdbx_strand_id
1 'polypeptide(L)'
;MEDFVRQCFNPMIVELAEKAMKEYGEDLKIETNKFAAICTHLEVCFMYSDFHFINERGESIIVESGDPNALLKHRFEIIE
GRDRTMAWTVVNSICNTTGAEKPKFLPDLYDYKENRFIEIGVTRREVHIYYLEKANKIKSEKTHIHIFSFTGEEMATKAD
YTLDEESRARIKTRLFTIRQEMASRGLWDSFRQSERGEETIEERFEITGTMRRLADQSLPPNFSSLENFRAYVDGFEPNG
YIEGKLSQMSKEVNARIEPFLKTTPRPLRLPDGPPCSQRSKFLLMDALKLSIEDPSHEGEGIPLYDAIKCMRTFFGWKEP
NVVKPHEKGINPNYLLAWKQVLAELQDIENEEKIPKTKNMKKTSQLKWALGENMAPEKVDFDDCKDVSDLKQYDSDEPEL
RSLASWIQSEFNKACELTDSSWIELDEIGEDVAPIEHIASMRRNYFTAEVSHCRATEYIMKGVYINTALLNASCAAMDDF
QLIPMISKCRTKEGRRKTNLYGFIIKGRSHLRNDTDVVNFVSMEFSLTDPRLEPHKWEKYCVLEIGDMLLRSAIGQVSRP
MFLYVRTNGTSKIKMKWGMEMRRCLLQSLQQIESMIEAESSVKEKDMTKEFFENKSETWPIGESPKGVEEGSIGKVCRTL
LAKSVFNSLYASPQLEGFSAESRKLLLIVQALRDNLEPGTFDLGGLYEAIEECLINDPWVLLNASWFNSFLTHALR
;
A
2 'polypeptide(L)'
;MDVNPTLLFLKVPAQNAISTTFPYTGDPPYSHGTGTGYTMDTVNRTHQYSEKGRWTTNTETGAPQLNPIDGPLPEDNEPS
GYAQTDCVLEAMAFLEESHPGIFENSCLETMEVVQQTRVDKLTQGRQTYDWTLNRNQPAATALANTIEVFRSNGLTANES
GRLIDFLKDVMESMDKEEMEITTHFQRKRRVRDNMTKKMVTQRTIGKKKQRLNKRSYLIRALTLNTMTKDAERGKLKRRA
IATPGMQIRGFVYFVETLARSICEKLEQSGLPVGGNEKKAKLANVVRKMMTNSQDTELSFTITGDNTKWNENQNPRMFLA
MITYITRNQPEWFRNVLSIAPIMFSNKMARLGKGYMFESKSMKLRTQIPAEMLASIDLKYFNDSTRKKIEKIRPLLIDGT
ASLSPGMMMGMFNMLSTVLGVSILNLGQKRYTKTTYWWDGLQSSDDFALIVNAPNHEGIQAGVDRFYRTCKLLGINMSKK
KSYINRTGTFEFTSFFYRYGFVANFSMELPSFGVSGINESADMSIGVTVIKNNMINNDLGPATAQMALQLFIKDYRYTYR
CHRGDTQIQTRRSFEIKKLWEQTRSKAGLLVSDGGPNLYNIRNLHIPEVCLKWELMDEDYQGRLCNPLNPFVSHKEIESV
NNAVMMPAHGPAKNMEYDAVATTHSWIPKRNRSILNTSQRGILEDEQMYQKCCNLFEKFFPSSSYRRPVGISSMVEAMVS
RARIDARIDFESGRIKKEEFAEIMKICSTIEELRRQK
;
B
3 'polypeptide(L)'
;MERIKELRDLMSQSRTREILTKTTVDHMAIIKKYTSGRQEKNPALRMKWMMAMKYPITADKRIMEMIPERNEQGQTLWSK
TNDAGSDRVMVSPLAVTWWNRNGPTTSAVHYPKIYKTYFEKVERLKHGTFGPVHFRNQVKIRRRVDINPGHADLSAKEAQ
DVIMEVVFPNEVGARILTSESQLTITKEKKEELQDCKISPLMVAYMLERELVRKTRFLPVAGGTSSVYIEVLHLTQGTCW
EQMYTPGGEVRNDDVDQSLIIAARNIVRRATVSADPLASLLEMCHSTQIGGIRMVDILRQNPTEEQAVDICKAAMGLRIS
SSFSFGGFTFKRTSGSSVKREEEVLTGNLQTLKIRVHEGYEEFTMVGRRATAILRKATRRLIQLIVSGRDEQSIAEAIIV
AMVFSQEDCMIKAVRGDLNFVNRANQRLNPMHQLLRHFQKDAKVLFQNWGIEPIDNVMGMIGILPDMTPSTEMSMRGVRV
SKMGVDEYSSTERVVVSIDRFLRVRDQRGNVLLSPEEVSETQGTEKLTITYSSSMMWEVNGPESVLVNTYQWIIRNWETV
KIQWSQNPTMLYNKMEFEPFQSLVPKAARGQYSGFVRTLFQQMRDVLGTFDTVQIIKLLPFAAAPPKQSRMQFSSLTVNV
RGSGMRILVRGNSPVFNYNKATKRLTVLGKDAGALTEDPDEGTAGVESAVLRGFLILGKEDRRYGPALSINELSNLAKGE
KANVLIGQGDVVLVMKRKRDSSILTDSQTATKRIRMAINENLYFQGELKTAALAQHDEAVDNKFNKEQQNAFYEILHLPN
LNEEQRNAFIQSLKDDPSQSANLLAEAKKLNDAQAPKVDNKFNKEQQNAFYEILHLPNLNEEQRNAFIQSLKADPSQSAN
LLAEAKKLNGAQAPKVDANSAGKST
;
C
4 'polyribonucleotide' GGCCUGCUUUUGCUAUU E
5 'polyribonucleotide' AGUAGAAACAAGGCC D
6 'polypeptide(L)'
;QVQLQESGGGLVQPGGSLRLSCAASGSDFSLYAMGWYRQVPGKERELVATITIGGTTNFADSARGRFTISRGNAKNTVYL
QMNNLKPEDTAVYYCWSRGSYGRYLETWGQGTQVTVSSHHHHHHEPEA
;
F
#
loop_
_chem_comp.id
_chem_comp.type
_chem_comp.name
_chem_comp.formula
A RNA linking ADENOSINE-5'-MONOPHOSPHATE 'C10 H14 N5 O7 P'
C RNA linking CYTIDINE-5'-MONOPHOSPHATE 'C9 H14 N3 O8 P'
G RNA linking GUANOSINE-5'-MONOPHOSPHATE 'C10 H14 N5 O8 P'
U RNA linking URIDINE-5'-MONOPHOSPHATE 'C9 H13 N2 O9 P'
#
# COMPACT_ATOMS: atom_id res chain seq x y z
N MET A 1 15.04 35.47 48.12
CA MET A 1 14.62 34.33 48.96
C MET A 1 15.36 33.05 48.56
N GLU A 2 15.66 32.94 47.26
CA GLU A 2 16.38 31.78 46.75
C GLU A 2 17.76 31.63 47.38
N ASP A 3 18.32 32.70 47.94
CA ASP A 3 19.61 32.57 48.62
C ASP A 3 19.54 31.56 49.76
N PHE A 4 18.37 31.44 50.40
CA PHE A 4 18.22 30.46 51.47
C PHE A 4 18.43 29.04 50.97
N VAL A 5 17.83 28.70 49.82
CA VAL A 5 18.03 27.37 49.26
C VAL A 5 19.38 27.19 48.63
N ARG A 6 20.04 28.29 48.23
CA ARG A 6 21.46 28.23 47.91
C ARG A 6 22.28 27.80 49.12
N GLN A 7 21.97 28.39 50.29
CA GLN A 7 22.81 28.22 51.47
C GLN A 7 22.58 26.87 52.15
N CYS A 8 21.36 26.63 52.63
CA CYS A 8 21.18 25.59 53.64
C CYS A 8 21.12 24.19 53.02
N PHE A 9 20.14 23.94 52.16
CA PHE A 9 19.82 22.58 51.78
C PHE A 9 20.90 21.96 50.90
N ASN A 10 21.00 20.63 50.98
CA ASN A 10 22.00 19.89 50.25
C ASN A 10 21.70 19.88 48.76
N PRO A 11 22.70 19.58 47.92
CA PRO A 11 22.42 19.54 46.47
C PRO A 11 21.30 18.59 46.09
N MET A 12 21.41 17.33 46.50
CA MET A 12 20.43 16.32 46.14
C MET A 12 19.00 16.88 46.17
N ILE A 13 18.61 17.50 47.29
CA ILE A 13 17.24 17.98 47.41
C ILE A 13 16.99 19.15 46.47
N VAL A 14 17.98 20.04 46.27
CA VAL A 14 17.71 21.22 45.46
C VAL A 14 17.50 20.83 44.00
N GLU A 15 18.30 19.89 43.48
CA GLU A 15 18.02 19.48 42.11
C GLU A 15 16.78 18.59 42.01
N LEU A 16 16.45 17.81 43.05
CA LEU A 16 15.17 17.11 43.01
C LEU A 16 14.02 18.11 42.92
N ALA A 17 14.08 19.17 43.72
CA ALA A 17 13.03 20.19 43.69
C ALA A 17 13.05 20.95 42.37
N GLU A 18 14.22 21.14 41.76
CA GLU A 18 14.28 21.81 40.46
C GLU A 18 13.64 20.97 39.37
N LYS A 19 13.85 19.66 39.39
CA LYS A 19 13.15 18.81 38.42
C LYS A 19 11.66 18.75 38.69
N ALA A 20 11.25 18.73 39.96
CA ALA A 20 9.83 18.85 40.26
C ALA A 20 9.28 20.19 39.79
N MET A 21 10.12 21.22 39.79
CA MET A 21 9.73 22.52 39.28
C MET A 21 9.47 22.46 37.78
N LYS A 22 10.41 21.85 37.06
CA LYS A 22 10.24 21.63 35.62
C LYS A 22 9.04 20.73 35.30
N GLU A 23 8.66 19.85 36.23
CA GLU A 23 7.59 18.90 35.99
C GLU A 23 6.33 19.57 35.44
N TYR A 24 5.75 20.50 36.20
CA TYR A 24 4.49 21.11 35.82
C TYR A 24 4.67 22.39 34.99
N GLY A 25 5.90 22.75 34.64
CA GLY A 25 6.13 23.71 33.58
C GLY A 25 6.04 25.18 33.96
N GLU A 26 6.06 25.51 35.25
CA GLU A 26 6.08 26.92 35.65
C GLU A 26 7.50 27.33 35.99
N ASP A 27 7.77 28.63 35.85
CA ASP A 27 9.11 29.17 35.98
C ASP A 27 9.39 29.59 37.43
N LEU A 28 10.64 29.39 37.84
CA LEU A 28 11.04 29.61 39.23
C LEU A 28 11.28 31.08 39.55
N LYS A 29 11.50 31.92 38.55
CA LYS A 29 11.84 33.32 38.83
C LYS A 29 10.62 34.12 39.28
N ILE A 30 9.41 33.71 38.89
CA ILE A 30 8.22 34.47 39.23
C ILE A 30 7.76 34.22 40.66
N GLU A 31 7.78 32.97 41.11
CA GLU A 31 7.33 32.64 42.47
C GLU A 31 8.21 31.52 42.99
N THR A 32 9.05 31.84 43.97
CA THR A 32 10.02 30.89 44.53
C THR A 32 9.60 30.32 45.89
N ASN A 33 8.69 30.98 46.60
CA ASN A 33 8.27 30.47 47.90
C ASN A 33 7.72 29.05 47.79
N LYS A 34 7.07 28.72 46.68
CA LYS A 34 6.61 27.35 46.46
C LYS A 34 7.79 26.40 46.44
N PHE A 35 8.88 26.82 45.78
CA PHE A 35 10.07 25.98 45.72
C PHE A 35 10.57 25.66 47.12
N ALA A 36 10.70 26.68 47.97
CA ALA A 36 11.18 26.48 49.33
C ALA A 36 10.22 25.60 50.13
N ALA A 37 8.91 25.87 50.03
CA ALA A 37 7.95 25.12 50.81
C ALA A 37 7.96 23.65 50.45
N ILE A 38 7.91 23.34 49.15
CA ILE A 38 7.89 21.94 48.73
C ILE A 38 9.24 21.27 48.91
N CYS A 39 10.35 22.02 48.87
CA CYS A 39 11.64 21.39 49.16
C CYS A 39 11.76 21.07 50.64
N THR A 40 11.19 21.91 51.51
CA THR A 40 11.13 21.54 52.92
C THR A 40 10.22 20.34 53.16
N HIS A 41 9.11 20.26 52.43
CA HIS A 41 8.27 19.07 52.49
C HIS A 41 9.07 17.83 52.09
N LEU A 42 9.83 17.94 51.00
CA LEU A 42 10.64 16.82 50.54
C LEU A 42 11.74 16.49 51.55
N GLU A 43 12.32 17.50 52.19
CA GLU A 43 13.34 17.27 53.20
C GLU A 43 12.77 16.53 54.40
N VAL A 44 11.60 16.93 54.87
CA VAL A 44 11.00 16.21 55.99
C VAL A 44 10.68 14.79 55.56
N CYS A 45 10.26 14.61 54.30
CA CYS A 45 10.02 13.26 53.80
C CYS A 45 11.27 12.41 53.92
N PHE A 46 12.41 12.89 53.41
CA PHE A 46 13.66 12.15 53.57
C PHE A 46 13.95 11.88 55.04
N MET A 47 14.10 12.96 55.81
CA MET A 47 14.60 12.85 57.17
C MET A 47 13.70 11.97 58.02
N TYR A 48 12.43 11.85 57.63
CA TYR A 48 11.46 10.97 58.28
C TYR A 48 11.61 9.54 57.80
N SER A 49 11.99 9.35 56.54
CA SER A 49 12.12 8.00 55.99
C SER A 49 13.49 7.39 56.29
N ASP A 50 14.56 8.13 56.03
CA ASP A 50 15.89 7.59 56.24
C ASP A 50 16.15 7.36 57.73
N PHE A 51 17.30 6.72 58.01
CA PHE A 51 17.70 6.42 59.38
C PHE A 51 16.71 5.48 60.06
N HIS A 52 15.82 4.87 59.27
CA HIS A 52 14.78 3.98 59.80
C HIS A 52 14.77 2.70 58.98
N PHE A 53 15.23 1.61 59.59
CA PHE A 53 15.35 0.32 58.92
C PHE A 53 14.54 -0.72 59.67
N ILE A 54 14.30 -1.85 59.00
CA ILE A 54 13.57 -2.97 59.58
C ILE A 54 14.33 -4.26 59.28
N ASN A 55 14.18 -5.22 60.18
CA ASN A 55 14.66 -6.59 59.97
C ASN A 55 13.45 -7.52 59.90
N GLU A 56 13.71 -8.83 59.84
CA GLU A 56 12.64 -9.80 59.67
C GLU A 56 11.50 -9.63 60.66
N ARG A 57 11.74 -8.99 61.80
CA ARG A 57 10.67 -8.69 62.74
C ARG A 57 9.92 -7.44 62.27
N GLY A 58 9.09 -6.90 63.15
CA GLY A 58 8.56 -5.56 62.99
C GLY A 58 9.52 -4.58 63.61
N GLU A 59 9.06 -3.79 64.56
CA GLU A 59 9.92 -3.10 65.54
C GLU A 59 11.20 -2.59 64.87
N SER A 60 11.01 -1.65 63.94
CA SER A 60 12.08 -1.15 63.09
C SER A 60 13.39 -0.98 63.84
N ILE A 61 14.47 -1.42 63.21
CA ILE A 61 15.82 -1.17 63.72
C ILE A 61 16.25 0.21 63.25
N ILE A 62 16.64 1.06 64.19
CA ILE A 62 17.03 2.45 63.90
C ILE A 62 18.53 2.55 64.11
N VAL A 63 19.25 2.89 63.04
CA VAL A 63 20.70 3.05 63.08
C VAL A 63 21.06 4.38 62.46
N GLU A 64 21.95 5.12 63.13
CA GLU A 64 22.37 6.42 62.61
C GLU A 64 23.13 6.28 61.29
N SER A 65 23.72 5.12 61.03
CA SER A 65 24.44 4.89 59.77
C SER A 65 24.31 3.42 59.41
N GLY A 66 23.82 3.16 58.20
CA GLY A 66 23.66 1.78 57.74
C GLY A 66 24.96 1.04 57.64
N ASP A 67 25.12 -0.01 58.42
CA ASP A 67 26.35 -0.80 58.41
C ASP A 67 26.36 -1.73 57.20
N PRO A 68 27.55 -2.15 56.76
CA PRO A 68 27.63 -3.07 55.61
C PRO A 68 26.99 -4.41 55.94
N ASN A 69 25.89 -4.71 55.25
CA ASN A 69 25.15 -5.94 55.48
C ASN A 69 24.00 -6.08 54.49
N ALA A 70 23.34 -7.24 54.49
CA ALA A 70 22.09 -7.39 53.77
C ALA A 70 20.94 -6.73 54.51
N LEU A 71 21.16 -6.27 55.74
CA LEU A 71 20.11 -5.69 56.57
C LEU A 71 20.08 -4.17 56.40
N LEU A 72 19.74 -3.75 55.19
CA LEU A 72 19.61 -2.33 54.85
C LEU A 72 18.19 -1.96 54.45
N LYS A 73 17.20 -2.78 54.80
CA LYS A 73 15.81 -2.47 54.53
C LYS A 73 15.43 -1.12 55.13
N HIS A 74 14.64 -0.36 54.40
CA HIS A 74 14.18 0.96 54.85
C HIS A 74 12.77 0.84 55.42
N ARG A 75 12.56 1.43 56.59
CA ARG A 75 11.25 1.37 57.22
C ARG A 75 10.18 2.01 56.36
N PHE A 76 10.41 3.25 55.95
CA PHE A 76 9.48 3.99 55.10
C PHE A 76 10.12 4.19 53.74
N GLU A 77 9.39 3.83 52.68
CA GLU A 77 9.90 3.95 51.32
C GLU A 77 9.15 5.08 50.62
N ILE A 78 9.91 5.97 49.98
CA ILE A 78 9.38 7.27 49.59
C ILE A 78 8.58 7.17 48.30
N ILE A 79 7.52 7.98 48.22
CA ILE A 79 6.70 8.07 47.02
C ILE A 79 7.13 9.27 46.21
N GLU A 80 7.10 10.46 46.82
CA GLU A 80 7.44 11.70 46.13
C GLU A 80 8.95 11.70 45.88
N GLY A 81 9.45 12.77 45.24
CA GLY A 81 10.80 12.76 44.74
C GLY A 81 10.92 12.03 43.42
N ARG A 82 9.81 11.76 42.77
CA ARG A 82 9.76 11.01 41.53
C ARG A 82 8.79 11.70 40.59
N ASP A 83 8.81 11.30 39.32
CA ASP A 83 7.89 11.86 38.35
C ASP A 83 6.48 11.30 38.59
N ARG A 84 5.48 11.99 38.05
CA ARG A 84 4.10 11.56 38.23
C ARG A 84 3.91 10.14 37.70
N THR A 85 4.50 9.85 36.53
CA THR A 85 4.37 8.51 35.96
C THR A 85 4.92 7.46 36.92
N MET A 86 6.10 7.70 37.48
CA MET A 86 6.66 6.72 38.41
C MET A 86 5.94 6.73 39.74
N ALA A 87 5.47 7.89 40.20
CA ALA A 87 4.73 7.92 41.46
C ALA A 87 3.48 7.03 41.35
N TRP A 88 2.79 7.12 40.22
CA TRP A 88 1.62 6.28 40.01
C TRP A 88 2.03 4.84 39.72
N THR A 89 3.21 4.62 39.14
CA THR A 89 3.73 3.26 39.00
C THR A 89 3.91 2.62 40.37
N VAL A 90 4.55 3.32 41.31
CA VAL A 90 4.73 2.78 42.66
C VAL A 90 3.39 2.60 43.34
N VAL A 91 2.47 3.56 43.16
CA VAL A 91 1.16 3.42 43.79
C VAL A 91 0.49 2.12 43.32
N ASN A 92 0.43 1.92 42.00
CA ASN A 92 -0.24 0.74 41.48
C ASN A 92 0.48 -0.54 41.88
N SER A 93 1.81 -0.54 41.86
CA SER A 93 2.55 -1.73 42.25
C SER A 93 2.29 -2.09 43.70
N ILE A 94 2.28 -1.09 44.59
CA ILE A 94 2.02 -1.36 46.01
C ILE A 94 0.61 -1.89 46.18
N CYS A 95 -0.37 -1.29 45.49
CA CYS A 95 -1.75 -1.75 45.60
C CYS A 95 -1.88 -3.20 45.12
N ASN A 96 -1.22 -3.55 44.02
CA ASN A 96 -1.34 -4.89 43.48
C ASN A 96 -0.56 -5.93 44.28
N THR A 97 0.49 -5.52 44.98
CA THR A 97 1.25 -6.47 45.79
C THR A 97 0.77 -6.51 47.24
N THR A 98 0.40 -5.36 47.80
CA THR A 98 -0.07 -5.29 49.17
C THR A 98 -1.56 -5.59 49.31
N GLY A 99 -2.30 -5.63 48.21
CA GLY A 99 -3.72 -5.87 48.28
C GLY A 99 -4.48 -4.75 48.96
N ALA A 100 -3.85 -3.57 49.03
CA ALA A 100 -4.47 -2.42 49.67
C ALA A 100 -5.31 -1.65 48.66
N GLU A 101 -5.89 -0.53 49.12
CA GLU A 101 -6.74 0.30 48.27
C GLU A 101 -5.91 1.39 47.61
N LYS A 102 -6.29 1.73 46.38
CA LYS A 102 -5.54 2.71 45.60
C LYS A 102 -6.02 4.12 45.93
N PRO A 103 -5.17 5.00 46.46
CA PRO A 103 -5.59 6.39 46.66
C PRO A 103 -5.67 7.14 45.34
N LYS A 104 -6.45 8.22 45.35
CA LYS A 104 -6.66 9.01 44.15
C LYS A 104 -5.65 10.14 44.01
N PHE A 105 -4.93 10.49 45.07
CA PHE A 105 -3.91 11.53 45.06
C PHE A 105 -2.56 10.92 45.43
N LEU A 106 -1.53 11.77 45.44
CA LEU A 106 -0.16 11.30 45.63
C LEU A 106 0.13 11.11 47.11
N PRO A 107 0.48 9.91 47.57
CA PRO A 107 1.01 9.77 48.93
C PRO A 107 2.48 10.14 49.00
N ASP A 108 3.10 9.98 50.16
CA ASP A 108 4.50 10.35 50.34
C ASP A 108 5.40 9.19 50.78
N LEU A 109 4.86 8.16 51.40
CA LEU A 109 5.68 7.10 51.98
C LEU A 109 4.83 5.85 52.11
N TYR A 110 5.50 4.70 52.19
CA TYR A 110 4.82 3.44 52.52
C TYR A 110 5.56 2.73 53.64
N ASP A 111 4.79 2.06 54.51
CA ASP A 111 5.30 1.34 55.65
C ASP A 111 4.73 -0.08 55.70
N TYR A 112 5.54 -0.99 56.25
CA TYR A 112 5.21 -2.42 56.29
C TYR A 112 4.38 -2.77 57.52
N LYS A 113 4.85 -2.42 58.71
CA LYS A 113 4.17 -2.77 59.96
C LYS A 113 2.68 -2.63 59.81
N GLU A 114 2.25 -1.43 59.44
CA GLU A 114 0.86 -1.09 59.23
C GLU A 114 0.43 -1.20 57.78
N ASN A 115 1.36 -1.58 56.89
CA ASN A 115 1.06 -1.90 55.50
C ASN A 115 0.21 -0.81 54.85
N ARG A 116 0.72 0.42 54.85
CA ARG A 116 -0.09 1.50 54.29
C ARG A 116 0.76 2.74 54.07
N PHE A 117 0.09 3.77 53.53
CA PHE A 117 0.70 4.99 53.03
C PHE A 117 0.75 6.08 54.11
N ILE A 118 1.64 7.03 53.89
CA ILE A 118 1.77 8.24 54.71
C ILE A 118 1.83 9.42 53.77
N GLU A 119 0.98 10.43 53.99
CA GLU A 119 0.99 11.66 53.20
C GLU A 119 1.44 12.79 54.12
N ILE A 120 2.75 13.04 54.14
CA ILE A 120 3.31 14.04 55.03
C ILE A 120 3.15 15.42 54.40
N GLY A 121 2.59 16.35 55.16
CA GLY A 121 2.56 17.73 54.75
C GLY A 121 2.72 18.66 55.92
N VAL A 122 3.74 19.52 55.86
CA VAL A 122 4.00 20.50 56.91
C VAL A 122 3.69 21.87 56.32
N THR A 123 2.58 22.46 56.77
CA THR A 123 2.12 23.74 56.27
C THR A 123 2.39 24.84 57.28
N ARG A 124 2.37 26.07 56.79
CA ARG A 124 2.60 27.22 57.66
C ARG A 124 1.49 27.34 58.71
N ARG A 125 0.24 27.13 58.29
CA ARG A 125 -0.89 27.21 59.21
C ARG A 125 -0.82 26.07 60.22
N GLU A 126 -1.60 26.22 61.29
CA GLU A 126 -1.61 25.21 62.34
C GLU A 126 -2.22 23.90 61.83
N VAL A 127 -1.86 22.80 62.49
CA VAL A 127 -2.16 21.46 61.97
C VAL A 127 -3.66 21.21 61.98
N HIS A 128 -4.34 21.55 63.08
CA HIS A 128 -5.70 21.07 63.33
C HIS A 128 -6.73 21.56 62.33
N ILE A 129 -6.31 22.33 61.32
CA ILE A 129 -7.17 22.69 60.20
C ILE A 129 -6.68 22.06 58.90
N TYR A 130 -5.38 22.16 58.63
CA TYR A 130 -4.81 21.57 57.43
C TYR A 130 -5.05 20.07 57.37
N TYR A 131 -5.02 19.41 58.53
CA TYR A 131 -5.21 17.96 58.59
C TYR A 131 -6.55 17.59 57.97
N LEU A 132 -7.65 18.07 58.57
CA LEU A 132 -8.97 17.77 58.05
C LEU A 132 -9.21 18.38 56.67
N GLU A 133 -8.50 19.45 56.32
CA GLU A 133 -8.59 19.96 54.95
C GLU A 133 -8.14 18.89 53.96
N LYS A 134 -6.88 18.47 54.06
CA LYS A 134 -6.41 17.42 53.16
C LYS A 134 -7.19 16.13 53.33
N ALA A 135 -7.78 15.89 54.52
CA ALA A 135 -8.60 14.71 54.72
C ALA A 135 -9.85 14.76 53.87
N ASN A 136 -10.52 15.91 53.81
CA ASN A 136 -11.72 16.02 52.99
C ASN A 136 -11.36 16.17 51.51
N LYS A 137 -10.11 16.51 51.20
CA LYS A 137 -9.65 16.40 49.82
C LYS A 137 -9.55 14.94 49.38
N ILE A 138 -9.21 14.04 50.29
CA ILE A 138 -9.01 12.62 49.98
C ILE A 138 -10.24 11.86 50.44
N LYS A 139 -10.79 11.04 49.54
CA LYS A 139 -12.08 10.42 49.78
C LYS A 139 -11.93 9.07 50.50
N SER A 140 -12.60 8.94 51.65
CA SER A 140 -12.69 7.67 52.35
C SER A 140 -11.34 6.98 52.43
N GLU A 141 -10.38 7.61 53.09
CA GLU A 141 -8.99 7.18 53.05
C GLU A 141 -8.65 6.37 54.30
N LYS A 142 -8.01 5.22 54.07
CA LYS A 142 -7.42 4.43 55.15
C LYS A 142 -5.94 4.73 55.35
N THR A 143 -5.27 5.27 54.34
CA THR A 143 -3.92 5.79 54.54
C THR A 143 -3.92 6.79 55.68
N HIS A 144 -3.08 6.53 56.68
CA HIS A 144 -2.95 7.43 57.81
C HIS A 144 -2.25 8.71 57.38
N ILE A 145 -2.71 9.83 57.93
CA ILE A 145 -2.19 11.16 57.60
C ILE A 145 -1.54 11.73 58.84
N HIS A 146 -0.40 12.38 58.68
CA HIS A 146 0.32 13.01 59.79
C HIS A 146 0.96 14.29 59.29
N ILE A 147 0.76 15.39 60.01
CA ILE A 147 1.24 16.70 59.62
C ILE A 147 1.84 17.42 60.82
N PHE A 148 2.90 18.19 60.57
CA PHE A 148 3.45 19.11 61.54
C PHE A 148 3.15 20.55 61.11
N SER A 149 3.43 21.48 62.01
CA SER A 149 3.35 22.91 61.72
C SER A 149 4.36 23.64 62.57
N PHE A 150 4.71 24.85 62.12
CA PHE A 150 5.92 25.51 62.63
C PHE A 150 5.89 25.72 64.14
N THR A 151 4.71 25.87 64.73
CA THR A 151 4.64 26.12 66.17
C THR A 151 5.24 24.96 66.97
N GLY A 152 5.30 23.77 66.37
CA GLY A 152 5.93 22.63 67.00
C GLY A 152 4.98 21.52 67.35
N GLU A 153 3.70 21.70 67.02
CA GLU A 153 2.67 20.74 67.40
C GLU A 153 2.56 19.62 66.38
N GLU A 154 2.15 18.45 66.85
CA GLU A 154 1.88 17.29 66.01
C GLU A 154 0.47 16.80 66.28
N MET A 155 -0.09 16.09 65.29
CA MET A 155 -1.42 15.51 65.46
C MET A 155 -1.57 14.36 64.49
N ALA A 156 -2.59 13.54 64.73
CA ALA A 156 -2.93 12.46 63.82
C ALA A 156 -4.22 11.77 64.27
N THR A 157 -4.94 11.17 63.33
CA THR A 157 -6.11 10.38 63.67
C THR A 157 -5.66 9.07 64.31
N LYS A 158 -6.57 8.40 65.00
CA LYS A 158 -6.29 7.22 65.80
C LYS A 158 -5.32 7.52 66.93
N ALA A 159 -4.98 8.79 67.16
CA ALA A 159 -3.89 9.15 68.06
C ALA A 159 -2.61 8.40 67.72
N ASP A 160 -2.45 8.05 66.44
CA ASP A 160 -1.39 7.16 66.01
C ASP A 160 -0.17 7.97 65.58
N TYR A 161 0.99 7.60 66.12
CA TYR A 161 2.28 8.14 65.70
C TYR A 161 3.19 6.94 65.47
N THR A 162 3.66 6.78 64.23
CA THR A 162 4.07 5.47 63.76
C THR A 162 5.50 5.07 64.13
N LEU A 163 6.32 5.96 64.68
CA LEU A 163 7.69 5.57 65.02
C LEU A 163 8.17 6.40 66.20
N ASP A 164 9.48 6.32 66.47
CA ASP A 164 10.10 6.90 67.66
C ASP A 164 9.77 8.38 67.81
N GLU A 165 9.73 8.85 69.06
CA GLU A 165 9.47 10.25 69.34
C GLU A 165 10.72 11.12 69.23
N GLU A 166 11.90 10.55 69.41
CA GLU A 166 13.11 11.34 69.21
C GLU A 166 13.24 11.78 67.75
N SER A 167 12.75 10.96 66.82
CA SER A 167 12.70 11.39 65.42
C SER A 167 11.79 12.60 65.25
N ARG A 168 10.65 12.62 65.96
CA ARG A 168 9.75 13.76 65.85
C ARG A 168 10.33 15.00 66.52
N ALA A 169 11.09 14.82 67.62
CA ALA A 169 11.84 15.94 68.17
C ALA A 169 12.82 16.48 67.15
N ARG A 170 13.48 15.57 66.43
CA ARG A 170 14.31 15.94 65.29
C ARG A 170 13.53 16.79 64.29
N ILE A 171 12.34 16.33 63.92
CA ILE A 171 11.51 17.03 62.93
C ILE A 171 11.23 18.45 63.39
N LYS A 172 10.76 18.61 64.63
CA LYS A 172 10.39 19.94 65.10
C LYS A 172 11.60 20.83 65.39
N THR A 173 12.75 20.25 65.74
CA THR A 173 13.98 21.03 65.82
C THR A 173 14.36 21.57 64.45
N ARG A 174 14.27 20.73 63.43
CA ARG A 174 14.50 21.13 62.05
C ARG A 174 13.53 22.26 61.70
N LEU A 175 12.29 22.09 62.15
CA LEU A 175 11.21 23.02 61.85
C LEU A 175 11.50 24.42 62.43
N PHE A 176 11.81 24.49 63.71
CA PHE A 176 12.14 25.78 64.31
C PHE A 176 13.49 26.31 63.85
N THR A 177 14.42 25.46 63.45
CA THR A 177 15.61 25.96 62.76
C THR A 177 15.21 26.74 61.53
N ILE A 178 14.32 26.16 60.72
CA ILE A 178 13.81 26.86 59.55
C ILE A 178 13.20 28.19 59.98
N ARG A 179 12.34 28.14 60.99
CA ARG A 179 11.58 29.31 61.41
C ARG A 179 12.50 30.44 61.87
N GLN A 180 13.26 30.22 62.94
CA GLN A 180 14.14 31.29 63.41
C GLN A 180 15.43 31.39 62.59
N GLU A 181 15.49 30.79 61.39
CA GLU A 181 16.48 31.25 60.44
C GLU A 181 15.86 32.24 59.45
N MET A 182 14.62 31.98 58.99
CA MET A 182 13.95 33.07 58.28
C MET A 182 13.85 34.29 59.17
N ALA A 183 13.82 34.09 60.50
CA ALA A 183 13.86 35.22 61.41
C ALA A 183 15.02 36.14 61.09
N SER A 184 16.21 35.55 60.89
CA SER A 184 17.33 36.32 60.39
C SER A 184 17.08 36.81 58.96
N ARG A 185 16.32 36.07 58.15
CA ARG A 185 16.05 36.50 56.78
C ARG A 185 14.88 37.50 56.73
N GLY A 186 13.72 37.10 57.23
CA GLY A 186 12.57 37.99 57.31
C GLY A 186 11.53 37.87 56.21
N LEU A 187 10.99 36.65 56.01
CA LEU A 187 10.15 36.36 54.86
C LEU A 187 8.65 36.27 55.15
N TRP A 188 8.21 36.36 56.41
CA TRP A 188 6.81 36.07 56.70
C TRP A 188 5.83 37.12 56.17
N ASP A 189 6.31 38.21 55.57
CA ASP A 189 5.38 39.11 54.89
C ASP A 189 4.60 38.39 53.80
N SER A 190 5.14 37.27 53.31
CA SER A 190 4.46 36.44 52.32
C SER A 190 4.57 34.95 52.59
N PHE A 191 5.39 34.52 53.55
CA PHE A 191 5.67 33.10 53.71
C PHE A 191 4.42 32.31 54.06
N ARG A 192 3.60 32.85 54.97
CA ARG A 192 2.37 32.16 55.34
C ARG A 192 1.44 31.98 54.15
N GLN A 193 1.28 33.02 53.34
CA GLN A 193 0.39 33.02 52.18
C GLN A 193 1.17 33.55 50.98
N SER A 194 1.75 32.63 50.20
CA SER A 194 2.46 32.99 48.98
C SER A 194 1.97 32.24 47.74
N GLU A 195 1.29 31.11 47.91
CA GLU A 195 0.75 30.34 46.80
C GLU A 195 -0.77 30.28 46.94
N ARG A 196 -1.46 30.53 45.83
CA ARG A 196 -2.93 30.53 45.82
C ARG A 196 -3.50 29.61 44.76
N GLY A 197 -2.66 28.83 44.07
CA GLY A 197 -3.13 27.90 43.08
C GLY A 197 -3.41 28.55 41.74
N GLU A 198 -2.38 29.16 41.14
CA GLU A 198 -2.51 29.77 39.83
C GLU A 198 -2.09 28.77 38.75
N GLU A 199 -2.99 28.53 37.80
CA GLU A 199 -2.68 27.68 36.64
C GLU A 199 -3.29 28.34 35.40
N THR A 200 -2.43 28.97 34.59
CA THR A 200 -2.86 29.62 33.37
C THR A 200 -1.64 29.84 32.49
N ILE A 201 -1.86 29.75 31.18
CA ILE A 201 -0.78 29.95 30.20
C ILE A 201 -1.43 30.24 28.86
N GLU A 202 -0.74 31.05 28.05
CA GLU A 202 -1.18 31.39 26.71
C GLU A 202 -0.16 30.87 25.72
N GLU A 203 -0.62 30.14 24.71
CA GLU A 203 0.29 29.58 23.71
C GLU A 203 0.71 30.68 22.75
N ARG A 204 2.02 30.77 22.50
CA ARG A 204 2.60 31.84 21.70
C ARG A 204 3.37 31.22 20.54
N PHE A 205 2.92 31.50 19.32
CA PHE A 205 3.56 31.03 18.10
C PHE A 205 3.80 32.28 17.24
N GLU A 206 4.94 32.92 17.44
CA GLU A 206 5.23 34.22 16.84
C GLU A 206 6.12 34.06 15.63
N ILE A 207 5.70 34.66 14.51
CA ILE A 207 6.52 34.73 13.31
C ILE A 207 7.42 35.95 13.41
N THR A 208 8.73 35.72 13.37
CA THR A 208 9.69 36.81 13.51
C THR A 208 11.00 36.40 12.86
N GLY A 209 11.86 37.38 12.64
CA GLY A 209 13.14 37.11 12.02
C GLY A 209 13.00 36.76 10.55
N THR A 210 13.90 35.91 10.07
CA THR A 210 13.92 35.56 8.65
C THR A 210 12.57 35.02 8.20
N MET A 211 11.96 34.15 9.01
CA MET A 211 10.70 33.55 8.61
C MET A 211 9.61 34.60 8.39
N ARG A 212 9.71 35.75 9.05
CA ARG A 212 8.76 36.82 8.78
C ARG A 212 8.98 37.42 7.39
N ARG A 213 10.23 37.65 7.02
CA ARG A 213 10.52 38.21 5.71
C ARG A 213 10.03 37.29 4.60
N LEU A 214 10.22 35.98 4.76
CA LEU A 214 9.66 35.04 3.80
C LEU A 214 8.15 35.20 3.68
N ALA A 215 7.47 35.46 4.80
CA ALA A 215 6.04 35.68 4.76
C ALA A 215 5.71 36.94 3.96
N ASP A 216 6.59 37.93 3.99
CA ASP A 216 6.38 39.16 3.23
C ASP A 216 6.62 38.97 1.74
N GLN A 217 7.21 37.86 1.32
CA GLN A 217 7.49 37.57 -0.08
C GLN A 217 6.63 36.44 -0.63
N SER A 218 5.55 36.09 0.08
CA SER A 218 4.64 35.04 -0.34
C SER A 218 3.21 35.56 -0.40
N LEU A 219 3.05 36.80 -0.84
CA LEU A 219 1.77 37.47 -0.96
C LEU A 219 1.45 37.77 -2.42
N PRO A 220 0.21 38.18 -2.71
CA PRO A 220 -0.11 38.61 -4.07
C PRO A 220 0.80 39.74 -4.52
N PRO A 221 0.80 40.06 -5.81
CA PRO A 221 1.83 40.98 -6.32
C PRO A 221 1.80 42.36 -5.67
N ASN A 222 0.63 42.87 -5.33
CA ASN A 222 0.48 44.25 -4.85
C ASN A 222 0.27 44.32 -3.35
N PHE A 223 0.93 43.47 -2.59
CA PHE A 223 0.90 43.51 -1.13
C PHE A 223 2.32 43.59 -0.60
N SER A 224 2.48 44.27 0.54
CA SER A 224 3.80 44.55 1.09
C SER A 224 4.13 43.80 2.37
N SER A 225 3.13 43.37 3.13
CA SER A 225 3.38 42.70 4.40
C SER A 225 2.24 41.74 4.70
N LEU A 226 2.56 40.69 5.47
CA LEU A 226 1.54 39.74 5.88
C LEU A 226 0.47 40.42 6.74
N GLU A 227 0.86 41.39 7.55
CA GLU A 227 -0.11 42.14 8.34
C GLU A 227 -1.16 42.79 7.44
N ASN A 228 -0.69 43.51 6.40
CA ASN A 228 -1.62 44.21 5.51
C ASN A 228 -2.51 43.22 4.77
N PHE A 229 -1.94 42.11 4.29
CA PHE A 229 -2.74 41.14 3.56
C PHE A 229 -3.79 40.51 4.45
N ARG A 230 -3.44 40.16 5.69
CA ARG A 230 -4.42 39.60 6.61
C ARG A 230 -5.50 40.62 6.94
N ALA A 231 -5.12 41.89 7.12
CA ALA A 231 -6.13 42.93 7.36
C ALA A 231 -7.08 43.03 6.17
N TYR A 232 -6.54 43.01 4.95
CA TYR A 232 -7.38 43.06 3.76
C TYR A 232 -8.32 41.86 3.69
N VAL A 233 -7.81 40.67 4.00
CA VAL A 233 -8.64 39.47 3.96
C VAL A 233 -9.77 39.58 4.98
N ASP A 234 -9.44 40.00 6.20
CA ASP A 234 -10.46 40.16 7.23
C ASP A 234 -11.51 41.19 6.83
N GLY A 235 -11.09 42.27 6.17
CA GLY A 235 -12.00 43.27 5.68
C GLY A 235 -12.66 42.96 4.36
N PHE A 236 -12.29 41.85 3.72
CA PHE A 236 -12.86 41.49 2.43
C PHE A 236 -14.25 40.89 2.60
N GLU A 237 -15.17 41.29 1.71
CA GLU A 237 -16.50 40.73 1.66
C GLU A 237 -16.88 40.57 0.19
N PRO A 238 -17.72 39.58 -0.14
CA PRO A 238 -18.06 39.37 -1.55
C PRO A 238 -18.90 40.52 -2.10
N ASN A 239 -18.44 41.09 -3.21
CA ASN A 239 -19.12 42.20 -3.86
C ASN A 239 -19.16 41.98 -5.37
N GLY A 240 -19.46 40.75 -5.79
CA GLY A 240 -19.56 40.44 -7.20
C GLY A 240 -18.29 40.72 -7.98
N TYR A 241 -17.20 40.05 -7.60
CA TYR A 241 -15.93 40.18 -8.31
C TYR A 241 -15.71 39.11 -9.35
N ILE A 242 -16.28 37.91 -9.16
CA ILE A 242 -16.16 36.88 -10.18
C ILE A 242 -16.92 37.30 -11.44
N GLU A 243 -18.07 37.94 -11.28
CA GLU A 243 -18.86 38.37 -12.43
C GLU A 243 -18.10 39.40 -13.25
N GLY A 244 -17.44 40.35 -12.59
CA GLY A 244 -16.72 41.39 -13.32
C GLY A 244 -15.62 40.82 -14.18
N LYS A 245 -14.81 39.92 -13.62
CA LYS A 245 -13.73 39.32 -14.39
C LYS A 245 -14.26 38.36 -15.46
N LEU A 246 -15.36 37.67 -15.18
CA LEU A 246 -15.97 36.82 -16.20
C LEU A 246 -16.42 37.66 -17.39
N SER A 247 -17.03 38.82 -17.12
CA SER A 247 -17.42 39.71 -18.21
C SER A 247 -16.21 40.28 -18.93
N GLN A 248 -15.15 40.64 -18.19
CA GLN A 248 -13.96 41.22 -18.82
C GLN A 248 -13.12 40.17 -19.53
N MET A 249 -13.14 38.92 -19.05
CA MET A 249 -12.31 37.89 -19.65
C MET A 249 -12.70 37.68 -21.11
N SER A 250 -11.70 37.40 -21.94
CA SER A 250 -11.94 37.20 -23.37
C SER A 250 -12.90 36.03 -23.59
N LYS A 251 -13.77 36.18 -24.58
CA LYS A 251 -14.75 35.15 -24.88
C LYS A 251 -14.16 33.95 -25.60
N GLU A 252 -12.93 34.05 -26.10
CA GLU A 252 -12.27 32.89 -26.71
C GLU A 252 -11.98 31.80 -25.70
N VAL A 253 -12.04 32.11 -24.40
CA VAL A 253 -11.88 31.11 -23.34
C VAL A 253 -13.24 30.43 -23.17
N ASN A 254 -13.44 29.32 -23.87
CA ASN A 254 -14.73 28.63 -23.86
C ASN A 254 -14.49 27.13 -23.88
N ALA A 255 -15.55 26.38 -23.60
CA ALA A 255 -15.55 24.92 -23.60
C ALA A 255 -16.64 24.40 -24.52
N ARG A 256 -16.68 24.93 -25.73
CA ARG A 256 -17.75 24.58 -26.67
C ARG A 256 -17.78 23.08 -26.90
N ILE A 257 -18.98 22.53 -26.96
CA ILE A 257 -19.20 21.10 -27.11
C ILE A 257 -19.33 20.78 -28.59
N GLU A 258 -18.46 19.91 -29.09
CA GLU A 258 -18.54 19.45 -30.47
C GLU A 258 -19.40 18.19 -30.53
N PRO A 259 -20.52 18.19 -31.25
CA PRO A 259 -21.35 16.98 -31.31
C PRO A 259 -20.56 15.79 -31.86
N PHE A 260 -20.85 14.61 -31.29
CA PHE A 260 -20.21 13.37 -31.71
C PHE A 260 -21.26 12.52 -32.43
N LEU A 261 -21.11 12.39 -33.74
CA LEU A 261 -22.05 11.67 -34.58
C LEU A 261 -21.39 10.43 -35.17
N LYS A 262 -22.17 9.68 -35.95
CA LYS A 262 -21.65 8.48 -36.58
C LYS A 262 -20.50 8.78 -37.54
N THR A 263 -20.58 9.91 -38.23
CA THR A 263 -19.57 10.29 -39.22
C THR A 263 -18.38 11.01 -38.62
N THR A 264 -18.38 11.28 -37.32
CA THR A 264 -17.32 12.03 -36.68
C THR A 264 -16.06 11.19 -36.49
N PRO A 265 -16.14 10.03 -35.84
CA PRO A 265 -14.90 9.29 -35.54
C PRO A 265 -14.25 8.75 -36.79
N ARG A 266 -12.94 8.94 -36.90
CA ARG A 266 -12.14 8.45 -37.99
C ARG A 266 -11.27 7.28 -37.55
N PRO A 267 -10.90 6.37 -38.45
CA PRO A 267 -10.08 5.24 -38.05
C PRO A 267 -8.73 5.68 -37.53
N LEU A 268 -8.24 4.96 -36.52
CA LEU A 268 -6.93 5.27 -35.95
C LEU A 268 -5.84 4.93 -36.95
N ARG A 269 -4.91 5.86 -37.15
CA ARG A 269 -3.82 5.64 -38.09
C ARG A 269 -2.74 4.78 -37.44
N LEU A 270 -2.25 3.80 -38.19
CA LEU A 270 -1.19 2.93 -37.68
C LEU A 270 0.16 3.37 -38.23
N PRO A 271 1.24 3.22 -37.47
CA PRO A 271 2.56 3.62 -37.96
C PRO A 271 3.00 2.77 -39.13
N ASP A 272 3.83 3.37 -39.98
CA ASP A 272 4.36 2.70 -41.16
C ASP A 272 5.87 2.53 -41.01
N GLY A 273 6.37 1.40 -41.50
CA GLY A 273 7.77 1.08 -41.41
C GLY A 273 8.03 -0.39 -41.66
N PRO A 274 9.20 -0.89 -41.27
CA PRO A 274 9.49 -2.30 -41.45
C PRO A 274 8.51 -3.15 -40.65
N PRO A 275 8.20 -4.35 -41.13
CA PRO A 275 7.22 -5.18 -40.41
C PRO A 275 7.62 -5.42 -38.97
N CYS A 276 6.62 -5.76 -38.16
CA CYS A 276 6.85 -6.02 -36.74
C CYS A 276 7.43 -7.41 -36.53
N SER A 277 8.33 -7.51 -35.56
CA SER A 277 9.05 -8.75 -35.28
C SER A 277 8.47 -9.44 -34.05
N GLN A 278 9.01 -10.62 -33.75
CA GLN A 278 8.56 -11.41 -32.61
C GLN A 278 9.32 -10.97 -31.36
N ARG A 279 8.59 -10.84 -30.25
CA ARG A 279 9.17 -10.40 -28.99
C ARG A 279 9.04 -11.41 -27.87
N SER A 280 8.27 -12.48 -28.05
CA SER A 280 8.03 -13.44 -26.98
C SER A 280 9.34 -14.08 -26.53
N LYS A 281 9.35 -14.60 -25.30
CA LYS A 281 10.51 -15.29 -24.75
C LYS A 281 10.55 -16.76 -25.16
N PHE A 282 9.54 -17.24 -25.87
CA PHE A 282 9.51 -18.62 -26.35
C PHE A 282 8.56 -18.71 -27.53
N LEU A 283 8.71 -19.76 -28.32
CA LEU A 283 7.81 -19.99 -29.43
C LEU A 283 6.42 -20.33 -28.93
N LEU A 284 5.41 -19.72 -29.55
CA LEU A 284 4.01 -19.95 -29.17
C LEU A 284 3.27 -20.78 -30.20
N MET A 285 3.29 -20.38 -31.46
CA MET A 285 2.56 -21.08 -32.50
C MET A 285 3.38 -22.15 -33.19
N ASP A 286 4.71 -22.08 -33.12
CA ASP A 286 5.60 -22.97 -33.84
C ASP A 286 6.36 -23.92 -32.93
N ALA A 287 5.82 -24.20 -31.74
CA ALA A 287 6.48 -25.07 -30.79
C ALA A 287 6.31 -26.53 -31.21
N LEU A 288 7.27 -27.36 -30.80
CA LEU A 288 7.21 -28.79 -31.02
C LEU A 288 7.52 -29.50 -29.70
N LYS A 289 6.91 -30.67 -29.53
CA LYS A 289 6.92 -31.38 -28.25
C LYS A 289 7.50 -32.78 -28.43
N LEU A 290 8.54 -33.09 -27.66
CA LEU A 290 9.06 -34.44 -27.54
C LEU A 290 8.60 -35.01 -26.21
N SER A 291 8.04 -36.22 -26.23
CA SER A 291 7.30 -36.74 -25.10
C SER A 291 7.78 -38.13 -24.71
N ILE A 292 7.41 -38.52 -23.50
CA ILE A 292 7.79 -39.82 -22.95
C ILE A 292 6.60 -40.62 -22.45
N GLU A 293 5.47 -39.99 -22.12
CA GLU A 293 4.29 -40.69 -21.62
C GLU A 293 4.53 -41.26 -20.23
N ASP A 294 5.18 -40.48 -19.36
CA ASP A 294 5.46 -40.89 -18.00
C ASP A 294 4.28 -40.56 -17.10
N PRO A 295 4.20 -41.18 -15.92
CA PRO A 295 3.10 -40.91 -14.99
C PRO A 295 3.35 -39.79 -13.99
N SER A 296 4.45 -39.05 -14.12
CA SER A 296 4.79 -38.02 -13.14
C SER A 296 3.90 -36.79 -13.33
N HIS A 297 3.76 -36.03 -12.24
CA HIS A 297 2.96 -34.81 -12.24
C HIS A 297 3.84 -33.61 -12.60
N GLU A 298 3.21 -32.43 -12.68
CA GLU A 298 3.89 -31.24 -13.19
C GLU A 298 5.22 -31.01 -12.49
N GLY A 299 5.17 -30.76 -11.18
CA GLY A 299 6.40 -30.51 -10.44
C GLY A 299 7.19 -31.76 -10.14
N GLU A 300 6.53 -32.92 -10.15
CA GLU A 300 7.20 -34.17 -9.83
C GLU A 300 8.21 -34.52 -10.90
N GLY A 301 9.39 -34.94 -10.48
CA GLY A 301 10.43 -35.40 -11.37
C GLY A 301 11.67 -34.56 -11.29
N ILE A 302 12.66 -34.93 -12.09
CA ILE A 302 13.94 -34.24 -12.17
C ILE A 302 14.08 -33.71 -13.60
N PRO A 303 14.44 -32.44 -13.81
CA PRO A 303 14.36 -31.88 -15.17
C PRO A 303 15.30 -32.55 -16.16
N LEU A 304 16.59 -32.67 -15.84
CA LEU A 304 17.57 -33.08 -16.84
C LEU A 304 17.28 -34.49 -17.34
N TYR A 305 16.97 -35.42 -16.43
CA TYR A 305 16.70 -36.79 -16.86
C TYR A 305 15.48 -36.85 -17.75
N ASP A 306 14.42 -36.12 -17.39
CA ASP A 306 13.22 -36.09 -18.22
C ASP A 306 13.54 -35.54 -19.60
N ALA A 307 14.32 -34.46 -19.67
CA ALA A 307 14.67 -33.88 -20.96
C ALA A 307 15.46 -34.85 -21.82
N ILE A 308 16.45 -35.52 -21.22
CA ILE A 308 17.25 -36.47 -21.97
C ILE A 308 16.40 -37.64 -22.45
N LYS A 309 15.52 -38.15 -21.59
CA LYS A 309 14.66 -39.26 -21.97
C LYS A 309 13.73 -38.85 -23.11
N CYS A 310 13.18 -37.64 -23.05
CA CYS A 310 12.32 -37.17 -24.13
C CYS A 310 13.10 -37.04 -25.43
N MET A 311 14.32 -36.51 -25.35
CA MET A 311 15.09 -36.30 -26.57
C MET A 311 15.54 -37.62 -27.19
N ARG A 312 15.84 -38.63 -26.37
CA ARG A 312 16.17 -39.96 -26.90
C ARG A 312 14.99 -40.62 -27.59
N THR A 313 13.77 -40.16 -27.35
CA THR A 313 12.59 -40.70 -28.01
C THR A 313 12.53 -40.36 -29.49
N PHE A 314 13.33 -39.40 -29.94
CA PHE A 314 13.34 -38.96 -31.34
C PHE A 314 14.59 -39.48 -32.03
N PHE A 315 14.41 -40.03 -33.23
CA PHE A 315 15.50 -40.52 -34.05
C PHE A 315 15.50 -39.82 -35.39
N GLY A 316 16.69 -39.52 -35.92
CA GLY A 316 16.82 -38.82 -37.17
C GLY A 316 17.70 -37.59 -37.06
N TRP A 317 18.51 -37.54 -36.00
CA TRP A 317 19.41 -36.40 -35.80
C TRP A 317 20.38 -36.27 -36.97
N LYS A 318 20.60 -35.04 -37.40
CA LYS A 318 21.56 -34.72 -38.43
C LYS A 318 22.54 -33.68 -37.91
N GLU A 319 23.71 -33.60 -38.55
CA GLU A 319 24.67 -32.58 -38.18
C GLU A 319 24.05 -31.21 -38.43
N PRO A 320 23.99 -30.33 -37.43
CA PRO A 320 23.29 -29.06 -37.63
C PRO A 320 24.02 -28.15 -38.59
N ASN A 321 23.25 -27.36 -39.32
CA ASN A 321 23.78 -26.40 -40.27
C ASN A 321 22.89 -25.16 -40.28
N VAL A 322 23.47 -24.05 -40.74
CA VAL A 322 22.74 -22.78 -40.74
C VAL A 322 21.68 -22.80 -41.84
N VAL A 323 20.47 -22.34 -41.48
CA VAL A 323 19.38 -22.21 -42.43
C VAL A 323 19.06 -20.73 -42.60
N LYS A 324 18.73 -20.07 -41.49
CA LYS A 324 18.45 -18.64 -41.51
C LYS A 324 19.32 -17.94 -40.49
N PRO A 325 20.23 -17.05 -40.89
CA PRO A 325 21.14 -16.42 -39.93
C PRO A 325 20.43 -15.36 -39.09
N HIS A 326 21.10 -15.01 -37.99
CA HIS A 326 20.58 -13.96 -37.11
C HIS A 326 20.52 -12.61 -37.81
N GLU A 327 21.38 -12.40 -38.80
CA GLU A 327 21.51 -11.18 -39.59
C GLU A 327 22.23 -10.08 -38.82
N LYS A 328 22.50 -10.26 -37.53
CA LYS A 328 23.27 -9.29 -36.76
C LYS A 328 24.29 -9.91 -35.82
N GLY A 329 24.24 -11.22 -35.56
CA GLY A 329 25.15 -11.89 -34.68
C GLY A 329 26.10 -12.81 -35.41
N ILE A 330 26.66 -13.75 -34.66
CA ILE A 330 27.62 -14.72 -35.19
C ILE A 330 26.94 -16.08 -35.08
N ASN A 331 26.30 -16.52 -36.17
CA ASN A 331 25.57 -17.78 -36.15
C ASN A 331 26.46 -18.97 -35.81
N PRO A 332 27.71 -19.06 -36.26
CA PRO A 332 28.55 -20.18 -35.82
C PRO A 332 28.60 -20.34 -34.32
N ASN A 333 28.53 -19.24 -33.57
CA ASN A 333 28.46 -19.36 -32.12
C ASN A 333 27.21 -20.11 -31.68
N TYR A 334 26.07 -19.81 -32.31
CA TYR A 334 24.84 -20.54 -31.98
C TYR A 334 24.98 -22.02 -32.32
N LEU A 335 25.56 -22.33 -33.49
CA LEU A 335 25.76 -23.72 -33.87
C LEU A 335 26.62 -24.45 -32.84
N LEU A 336 27.74 -23.83 -32.46
CA LEU A 336 28.64 -24.45 -31.50
C LEU A 336 27.97 -24.59 -30.15
N ALA A 337 27.14 -23.62 -29.77
CA ALA A 337 26.42 -23.72 -28.50
C ALA A 337 25.46 -24.90 -28.51
N TRP A 338 24.75 -25.10 -29.63
CA TRP A 338 23.85 -26.24 -29.72
C TRP A 338 24.60 -27.55 -29.60
N LYS A 339 25.71 -27.68 -30.33
CA LYS A 339 26.49 -28.91 -30.24
C LYS A 339 27.07 -29.11 -28.84
N GLN A 340 27.48 -28.02 -28.18
CA GLN A 340 27.96 -28.10 -26.81
C GLN A 340 26.86 -28.59 -25.87
N VAL A 341 25.64 -28.08 -26.03
CA VAL A 341 24.54 -28.52 -25.20
C VAL A 341 24.31 -30.02 -25.39
N LEU A 342 24.31 -30.49 -26.64
CA LEU A 342 24.13 -31.91 -26.89
C LEU A 342 25.24 -32.73 -26.23
N ALA A 343 26.49 -32.30 -26.39
CA ALA A 343 27.61 -33.03 -25.84
C ALA A 343 27.51 -33.13 -24.32
N GLU A 344 27.19 -32.02 -23.66
CA GLU A 344 27.12 -32.05 -22.20
C GLU A 344 25.90 -32.81 -21.71
N LEU A 345 24.82 -32.82 -22.50
CA LEU A 345 23.68 -33.67 -22.16
C LEU A 345 24.10 -35.14 -22.17
N GLN A 346 24.86 -35.55 -23.19
CA GLN A 346 25.38 -36.91 -23.19
C GLN A 346 26.30 -37.15 -22.00
N ASP A 347 27.14 -36.16 -21.68
CA ASP A 347 28.04 -36.29 -20.53
C ASP A 347 27.27 -36.57 -19.25
N ILE A 348 26.14 -35.90 -19.07
CA ILE A 348 25.29 -36.21 -17.92
C ILE A 348 24.70 -37.60 -18.04
N GLU A 349 24.27 -37.97 -19.25
CA GLU A 349 23.68 -39.30 -19.42
C GLU A 349 24.64 -40.39 -18.98
N ASN A 350 25.94 -40.19 -19.18
CA ASN A 350 26.90 -41.25 -18.89
C ASN A 350 27.03 -41.50 -17.38
N GLU A 351 27.12 -40.44 -16.58
CA GLU A 351 27.51 -40.56 -15.19
C GLU A 351 26.40 -41.20 -14.35
N GLU A 352 26.67 -41.33 -13.06
CA GLU A 352 25.87 -42.18 -12.15
C GLU A 352 24.43 -41.71 -12.02
N LYS A 353 24.21 -40.53 -11.43
CA LYS A 353 22.87 -40.00 -11.21
C LYS A 353 22.76 -38.61 -11.81
N ILE A 354 21.69 -38.38 -12.56
CA ILE A 354 21.49 -37.12 -13.27
C ILE A 354 21.45 -36.01 -12.23
N PRO A 355 22.28 -34.98 -12.32
CA PRO A 355 22.20 -33.89 -11.34
C PRO A 355 20.88 -33.14 -11.46
N LYS A 356 20.40 -32.64 -10.33
CA LYS A 356 19.15 -31.87 -10.34
C LYS A 356 19.29 -30.61 -11.17
N THR A 357 20.44 -29.93 -11.08
CA THR A 357 20.72 -28.73 -11.86
C THR A 357 22.15 -28.81 -12.35
N LYS A 358 22.36 -28.49 -13.62
CA LYS A 358 23.69 -28.56 -14.22
C LYS A 358 24.21 -27.17 -14.57
N ASN A 359 25.51 -26.99 -14.37
CA ASN A 359 26.22 -25.81 -14.81
C ASN A 359 27.04 -26.13 -16.06
N MET A 360 27.07 -25.19 -16.99
CA MET A 360 27.80 -25.35 -18.24
C MET A 360 29.11 -24.59 -18.21
N LYS A 361 30.00 -24.97 -19.11
CA LYS A 361 31.29 -24.30 -19.24
C LYS A 361 31.11 -22.92 -19.88
N LYS A 362 31.97 -21.99 -19.46
CA LYS A 362 31.90 -20.61 -19.96
C LYS A 362 32.87 -20.44 -21.13
N THR A 363 32.48 -20.99 -22.27
CA THR A 363 33.27 -20.84 -23.48
C THR A 363 32.99 -19.49 -24.14
N SER A 364 33.89 -19.09 -25.03
CA SER A 364 33.72 -17.83 -25.75
C SER A 364 32.38 -17.79 -26.47
N GLN A 365 31.90 -18.94 -26.92
CA GLN A 365 30.63 -19.01 -27.65
C GLN A 365 29.51 -18.39 -26.82
N LEU A 366 29.27 -18.95 -25.64
CA LEU A 366 28.21 -18.42 -24.78
C LEU A 366 28.62 -17.13 -24.08
N LYS A 367 29.92 -16.85 -24.00
CA LYS A 367 30.34 -15.53 -23.53
C LYS A 367 29.82 -14.44 -24.45
N TRP A 368 29.90 -14.66 -25.76
CA TRP A 368 29.31 -13.71 -26.71
C TRP A 368 27.79 -13.81 -26.72
N ALA A 369 27.25 -15.03 -26.73
CA ALA A 369 25.81 -15.19 -26.81
C ALA A 369 25.08 -14.63 -25.59
N LEU A 370 25.71 -14.69 -24.42
CA LEU A 370 25.10 -14.20 -23.19
C LEU A 370 25.53 -12.77 -22.85
N GLY A 371 26.32 -12.12 -23.71
CA GLY A 371 26.74 -10.77 -23.45
C GLY A 371 27.50 -10.62 -22.15
N GLU A 372 28.70 -11.18 -22.09
CA GLU A 372 29.54 -11.16 -20.91
C GLU A 372 30.69 -10.20 -21.10
N ASN A 373 30.99 -9.42 -20.07
CA ASN A 373 32.08 -8.45 -20.10
C ASN A 373 31.87 -7.41 -21.19
N MET A 374 30.62 -7.05 -21.45
CA MET A 374 30.30 -6.03 -22.44
C MET A 374 29.80 -4.74 -21.83
N ALA A 375 29.39 -4.75 -20.56
CA ALA A 375 29.01 -3.51 -19.90
C ALA A 375 30.22 -2.59 -19.79
N PRO A 376 30.12 -1.33 -20.22
CA PRO A 376 31.28 -0.44 -20.08
C PRO A 376 31.68 -0.29 -18.62
N GLU A 377 32.99 -0.25 -18.39
CA GLU A 377 33.50 -0.11 -17.04
C GLU A 377 33.15 1.28 -16.48
N LYS A 378 32.72 1.30 -15.22
CA LYS A 378 32.31 2.55 -14.60
C LYS A 378 33.52 3.32 -14.10
N VAL A 379 33.62 4.59 -14.46
CA VAL A 379 34.73 5.45 -14.10
C VAL A 379 34.17 6.78 -13.60
N ASP A 380 35.08 7.69 -13.28
CA ASP A 380 34.73 9.01 -12.77
C ASP A 380 34.77 10.05 -13.87
N PHE A 381 33.90 11.07 -13.75
CA PHE A 381 33.82 12.10 -14.78
C PHE A 381 35.11 12.89 -14.88
N ASP A 382 35.76 13.16 -13.76
CA ASP A 382 36.97 13.96 -13.77
C ASP A 382 38.09 13.31 -14.57
N ASP A 383 38.00 12.01 -14.85
CA ASP A 383 39.02 11.30 -15.62
C ASP A 383 38.63 11.10 -17.08
N CYS A 384 37.36 11.33 -17.44
CA CYS A 384 36.90 11.18 -18.82
C CYS A 384 36.02 12.39 -19.16
N LYS A 385 36.66 13.46 -19.64
CA LYS A 385 35.93 14.66 -20.03
C LYS A 385 36.33 15.10 -21.43
N ASP A 386 37.56 14.78 -21.84
CA ASP A 386 38.07 15.17 -23.15
C ASP A 386 37.71 14.18 -24.25
N VAL A 387 37.00 13.09 -23.93
CA VAL A 387 36.62 12.10 -24.91
C VAL A 387 35.45 12.66 -25.72
N SER A 388 35.67 12.86 -27.02
CA SER A 388 34.64 13.46 -27.86
C SER A 388 33.39 12.59 -27.93
N ASP A 389 33.57 11.27 -28.00
CA ASP A 389 32.45 10.35 -28.12
C ASP A 389 31.61 10.28 -26.86
N LEU A 390 32.06 10.87 -25.76
CA LEU A 390 31.35 10.78 -24.50
C LEU A 390 30.07 11.63 -24.56
N LYS A 391 28.92 10.97 -24.38
CA LYS A 391 27.63 11.64 -24.48
C LYS A 391 26.61 10.85 -23.67
N GLN A 392 25.36 11.32 -23.69
CA GLN A 392 24.30 10.64 -22.97
C GLN A 392 23.97 9.29 -23.58
N TYR A 393 23.25 8.48 -22.81
CA TYR A 393 22.67 7.27 -23.36
C TYR A 393 21.62 7.62 -24.40
N ASP A 394 21.51 6.77 -25.42
CA ASP A 394 20.55 7.01 -26.51
C ASP A 394 19.15 7.01 -25.93
N SER A 395 18.49 8.17 -25.97
CA SER A 395 17.15 8.36 -25.41
C SER A 395 16.30 9.03 -26.49
N ASP A 396 15.57 8.22 -27.26
CA ASP A 396 14.70 8.72 -28.31
C ASP A 396 13.51 7.77 -28.46
N GLU A 397 12.54 8.20 -29.25
CA GLU A 397 11.37 7.38 -29.50
C GLU A 397 11.79 6.08 -30.18
N PRO A 398 11.22 4.94 -29.80
CA PRO A 398 11.61 3.67 -30.43
C PRO A 398 11.40 3.71 -31.93
N GLU A 399 12.02 2.75 -32.61
CA GLU A 399 11.88 2.64 -34.06
C GLU A 399 10.42 2.35 -34.41
N LEU A 400 9.96 2.93 -35.51
CA LEU A 400 8.60 2.70 -35.97
C LEU A 400 8.53 1.44 -36.81
N ARG A 401 7.49 0.64 -36.59
CA ARG A 401 7.30 -0.60 -37.31
C ARG A 401 5.82 -0.80 -37.59
N SER A 402 5.51 -1.27 -38.80
CA SER A 402 4.13 -1.49 -39.21
C SER A 402 3.69 -2.90 -38.82
N LEU A 403 2.38 -3.06 -38.65
CA LEU A 403 1.82 -4.33 -38.26
C LEU A 403 1.97 -5.35 -39.39
N ALA A 404 2.12 -6.62 -39.01
CA ALA A 404 2.19 -7.73 -39.93
C ALA A 404 1.05 -8.70 -39.61
N SER A 405 0.79 -9.61 -40.56
CA SER A 405 -0.34 -10.52 -40.44
C SER A 405 -0.03 -11.74 -39.58
N TRP A 406 1.20 -11.91 -39.13
CA TRP A 406 1.54 -13.11 -38.37
C TRP A 406 0.97 -13.08 -36.95
N ILE A 407 0.90 -11.90 -36.33
CA ILE A 407 0.36 -11.81 -34.98
C ILE A 407 -1.13 -12.18 -34.98
N GLN A 408 -1.85 -11.80 -36.04
CA GLN A 408 -3.27 -12.14 -36.12
C GLN A 408 -3.46 -13.66 -36.16
N SER A 409 -2.68 -14.35 -37.00
CA SER A 409 -2.79 -15.80 -37.07
C SER A 409 -2.32 -16.45 -35.76
N GLU A 410 -1.30 -15.88 -35.13
CA GLU A 410 -0.83 -16.43 -33.86
C GLU A 410 -1.91 -16.35 -32.79
N PHE A 411 -2.62 -15.22 -32.72
CA PHE A 411 -3.73 -15.11 -31.80
C PHE A 411 -4.87 -16.05 -32.19
N ASN A 412 -5.12 -16.19 -33.50
CA ASN A 412 -6.16 -17.09 -33.96
C ASN A 412 -5.92 -18.51 -33.46
N LYS A 413 -4.69 -19.00 -33.64
CA LYS A 413 -4.37 -20.35 -33.21
C LYS A 413 -4.07 -20.45 -31.73
N ALA A 414 -3.96 -19.32 -31.03
CA ALA A 414 -3.84 -19.35 -29.57
C ALA A 414 -5.19 -19.56 -28.88
N CYS A 415 -6.30 -19.44 -29.62
CA CYS A 415 -7.63 -19.66 -29.07
C CYS A 415 -8.22 -20.99 -29.52
N GLU A 416 -7.43 -21.85 -30.14
CA GLU A 416 -7.92 -23.12 -30.67
C GLU A 416 -7.77 -24.22 -29.63
N LEU A 417 -8.64 -25.22 -29.74
CA LEU A 417 -8.60 -26.36 -28.83
C LEU A 417 -7.38 -27.22 -29.11
N THR A 418 -7.11 -28.16 -28.20
CA THR A 418 -5.96 -29.05 -28.30
C THR A 418 -6.38 -30.45 -27.89
N ASP A 419 -5.45 -31.39 -28.04
CA ASP A 419 -5.68 -32.79 -27.70
C ASP A 419 -5.10 -33.14 -26.32
N SER A 420 -5.08 -32.18 -25.40
CA SER A 420 -4.49 -32.41 -24.09
C SER A 420 -5.12 -31.45 -23.09
N SER A 421 -4.96 -31.77 -21.81
CA SER A 421 -5.40 -30.94 -20.71
C SER A 421 -4.16 -30.33 -20.06
N TRP A 422 -4.04 -29.01 -20.14
CA TRP A 422 -2.83 -28.31 -19.72
C TRP A 422 -2.97 -27.65 -18.35
N ILE A 423 -4.04 -27.95 -17.62
CA ILE A 423 -4.23 -27.43 -16.26
C ILE A 423 -4.62 -28.60 -15.37
N GLU A 424 -3.85 -28.79 -14.30
CA GLU A 424 -4.17 -29.78 -13.26
C GLU A 424 -4.34 -28.99 -11.96
N LEU A 425 -5.58 -28.67 -11.63
CA LEU A 425 -5.85 -27.75 -10.53
C LEU A 425 -5.62 -28.45 -9.19
N ASP A 426 -5.49 -27.62 -8.15
CA ASP A 426 -5.20 -28.12 -6.80
C ASP A 426 -6.50 -28.56 -6.13
N GLU A 427 -6.43 -28.80 -4.83
CA GLU A 427 -7.57 -29.27 -4.05
C GLU A 427 -8.22 -28.11 -3.29
N ILE A 428 -9.50 -28.26 -3.02
CA ILE A 428 -10.26 -27.29 -2.24
C ILE A 428 -11.08 -28.04 -1.20
N GLY A 429 -11.49 -27.33 -0.16
CA GLY A 429 -12.34 -27.91 0.85
C GLY A 429 -13.62 -28.46 0.24
N GLU A 430 -14.03 -29.63 0.69
CA GLU A 430 -15.22 -30.27 0.12
C GLU A 430 -16.42 -29.34 0.23
N ASP A 431 -17.14 -29.17 -0.87
CA ASP A 431 -18.25 -28.24 -0.90
C ASP A 431 -19.35 -28.67 0.07
N VAL A 432 -19.83 -27.73 0.88
CA VAL A 432 -20.85 -28.01 1.85
C VAL A 432 -22.14 -27.25 1.58
N ALA A 433 -22.08 -26.07 0.96
CA ALA A 433 -23.27 -25.28 0.70
C ALA A 433 -23.74 -25.46 -0.74
N PRO A 434 -25.04 -25.35 -1.01
CA PRO A 434 -25.49 -25.45 -2.40
C PRO A 434 -24.85 -24.44 -3.32
N ILE A 435 -24.60 -23.21 -2.83
CA ILE A 435 -23.92 -22.23 -3.64
C ILE A 435 -22.51 -22.72 -3.98
N GLU A 436 -21.86 -23.41 -3.05
CA GLU A 436 -20.55 -23.98 -3.34
C GLU A 436 -20.65 -25.05 -4.43
N HIS A 437 -21.72 -25.84 -4.42
CA HIS A 437 -21.93 -26.82 -5.49
C HIS A 437 -22.12 -26.13 -6.84
N ILE A 438 -22.90 -25.05 -6.87
CA ILE A 438 -23.07 -24.31 -8.11
C ILE A 438 -21.74 -23.77 -8.60
N ALA A 439 -20.96 -23.21 -7.68
CA ALA A 439 -19.65 -22.67 -8.04
C ALA A 439 -18.75 -23.76 -8.59
N SER A 440 -18.75 -24.93 -7.95
CA SER A 440 -17.91 -26.03 -8.40
C SER A 440 -18.33 -26.52 -9.78
N MET A 441 -19.64 -26.60 -10.04
CA MET A 441 -20.10 -27.02 -11.35
C MET A 441 -19.70 -26.01 -12.42
N ARG A 442 -19.88 -24.73 -12.13
CA ARG A 442 -19.43 -23.69 -13.07
C ARG A 442 -17.95 -23.82 -13.34
N ARG A 443 -17.15 -23.98 -12.28
CA ARG A 443 -15.70 -24.07 -12.41
C ARG A 443 -15.30 -25.29 -13.23
N ASN A 444 -15.98 -26.41 -13.02
CA ASN A 444 -15.71 -27.61 -13.81
C ASN A 444 -16.02 -27.36 -15.28
N TYR A 445 -17.14 -26.68 -15.57
CA TYR A 445 -17.45 -26.36 -16.95
C TYR A 445 -16.35 -25.50 -17.59
N PHE A 446 -15.93 -24.44 -16.89
CA PHE A 446 -14.89 -23.58 -17.48
C PHE A 446 -13.58 -24.34 -17.63
N THR A 447 -13.23 -25.19 -16.66
CA THR A 447 -11.99 -25.94 -16.79
C THR A 447 -12.06 -26.89 -17.99
N ALA A 448 -13.20 -27.55 -18.19
CA ALA A 448 -13.35 -28.38 -19.37
C ALA A 448 -13.22 -27.56 -20.65
N GLU A 449 -13.69 -26.31 -20.62
CA GLU A 449 -13.63 -25.48 -21.84
C GLU A 449 -12.21 -24.98 -22.11
N VAL A 450 -11.48 -24.58 -21.08
CA VAL A 450 -10.23 -23.84 -21.28
C VAL A 450 -8.99 -24.73 -21.16
N SER A 451 -9.09 -25.86 -20.47
CA SER A 451 -7.92 -26.72 -20.29
C SER A 451 -7.34 -27.13 -21.63
N HIS A 452 -8.19 -27.54 -22.57
CA HIS A 452 -7.75 -27.88 -23.93
C HIS A 452 -7.72 -26.60 -24.77
N CYS A 453 -6.73 -25.76 -24.45
CA CYS A 453 -6.56 -24.50 -25.15
C CYS A 453 -5.08 -24.15 -25.18
N ARG A 454 -4.62 -23.64 -26.32
CA ARG A 454 -3.21 -23.26 -26.44
C ARG A 454 -2.84 -22.15 -25.47
N ALA A 455 -3.82 -21.34 -25.05
CA ALA A 455 -3.54 -20.29 -24.08
C ALA A 455 -3.09 -20.88 -22.75
N THR A 456 -3.73 -21.96 -22.31
CA THR A 456 -3.31 -22.60 -21.06
C THR A 456 -1.92 -23.19 -21.20
N GLU A 457 -1.62 -23.79 -22.36
CA GLU A 457 -0.27 -24.33 -22.58
C GLU A 457 0.76 -23.22 -22.52
N TYR A 458 0.47 -22.07 -23.13
CA TYR A 458 1.38 -20.93 -23.05
C TYR A 458 1.53 -20.45 -21.62
N ILE A 459 0.43 -20.44 -20.86
CA ILE A 459 0.49 -20.02 -19.46
C ILE A 459 1.44 -20.92 -18.69
N MET A 460 1.27 -22.24 -18.83
CA MET A 460 2.14 -23.17 -18.12
C MET A 460 3.59 -23.04 -18.57
N LYS A 461 3.81 -22.91 -19.88
CA LYS A 461 5.18 -22.74 -20.39
C LYS A 461 5.84 -21.53 -19.76
N GLY A 462 5.15 -20.38 -19.81
CA GLY A 462 5.73 -19.16 -19.27
C GLY A 462 5.97 -19.26 -17.78
N VAL A 463 5.00 -19.79 -17.04
CA VAL A 463 5.14 -19.90 -15.60
C VAL A 463 6.35 -20.75 -15.25
N TYR A 464 6.45 -21.94 -15.86
CA TYR A 464 7.56 -22.83 -15.55
C TYR A 464 8.89 -22.21 -15.94
N ILE A 465 8.97 -21.64 -17.14
CA ILE A 465 10.24 -21.10 -17.63
C ILE A 465 10.69 -19.96 -16.73
N ASN A 466 9.78 -19.03 -16.41
CA ASN A 466 10.16 -17.90 -15.58
C ASN A 466 10.50 -18.31 -14.16
N THR A 467 9.77 -19.29 -13.60
CA THR A 467 10.10 -19.77 -12.26
C THR A 467 11.50 -20.37 -12.24
N ALA A 468 11.79 -21.25 -13.19
CA ALA A 468 13.12 -21.86 -13.23
C ALA A 468 14.20 -20.81 -13.44
N LEU A 469 13.95 -19.85 -14.32
CA LEU A 469 14.96 -18.83 -14.60
C LEU A 469 15.22 -17.97 -13.38
N LEU A 470 14.16 -17.56 -12.68
CA LEU A 470 14.34 -16.74 -11.48
C LEU A 470 15.07 -17.52 -10.39
N ASN A 471 14.68 -18.78 -10.17
CA ASN A 471 15.34 -19.57 -9.14
C ASN A 471 16.81 -19.78 -9.47
N ALA A 472 17.13 -20.09 -10.72
CA ALA A 472 18.52 -20.26 -11.12
C ALA A 472 19.31 -18.96 -10.98
N SER A 473 18.70 -17.84 -11.36
CA SER A 473 19.39 -16.56 -11.23
C SER A 473 19.68 -16.25 -9.78
N CYS A 474 18.73 -16.52 -8.88
CA CYS A 474 18.94 -16.22 -7.48
C CYS A 474 19.92 -17.20 -6.84
N ALA A 475 20.00 -18.43 -7.33
CA ALA A 475 20.88 -19.43 -6.74
C ALA A 475 22.27 -19.41 -7.39
N ALA A 476 22.33 -19.65 -8.71
CA ALA A 476 23.60 -19.68 -9.44
C ALA A 476 23.77 -18.34 -10.14
N MET A 477 24.16 -17.33 -9.37
CA MET A 477 24.30 -15.99 -9.91
C MET A 477 25.44 -15.90 -10.91
N ASP A 478 26.55 -16.61 -10.64
CA ASP A 478 27.76 -16.44 -11.42
C ASP A 478 27.82 -17.33 -12.65
N ASP A 479 27.38 -18.58 -12.56
CA ASP A 479 27.76 -19.60 -13.51
C ASP A 479 26.58 -19.93 -14.42
N PHE A 480 26.87 -20.12 -15.70
CA PHE A 480 25.83 -20.37 -16.69
C PHE A 480 25.14 -21.70 -16.39
N GLN A 481 23.81 -21.72 -16.50
CA GLN A 481 23.03 -22.88 -16.10
C GLN A 481 22.13 -23.35 -17.23
N LEU A 482 21.97 -24.68 -17.34
CA LEU A 482 21.12 -25.33 -18.33
C LEU A 482 19.77 -25.65 -17.70
N ILE A 483 18.69 -25.31 -18.41
CA ILE A 483 17.34 -25.59 -17.94
C ILE A 483 16.49 -26.08 -19.10
N PRO A 484 16.04 -27.33 -19.12
CA PRO A 484 15.19 -27.79 -20.24
C PRO A 484 13.76 -27.31 -20.08
N MET A 485 13.19 -26.79 -21.16
CA MET A 485 11.79 -26.37 -21.16
C MET A 485 10.90 -27.60 -21.05
N ILE A 486 10.21 -27.74 -19.92
CA ILE A 486 9.39 -28.91 -19.65
C ILE A 486 7.96 -28.46 -19.35
N SER A 487 7.01 -29.22 -19.91
CA SER A 487 5.60 -29.00 -19.59
C SER A 487 4.89 -30.34 -19.62
N LYS A 488 4.12 -30.63 -18.58
CA LYS A 488 3.46 -31.92 -18.45
C LYS A 488 1.96 -31.78 -18.63
N CYS A 489 1.40 -32.60 -19.51
CA CYS A 489 -0.01 -32.60 -19.87
C CYS A 489 -0.61 -33.97 -19.64
N ARG A 490 -1.89 -34.10 -19.97
CA ARG A 490 -2.61 -35.36 -19.85
C ARG A 490 -3.40 -35.59 -21.13
N THR A 491 -3.26 -36.78 -21.71
CA THR A 491 -3.89 -37.08 -22.99
C THR A 491 -5.38 -37.33 -22.80
N LYS A 492 -6.08 -37.45 -23.93
CA LYS A 492 -7.50 -37.80 -23.90
C LYS A 492 -7.71 -39.16 -23.25
N GLU A 493 -6.82 -40.12 -23.55
CA GLU A 493 -6.91 -41.44 -22.95
C GLU A 493 -6.72 -41.39 -21.44
N GLY A 494 -6.16 -40.30 -20.91
CA GLY A 494 -5.91 -40.15 -19.49
C GLY A 494 -4.48 -40.37 -19.08
N ARG A 495 -3.63 -40.88 -19.97
CA ARG A 495 -2.24 -41.12 -19.63
C ARG A 495 -1.50 -39.79 -19.52
N ARG A 496 -0.74 -39.62 -18.43
CA ARG A 496 0.05 -38.41 -18.26
C ARG A 496 1.25 -38.43 -19.21
N LYS A 497 1.75 -37.25 -19.54
CA LYS A 497 2.78 -37.11 -20.54
C LYS A 497 3.63 -35.89 -20.23
N THR A 498 4.91 -35.97 -20.59
CA THR A 498 5.83 -34.85 -20.49
C THR A 498 6.17 -34.35 -21.89
N ASN A 499 6.56 -33.08 -21.98
CA ASN A 499 6.87 -32.46 -23.25
C ASN A 499 8.08 -31.56 -23.07
N LEU A 500 9.04 -31.69 -23.99
CA LEU A 500 10.30 -30.95 -23.97
C LEU A 500 10.36 -30.06 -25.21
N TYR A 501 10.13 -28.76 -25.03
CA TYR A 501 10.21 -27.83 -26.15
C TYR A 501 11.66 -27.54 -26.54
N GLY A 502 12.55 -27.43 -25.57
CA GLY A 502 13.94 -27.13 -25.86
C GLY A 502 14.76 -26.87 -24.62
N PHE A 503 15.64 -25.87 -24.68
CA PHE A 503 16.55 -25.59 -23.58
C PHE A 503 16.74 -24.08 -23.45
N ILE A 504 17.10 -23.67 -22.23
CA ILE A 504 17.43 -22.29 -21.91
C ILE A 504 18.77 -22.29 -21.17
N ILE A 505 19.70 -21.47 -21.61
CA ILE A 505 20.96 -21.27 -20.92
C ILE A 505 20.92 -19.89 -20.28
N LYS A 506 20.87 -19.89 -18.95
CA LYS A 506 20.89 -18.64 -18.19
C LYS A 506 22.33 -18.22 -17.93
N GLY A 507 22.59 -16.93 -18.07
CA GLY A 507 23.91 -16.37 -17.86
C GLY A 507 24.01 -15.63 -16.53
N ARG A 508 25.08 -14.83 -16.41
CA ARG A 508 25.30 -14.07 -15.19
C ARG A 508 24.07 -13.24 -14.87
N SER A 509 23.60 -13.33 -13.63
CA SER A 509 22.34 -12.74 -13.20
C SER A 509 22.50 -12.00 -11.88
N HIS A 510 23.55 -11.19 -11.77
CA HIS A 510 23.75 -10.35 -10.59
C HIS A 510 22.80 -9.15 -10.68
N LEU A 511 21.53 -9.44 -10.40
CA LEU A 511 20.45 -8.47 -10.57
C LEU A 511 20.25 -7.72 -9.26
N ARG A 512 20.55 -6.42 -9.26
CA ARG A 512 20.34 -5.58 -8.10
C ARG A 512 19.00 -4.84 -8.17
N ASN A 513 18.82 -4.04 -9.21
CA ASN A 513 17.57 -3.31 -9.39
C ASN A 513 16.52 -4.20 -10.06
N ASP A 514 15.26 -3.81 -9.89
CA ASP A 514 14.17 -4.56 -10.53
C ASP A 514 14.23 -4.47 -12.05
N THR A 515 14.99 -3.52 -12.60
CA THR A 515 15.10 -3.35 -14.04
C THR A 515 16.38 -3.97 -14.61
N ASP A 516 17.31 -4.41 -13.76
CA ASP A 516 18.52 -5.04 -14.26
C ASP A 516 18.17 -6.27 -15.08
N VAL A 517 18.95 -6.52 -16.12
CA VAL A 517 18.62 -7.51 -17.14
C VAL A 517 19.52 -8.73 -16.97
N VAL A 518 18.90 -9.90 -16.94
CA VAL A 518 19.60 -11.18 -17.04
C VAL A 518 19.42 -11.69 -18.46
N ASN A 519 20.54 -11.99 -19.11
CA ASN A 519 20.53 -12.49 -20.48
C ASN A 519 20.62 -14.00 -20.48
N PHE A 520 19.86 -14.62 -21.38
CA PHE A 520 19.93 -16.06 -21.59
C PHE A 520 19.81 -16.32 -23.09
N VAL A 521 20.09 -17.56 -23.48
CA VAL A 521 19.94 -18.00 -24.85
C VAL A 521 18.96 -19.16 -24.88
N SER A 522 17.95 -19.06 -25.74
CA SER A 522 16.87 -20.03 -25.82
C SER A 522 16.95 -20.79 -27.13
N MET A 523 16.79 -22.12 -27.03
CA MET A 523 16.79 -23.02 -28.18
C MET A 523 15.49 -23.81 -28.14
N GLU A 524 14.77 -23.85 -29.26
CA GLU A 524 13.49 -24.56 -29.30
C GLU A 524 13.33 -25.29 -30.62
N PHE A 525 12.88 -26.54 -30.54
CA PHE A 525 12.60 -27.32 -31.73
C PHE A 525 11.33 -26.82 -32.40
N SER A 526 11.25 -27.00 -33.71
CA SER A 526 10.05 -26.61 -34.44
C SER A 526 10.09 -27.29 -35.81
N LEU A 527 8.95 -27.24 -36.50
CA LEU A 527 8.84 -27.70 -37.87
C LEU A 527 8.51 -26.58 -38.85
N THR A 528 8.18 -25.39 -38.37
CA THR A 528 7.81 -24.29 -39.24
C THR A 528 9.03 -23.75 -39.95
N ASP A 529 9.03 -23.80 -41.27
CA ASP A 529 10.16 -23.28 -42.03
C ASP A 529 10.23 -21.77 -41.89
N PRO A 530 11.38 -21.21 -41.51
CA PRO A 530 11.49 -19.75 -41.38
C PRO A 530 11.69 -18.99 -42.68
N ARG A 531 11.64 -19.68 -43.83
CA ARG A 531 11.82 -19.05 -45.11
C ARG A 531 10.54 -18.46 -45.69
N LEU A 532 9.43 -18.58 -44.97
CA LEU A 532 8.14 -18.07 -45.45
C LEU A 532 7.74 -16.76 -44.80
N GLU A 533 8.11 -16.52 -43.54
CA GLU A 533 7.83 -15.26 -42.85
C GLU A 533 9.10 -14.77 -42.18
N PRO A 534 10.13 -14.45 -42.97
CA PRO A 534 11.42 -14.08 -42.36
C PRO A 534 11.35 -12.86 -41.46
N HIS A 535 10.50 -11.88 -41.81
CA HIS A 535 10.44 -10.65 -41.03
C HIS A 535 9.97 -10.89 -39.59
N LYS A 536 9.31 -12.01 -39.32
CA LYS A 536 8.87 -12.31 -37.98
C LYS A 536 10.01 -12.85 -37.11
N TRP A 537 11.12 -13.26 -37.71
CA TRP A 537 12.24 -13.86 -37.00
C TRP A 537 13.52 -13.02 -37.16
N GLU A 538 13.39 -11.71 -36.98
CA GLU A 538 14.53 -10.82 -37.20
C GLU A 538 15.66 -11.12 -36.22
N LYS A 539 15.33 -11.46 -34.98
CA LYS A 539 16.31 -11.63 -33.92
C LYS A 539 16.64 -13.09 -33.64
N TYR A 540 16.17 -14.02 -34.47
CA TYR A 540 16.40 -15.43 -34.27
C TYR A 540 17.46 -15.95 -35.23
N CYS A 541 18.18 -16.98 -34.81
CA CYS A 541 19.03 -17.77 -35.70
C CYS A 541 18.45 -19.18 -35.75
N VAL A 542 18.16 -19.66 -36.95
CA VAL A 542 17.45 -20.93 -37.13
C VAL A 542 18.35 -21.89 -37.89
N LEU A 543 18.58 -23.07 -37.30
CA LEU A 543 19.38 -24.13 -37.88
C LEU A 543 18.48 -25.27 -38.33
N GLU A 544 19.08 -26.21 -39.07
CA GLU A 544 18.43 -27.47 -39.41
C GLU A 544 19.09 -28.57 -38.61
N ILE A 545 18.31 -29.25 -37.76
CA ILE A 545 18.86 -30.22 -36.83
C ILE A 545 18.38 -31.65 -37.07
N GLY A 546 17.25 -31.84 -37.76
CA GLY A 546 16.85 -33.21 -38.01
C GLY A 546 15.66 -33.32 -38.95
N ASP A 547 15.07 -34.51 -38.96
CA ASP A 547 13.88 -34.80 -39.74
C ASP A 547 12.91 -35.59 -38.87
N MET A 548 11.62 -35.28 -39.01
CA MET A 548 10.58 -35.90 -38.22
C MET A 548 9.58 -36.62 -39.14
N LEU A 549 9.05 -37.74 -38.66
CA LEU A 549 8.09 -38.55 -39.41
C LEU A 549 6.82 -38.69 -38.57
N LEU A 550 5.79 -37.93 -38.93
CA LEU A 550 4.49 -38.03 -38.27
C LEU A 550 3.52 -38.77 -39.19
N ARG A 551 2.78 -39.71 -38.61
CA ARG A 551 1.91 -40.58 -39.39
C ARG A 551 0.84 -39.76 -40.10
N SER A 552 0.84 -39.82 -41.43
CA SER A 552 -0.17 -39.16 -42.25
C SER A 552 -0.55 -40.08 -43.41
N ALA A 553 -1.77 -39.87 -43.92
CA ALA A 553 -2.25 -40.70 -45.02
C ALA A 553 -1.44 -40.51 -46.30
N ILE A 554 -0.69 -39.42 -46.43
CA ILE A 554 0.14 -39.18 -47.62
C ILE A 554 1.48 -39.83 -47.32
N GLY A 555 1.55 -41.14 -47.56
CA GLY A 555 2.73 -41.90 -47.20
C GLY A 555 3.16 -41.57 -45.78
N GLN A 556 4.32 -40.93 -45.64
CA GLN A 556 4.68 -40.28 -44.39
C GLN A 556 5.51 -39.06 -44.74
N VAL A 557 5.21 -37.95 -44.08
CA VAL A 557 5.67 -36.64 -44.54
C VAL A 557 7.20 -36.57 -44.56
N SER A 558 7.84 -37.00 -43.48
CA SER A 558 9.29 -36.85 -43.31
C SER A 558 9.69 -35.39 -43.45
N ARG A 559 9.05 -34.55 -42.62
CA ARG A 559 9.27 -33.12 -42.63
C ARG A 559 10.65 -32.78 -42.07
N PRO A 560 11.21 -31.62 -42.45
CA PRO A 560 12.40 -31.12 -41.75
C PRO A 560 12.04 -30.70 -40.34
N MET A 561 13.07 -30.57 -39.50
CA MET A 561 12.88 -30.22 -38.09
C MET A 561 14.00 -29.30 -37.69
N PHE A 562 13.66 -28.03 -37.48
CA PHE A 562 14.61 -26.94 -37.30
C PHE A 562 14.72 -26.57 -35.82
N LEU A 563 15.76 -25.78 -35.53
CA LEU A 563 16.02 -25.29 -34.18
C LEU A 563 16.07 -23.77 -34.20
N TYR A 564 15.11 -23.14 -33.54
CA TYR A 564 15.12 -21.69 -33.38
C TYR A 564 15.97 -21.34 -32.18
N VAL A 565 17.07 -20.63 -32.41
CA VAL A 565 18.03 -20.25 -31.38
C VAL A 565 18.12 -18.73 -31.34
N ARG A 566 18.02 -18.16 -30.15
CA ARG A 566 18.11 -16.70 -30.05
C ARG A 566 18.67 -16.31 -28.68
N THR A 567 19.16 -15.08 -28.61
CA THR A 567 19.57 -14.46 -27.36
C THR A 567 18.46 -13.54 -26.88
N ASN A 568 17.94 -13.80 -25.69
CA ASN A 568 16.88 -13.01 -25.10
C ASN A 568 17.30 -12.57 -23.71
N GLY A 569 16.46 -11.75 -23.09
CA GLY A 569 16.75 -11.25 -21.75
C GLY A 569 15.47 -10.93 -21.02
N THR A 570 15.57 -10.93 -19.69
CA THR A 570 14.44 -10.59 -18.84
C THR A 570 14.95 -9.83 -17.62
N SER A 571 14.06 -9.56 -16.68
CA SER A 571 14.42 -8.85 -15.46
C SER A 571 13.59 -9.43 -14.31
N LYS A 572 13.99 -9.07 -13.09
CA LYS A 572 13.30 -9.58 -11.92
C LYS A 572 11.79 -9.29 -11.98
N ILE A 573 11.43 -8.07 -12.36
CA ILE A 573 10.02 -7.73 -12.46
C ILE A 573 9.34 -8.55 -13.56
N LYS A 574 10.00 -8.68 -14.72
CA LYS A 574 9.42 -9.46 -15.80
C LYS A 574 9.27 -10.92 -15.42
N MET A 575 10.28 -11.49 -14.75
CA MET A 575 10.18 -12.88 -14.31
C MET A 575 9.04 -13.06 -13.32
N LYS A 576 8.93 -12.15 -12.35
CA LYS A 576 7.89 -12.26 -11.34
C LYS A 576 6.51 -12.17 -11.99
N TRP A 577 6.33 -11.24 -12.93
CA TRP A 577 5.02 -11.07 -13.55
C TRP A 577 4.70 -12.18 -14.52
N GLY A 578 5.70 -12.75 -15.19
CA GLY A 578 5.47 -13.89 -16.05
C GLY A 578 5.21 -15.18 -15.30
N MET A 579 5.67 -15.27 -14.05
CA MET A 579 5.36 -16.43 -13.23
C MET A 579 4.00 -16.31 -12.56
N GLU A 580 3.29 -15.21 -12.75
CA GLU A 580 1.91 -15.06 -12.29
C GLU A 580 0.96 -14.95 -13.48
N MET A 581 1.23 -15.74 -14.53
CA MET A 581 0.37 -15.74 -15.70
C MET A 581 -0.95 -16.46 -15.48
N ARG A 582 -1.09 -17.19 -14.37
CA ARG A 582 -2.31 -17.94 -14.13
C ARG A 582 -3.50 -17.04 -13.84
N ARG A 583 -3.26 -15.78 -13.48
CA ARG A 583 -4.37 -14.85 -13.25
C ARG A 583 -5.05 -14.41 -14.54
N CYS A 584 -4.48 -14.75 -15.70
CA CYS A 584 -5.22 -14.58 -16.95
C CYS A 584 -6.46 -15.46 -16.97
N LEU A 585 -6.33 -16.69 -16.49
CA LEU A 585 -7.49 -17.54 -16.30
C LEU A 585 -8.55 -16.84 -15.47
N LEU A 586 -8.13 -16.23 -14.35
CA LEU A 586 -9.06 -15.49 -13.52
C LEU A 586 -9.74 -14.42 -14.37
N GLN A 587 -8.98 -13.42 -14.81
CA GLN A 587 -9.56 -12.34 -15.61
C GLN A 587 -10.61 -12.84 -16.59
N SER A 588 -10.23 -13.79 -17.45
CA SER A 588 -11.14 -14.26 -18.48
C SER A 588 -12.40 -14.85 -17.87
N LEU A 589 -12.24 -15.76 -16.90
CA LEU A 589 -13.40 -16.49 -16.45
C LEU A 589 -14.26 -15.66 -15.51
N GLN A 590 -13.67 -14.68 -14.84
CA GLN A 590 -14.46 -13.68 -14.13
C GLN A 590 -15.33 -12.90 -15.10
N GLN A 591 -14.77 -12.53 -16.26
CA GLN A 591 -15.61 -11.83 -17.25
C GLN A 591 -16.77 -12.72 -17.70
N ILE A 592 -16.48 -14.00 -17.99
CA ILE A 592 -17.54 -14.88 -18.46
C ILE A 592 -18.58 -15.11 -17.36
N GLU A 593 -18.14 -15.28 -16.12
CA GLU A 593 -19.06 -15.50 -15.02
C GLU A 593 -19.90 -14.27 -14.75
N SER A 594 -19.32 -13.08 -14.94
CA SER A 594 -20.10 -11.85 -14.85
C SER A 594 -21.18 -11.82 -15.92
N MET A 595 -20.83 -12.23 -17.15
CA MET A 595 -21.84 -12.33 -18.19
C MET A 595 -22.97 -13.28 -17.75
N ILE A 596 -22.60 -14.45 -17.26
CA ILE A 596 -23.59 -15.46 -16.90
C ILE A 596 -24.48 -14.95 -15.78
N GLU A 597 -23.89 -14.33 -14.76
CA GLU A 597 -24.67 -13.81 -13.65
C GLU A 597 -25.60 -12.69 -14.09
N ALA A 598 -25.10 -11.79 -14.95
CA ALA A 598 -25.93 -10.69 -15.43
C ALA A 598 -27.13 -11.24 -16.20
N GLU A 599 -26.90 -12.24 -17.05
CA GLU A 599 -28.02 -12.80 -17.81
C GLU A 599 -28.96 -13.57 -16.89
N SER A 600 -28.44 -14.25 -15.86
CA SER A 600 -29.26 -15.01 -14.94
C SER A 600 -30.04 -14.13 -13.97
N SER A 601 -29.60 -12.89 -13.76
CA SER A 601 -30.41 -11.97 -12.99
C SER A 601 -31.71 -11.62 -13.70
N VAL A 602 -31.77 -11.82 -15.02
CA VAL A 602 -32.99 -11.58 -15.77
C VAL A 602 -33.98 -12.72 -15.57
N LYS A 603 -33.56 -13.93 -15.93
CA LYS A 603 -34.37 -15.13 -15.70
C LYS A 603 -33.97 -15.71 -14.34
N GLU A 604 -34.94 -15.82 -13.42
CA GLU A 604 -34.64 -16.18 -12.05
C GLU A 604 -34.24 -17.65 -11.97
N LYS A 605 -33.03 -17.96 -12.48
CA LYS A 605 -32.53 -19.32 -12.51
C LYS A 605 -31.09 -19.32 -13.00
N ASP A 606 -30.28 -20.26 -12.52
CA ASP A 606 -28.91 -20.37 -13.02
C ASP A 606 -28.92 -20.82 -14.48
N MET A 607 -28.13 -20.14 -15.31
CA MET A 607 -28.21 -20.28 -16.75
C MET A 607 -26.92 -20.87 -17.33
N THR A 608 -26.07 -21.44 -16.48
CA THR A 608 -24.77 -21.91 -16.95
C THR A 608 -24.90 -23.14 -17.85
N LYS A 609 -25.70 -24.12 -17.44
CA LYS A 609 -25.72 -25.40 -18.13
C LYS A 609 -26.19 -25.23 -19.57
N GLU A 610 -27.27 -24.48 -19.77
CA GLU A 610 -27.77 -24.30 -21.13
C GLU A 610 -26.83 -23.44 -21.97
N PHE A 611 -26.20 -22.45 -21.36
CA PHE A 611 -25.17 -21.69 -22.08
C PHE A 611 -24.08 -22.61 -22.60
N PHE A 612 -23.58 -23.52 -21.77
CA PHE A 612 -22.45 -24.34 -22.17
C PHE A 612 -22.82 -25.54 -23.03
N GLU A 613 -24.06 -26.03 -22.95
CA GLU A 613 -24.47 -27.19 -23.74
C GLU A 613 -25.30 -26.81 -24.98
N ASN A 614 -26.39 -26.06 -24.80
CA ASN A 614 -27.23 -25.74 -25.95
C ASN A 614 -26.48 -24.88 -26.97
N LYS A 615 -25.67 -23.93 -26.50
CA LYS A 615 -24.86 -23.09 -27.39
C LYS A 615 -25.75 -22.29 -28.34
N SER A 616 -26.97 -21.99 -27.91
CA SER A 616 -27.87 -21.20 -28.75
C SER A 616 -27.40 -19.76 -28.86
N GLU A 617 -27.13 -19.12 -27.72
CA GLU A 617 -26.66 -17.74 -27.72
C GLU A 617 -25.19 -17.68 -28.13
N THR A 618 -24.84 -16.65 -28.91
CA THR A 618 -23.48 -16.47 -29.37
C THR A 618 -23.13 -14.98 -29.34
N TRP A 619 -21.85 -14.69 -29.20
CA TRP A 619 -21.35 -13.33 -29.15
C TRP A 619 -20.42 -13.05 -30.33
N PRO A 620 -20.39 -11.82 -30.84
CA PRO A 620 -19.43 -11.50 -31.90
C PRO A 620 -17.99 -11.60 -31.39
N ILE A 621 -17.22 -12.56 -31.91
CA ILE A 621 -15.89 -12.83 -31.39
C ILE A 621 -14.89 -12.86 -32.54
N GLY A 622 -15.21 -12.23 -33.64
CA GLY A 622 -14.32 -12.17 -34.79
C GLY A 622 -15.08 -11.88 -36.06
N GLU A 623 -14.33 -11.48 -37.09
CA GLU A 623 -14.90 -11.11 -38.37
C GLU A 623 -14.22 -11.93 -39.48
N SER A 624 -15.03 -12.49 -40.35
CA SER A 624 -14.58 -13.18 -41.55
C SER A 624 -14.90 -12.34 -42.78
N PRO A 625 -14.21 -12.57 -43.90
CA PRO A 625 -14.53 -11.80 -45.11
C PRO A 625 -16.01 -11.79 -45.46
N LYS A 626 -16.74 -12.85 -45.11
CA LYS A 626 -18.19 -12.83 -45.28
C LYS A 626 -18.85 -11.82 -44.36
N GLY A 627 -18.36 -11.69 -43.14
CA GLY A 627 -18.93 -10.76 -42.18
C GLY A 627 -18.48 -11.11 -40.77
N VAL A 628 -19.22 -10.56 -39.80
CA VAL A 628 -18.93 -10.80 -38.39
C VAL A 628 -19.36 -12.21 -38.03
N GLU A 629 -18.50 -12.93 -37.34
CA GLU A 629 -18.75 -14.31 -36.92
C GLU A 629 -18.96 -14.36 -35.42
N GLU A 630 -19.98 -15.11 -35.00
CA GLU A 630 -20.31 -15.28 -33.60
C GLU A 630 -20.02 -16.72 -33.16
N GLY A 631 -19.58 -16.87 -31.91
CA GLY A 631 -19.24 -18.16 -31.37
C GLY A 631 -19.91 -18.38 -30.03
N SER A 632 -19.93 -19.64 -29.60
CA SER A 632 -20.55 -20.01 -28.35
C SER A 632 -19.79 -19.39 -27.17
N ILE A 633 -20.30 -19.62 -25.97
CA ILE A 633 -19.71 -19.02 -24.78
C ILE A 633 -18.31 -19.58 -24.54
N GLY A 634 -18.11 -20.85 -24.85
CA GLY A 634 -16.78 -21.44 -24.68
C GLY A 634 -15.73 -20.75 -25.54
N LYS A 635 -16.09 -20.44 -26.79
CA LYS A 635 -15.16 -19.74 -27.65
C LYS A 635 -14.86 -18.34 -27.12
N VAL A 636 -15.85 -17.68 -26.52
CA VAL A 636 -15.60 -16.39 -25.88
C VAL A 636 -14.64 -16.56 -24.72
N CYS A 637 -14.82 -17.62 -23.92
CA CYS A 637 -13.90 -17.91 -22.83
C CYS A 637 -12.48 -18.02 -23.35
N ARG A 638 -12.29 -18.83 -24.39
CA ARG A 638 -10.95 -19.05 -24.93
C ARG A 638 -10.38 -17.77 -25.51
N THR A 639 -11.21 -16.97 -26.19
CA THR A 639 -10.73 -15.73 -26.78
C THR A 639 -10.26 -14.75 -25.70
N LEU A 640 -11.05 -14.60 -24.64
CA LEU A 640 -10.63 -13.70 -23.56
C LEU A 640 -9.39 -14.21 -22.86
N LEU A 641 -9.29 -15.54 -22.66
CA LEU A 641 -8.11 -16.10 -22.05
C LEU A 641 -6.87 -15.82 -22.91
N ALA A 642 -7.00 -15.99 -24.22
CA ALA A 642 -5.88 -15.70 -25.12
C ALA A 642 -5.52 -14.22 -25.08
N LYS A 643 -6.53 -13.35 -25.02
CA LYS A 643 -6.24 -11.91 -24.94
C LYS A 643 -5.46 -11.59 -23.68
N SER A 644 -5.88 -12.15 -22.54
CA SER A 644 -5.16 -11.91 -21.30
C SER A 644 -3.74 -12.48 -21.36
N VAL A 645 -3.59 -13.67 -21.94
CA VAL A 645 -2.26 -14.27 -22.03
C VAL A 645 -1.34 -13.41 -22.89
N PHE A 646 -1.84 -12.91 -24.00
CA PHE A 646 -1.02 -12.05 -24.85
C PHE A 646 -0.74 -10.71 -24.20
N ASN A 647 -1.68 -10.20 -23.40
CA ASN A 647 -1.40 -9.01 -22.61
C ASN A 647 -0.24 -9.25 -21.65
N SER A 648 -0.23 -10.41 -21.01
CA SER A 648 0.85 -10.74 -20.09
C SER A 648 2.17 -11.03 -20.81
N LEU A 649 2.10 -11.48 -22.06
CA LEU A 649 3.31 -11.83 -22.79
C LEU A 649 3.94 -10.60 -23.45
N TYR A 650 3.14 -9.80 -24.14
CA TYR A 650 3.62 -8.62 -24.86
C TYR A 650 3.39 -7.33 -24.07
N ALA A 651 3.46 -7.41 -22.74
CA ALA A 651 3.23 -6.23 -21.92
C ALA A 651 4.27 -5.16 -22.21
N SER A 652 3.83 -3.90 -22.19
CA SER A 652 4.72 -2.77 -22.44
C SER A 652 4.01 -1.46 -22.13
N PRO A 653 4.75 -0.36 -21.95
CA PRO A 653 4.07 0.92 -21.69
C PRO A 653 3.14 1.33 -22.81
N GLN A 654 3.48 1.01 -24.06
CA GLN A 654 2.59 1.28 -25.18
C GLN A 654 1.23 0.65 -24.95
N LEU A 655 1.22 -0.59 -24.46
CA LEU A 655 -0.06 -1.28 -24.23
C LEU A 655 -0.90 -0.53 -23.20
N GLU A 656 -0.28 -0.09 -22.10
CA GLU A 656 -1.04 0.61 -21.07
C GLU A 656 -1.59 1.93 -21.62
N GLY A 657 -0.75 2.71 -22.27
CA GLY A 657 -1.21 4.00 -22.79
C GLY A 657 -2.32 3.83 -23.80
N PHE A 658 -2.14 2.93 -24.75
CA PHE A 658 -3.19 2.69 -25.74
C PHE A 658 -4.46 2.19 -25.09
N SER A 659 -4.33 1.29 -24.11
CA SER A 659 -5.52 0.76 -23.45
C SER A 659 -6.33 1.88 -22.81
N ALA A 660 -5.66 2.76 -22.07
CA ALA A 660 -6.38 3.85 -21.41
C ALA A 660 -7.01 4.80 -22.43
N GLU A 661 -6.20 5.29 -23.38
CA GLU A 661 -6.69 6.31 -24.30
C GLU A 661 -7.66 5.74 -25.32
N SER A 662 -7.73 4.43 -25.48
CA SER A 662 -8.73 3.80 -26.33
C SER A 662 -9.96 3.38 -25.56
N ARG A 663 -9.83 3.08 -24.27
CA ARG A 663 -11.01 2.89 -23.44
C ARG A 663 -11.83 4.17 -23.35
N LYS A 664 -11.14 5.32 -23.30
CA LYS A 664 -11.87 6.59 -23.34
C LYS A 664 -12.74 6.69 -24.59
N LEU A 665 -12.14 6.45 -25.76
CA LEU A 665 -12.89 6.54 -27.00
C LEU A 665 -13.95 5.46 -27.11
N LEU A 666 -13.68 4.28 -26.56
CA LEU A 666 -14.68 3.22 -26.55
C LEU A 666 -15.89 3.63 -25.72
N LEU A 667 -15.67 4.27 -24.57
CA LEU A 667 -16.78 4.76 -23.77
C LEU A 667 -17.56 5.83 -24.52
N ILE A 668 -16.86 6.72 -25.22
CA ILE A 668 -17.55 7.73 -26.01
C ILE A 668 -18.41 7.08 -27.09
N VAL A 669 -17.86 6.09 -27.78
CA VAL A 669 -18.60 5.42 -28.85
C VAL A 669 -19.80 4.67 -28.27
N GLN A 670 -19.62 4.04 -27.11
CA GLN A 670 -20.74 3.36 -26.47
C GLN A 670 -21.84 4.34 -26.10
N ALA A 671 -21.47 5.52 -25.59
CA ALA A 671 -22.46 6.55 -25.32
C ALA A 671 -23.19 6.95 -26.59
N LEU A 672 -22.46 7.07 -27.71
CA LEU A 672 -23.11 7.37 -28.98
C LEU A 672 -24.11 6.29 -29.36
N ARG A 673 -23.70 5.02 -29.25
CA ARG A 673 -24.58 3.93 -29.62
C ARG A 673 -25.78 3.80 -28.70
N ASP A 674 -25.70 4.36 -27.49
CA ASP A 674 -26.79 4.32 -26.52
C ASP A 674 -27.75 5.49 -26.67
N ASN A 675 -27.53 6.36 -27.65
CA ASN A 675 -28.39 7.52 -27.88
C ASN A 675 -28.37 8.45 -26.67
N LEU A 676 -27.16 8.83 -26.24
CA LEU A 676 -26.97 9.69 -25.08
C LEU A 676 -26.35 11.03 -25.46
N GLU A 677 -26.44 11.43 -26.73
CA GLU A 677 -25.96 12.71 -27.22
C GLU A 677 -24.56 13.02 -26.69
N PRO A 678 -23.58 12.15 -26.97
CA PRO A 678 -22.22 12.41 -26.48
C PRO A 678 -21.62 13.63 -27.14
N GLY A 679 -20.72 14.27 -26.40
CA GLY A 679 -20.02 15.44 -26.90
C GLY A 679 -18.59 15.44 -26.44
N THR A 680 -17.75 16.15 -27.19
CA THR A 680 -16.33 16.22 -26.89
C THR A 680 -15.86 17.67 -26.99
N PHE A 681 -14.84 17.99 -26.20
CA PHE A 681 -14.24 19.31 -26.23
C PHE A 681 -13.06 19.40 -27.18
N ASP A 682 -12.23 18.36 -27.24
CA ASP A 682 -11.14 18.30 -28.20
C ASP A 682 -10.92 16.82 -28.55
N LEU A 683 -11.58 16.37 -29.63
CA LEU A 683 -11.44 14.98 -30.05
C LEU A 683 -10.10 14.74 -30.75
N GLY A 684 -9.60 15.74 -31.47
CA GLY A 684 -8.30 15.60 -32.09
C GLY A 684 -7.20 15.36 -31.08
N GLY A 685 -7.29 16.02 -29.92
CA GLY A 685 -6.32 15.76 -28.87
C GLY A 685 -6.36 14.34 -28.37
N LEU A 686 -7.56 13.79 -28.19
CA LEU A 686 -7.69 12.40 -27.78
C LEU A 686 -7.10 11.46 -28.83
N TYR A 687 -7.39 11.74 -30.11
CA TYR A 687 -6.85 10.90 -31.18
C TYR A 687 -5.33 10.94 -31.18
N GLU A 688 -4.75 12.14 -31.03
CA GLU A 688 -3.30 12.24 -30.99
C GLU A 688 -2.73 11.52 -29.77
N ALA A 689 -3.45 11.54 -28.65
CA ALA A 689 -3.01 10.81 -27.46
C ALA A 689 -3.02 9.31 -27.71
N ILE A 690 -4.03 8.81 -28.43
CA ILE A 690 -4.07 7.38 -28.73
C ILE A 690 -2.97 7.00 -29.70
N GLU A 691 -2.78 7.81 -30.75
CA GLU A 691 -1.88 7.44 -31.83
C GLU A 691 -0.41 7.49 -31.43
N GLU A 692 -0.07 8.19 -30.33
CA GLU A 692 1.31 8.26 -29.90
C GLU A 692 1.77 7.02 -29.15
N CYS A 693 0.84 6.15 -28.75
CA CYS A 693 1.20 4.90 -28.07
C CYS A 693 1.55 3.79 -29.04
N LEU A 694 1.20 3.92 -30.32
CA LEU A 694 1.43 2.87 -31.31
C LEU A 694 2.78 3.15 -31.96
N ILE A 695 3.80 2.38 -31.58
CA ILE A 695 5.14 2.61 -32.12
C ILE A 695 5.68 1.38 -32.82
N ASN A 696 5.94 0.31 -32.05
CA ASN A 696 6.50 -0.90 -32.65
C ASN A 696 6.00 -2.21 -32.02
N ASP A 697 5.12 -2.17 -31.04
CA ASP A 697 4.75 -3.41 -30.38
C ASP A 697 3.71 -4.15 -31.22
N PRO A 698 3.94 -5.40 -31.61
CA PRO A 698 2.92 -6.11 -32.41
C PRO A 698 1.57 -6.18 -31.73
N TRP A 699 1.54 -6.40 -30.41
CA TRP A 699 0.28 -6.59 -29.72
C TRP A 699 -0.56 -5.32 -29.72
N VAL A 700 0.06 -4.17 -29.42
CA VAL A 700 -0.71 -2.93 -29.39
C VAL A 700 -1.17 -2.54 -30.78
N LEU A 701 -0.35 -2.79 -31.80
CA LEU A 701 -0.78 -2.50 -33.17
C LEU A 701 -1.95 -3.40 -33.57
N LEU A 702 -1.91 -4.68 -33.18
CA LEU A 702 -3.04 -5.55 -33.46
C LEU A 702 -4.29 -5.07 -32.73
N ASN A 703 -4.13 -4.61 -31.49
CA ASN A 703 -5.27 -4.07 -30.76
C ASN A 703 -5.83 -2.83 -31.45
N ALA A 704 -4.96 -1.97 -31.98
CA ALA A 704 -5.43 -0.79 -32.70
C ALA A 704 -6.17 -1.19 -33.97
N SER A 705 -5.67 -2.20 -34.69
CA SER A 705 -6.37 -2.68 -35.88
C SER A 705 -7.73 -3.24 -35.50
N TRP A 706 -7.80 -3.99 -34.39
CA TRP A 706 -9.07 -4.48 -33.90
C TRP A 706 -10.02 -3.34 -33.57
N PHE A 707 -9.50 -2.28 -32.96
CA PHE A 707 -10.33 -1.12 -32.62
C PHE A 707 -10.87 -0.44 -33.87
N ASN A 708 -10.03 -0.31 -34.90
CA ASN A 708 -10.50 0.26 -36.16
C ASN A 708 -11.59 -0.61 -36.77
N SER A 709 -11.40 -1.93 -36.75
CA SER A 709 -12.43 -2.82 -37.28
C SER A 709 -13.73 -2.69 -36.48
N PHE A 710 -13.63 -2.57 -35.16
CA PHE A 710 -14.81 -2.42 -34.33
C PHE A 710 -15.53 -1.11 -34.64
N LEU A 711 -14.79 -0.03 -34.84
CA LEU A 711 -15.40 1.23 -35.25
C LEU A 711 -16.11 1.07 -36.59
N THR A 712 -15.45 0.41 -37.55
CA THR A 712 -16.07 0.23 -38.86
C THR A 712 -17.36 -0.56 -38.76
N HIS A 713 -17.35 -1.65 -37.98
CA HIS A 713 -18.55 -2.46 -37.81
C HIS A 713 -19.60 -1.75 -36.96
N ALA A 714 -19.15 -1.02 -35.94
CA ALA A 714 -20.05 -0.18 -35.15
C ALA A 714 -20.38 1.07 -35.96
N LEU A 715 -21.08 2.02 -35.34
CA LEU A 715 -21.45 3.27 -36.00
C LEU A 715 -22.31 2.98 -37.24
N ARG A 716 -23.38 2.24 -37.03
CA ARG A 716 -24.30 1.87 -38.11
C ARG A 716 -25.74 1.86 -37.62
N MET B 1 -11.51 -17.42 -40.51
CA MET B 1 -12.06 -16.43 -39.54
C MET B 1 -10.97 -15.91 -38.62
N ASP B 2 -10.94 -14.60 -38.43
CA ASP B 2 -9.97 -13.95 -37.56
C ASP B 2 -10.66 -13.55 -36.26
N VAL B 3 -10.07 -13.97 -35.14
CA VAL B 3 -10.64 -13.70 -33.83
C VAL B 3 -10.33 -12.25 -33.44
N ASN B 4 -11.31 -11.57 -32.87
CA ASN B 4 -11.15 -10.19 -32.45
C ASN B 4 -11.98 -9.93 -31.20
N PRO B 5 -11.36 -9.90 -30.01
CA PRO B 5 -12.15 -9.70 -28.79
C PRO B 5 -12.90 -8.38 -28.75
N THR B 6 -12.36 -7.32 -29.35
CA THR B 6 -13.01 -6.01 -29.26
C THR B 6 -14.42 -6.04 -29.84
N LEU B 7 -14.65 -6.86 -30.86
CA LEU B 7 -15.99 -6.95 -31.44
C LEU B 7 -17.02 -7.42 -30.42
N LEU B 8 -16.57 -8.03 -29.32
CA LEU B 8 -17.48 -8.41 -28.26
C LEU B 8 -18.28 -7.21 -27.73
N PHE B 9 -17.74 -6.00 -27.87
CA PHE B 9 -18.45 -4.82 -27.41
C PHE B 9 -19.66 -4.49 -28.27
N LEU B 10 -19.81 -5.12 -29.44
CA LEU B 10 -20.99 -4.88 -30.26
C LEU B 10 -22.24 -5.51 -29.68
N LYS B 11 -22.11 -6.45 -28.76
CA LYS B 11 -23.24 -7.08 -28.10
C LYS B 11 -23.29 -6.79 -26.61
N VAL B 12 -22.13 -6.78 -25.95
CA VAL B 12 -22.03 -6.45 -24.53
C VAL B 12 -21.67 -4.97 -24.41
N PRO B 13 -22.45 -4.16 -23.70
CA PRO B 13 -22.08 -2.74 -23.56
C PRO B 13 -20.65 -2.56 -23.04
N ALA B 14 -20.07 -1.39 -23.30
CA ALA B 14 -18.65 -1.20 -22.97
C ALA B 14 -18.39 -1.36 -21.48
N GLN B 15 -19.26 -0.79 -20.64
CA GLN B 15 -19.03 -0.85 -19.19
C GLN B 15 -19.26 -2.24 -18.62
N ASN B 16 -20.18 -3.02 -19.22
CA ASN B 16 -20.42 -4.36 -18.72
C ASN B 16 -19.27 -5.32 -19.02
N ALA B 17 -18.33 -4.92 -19.88
CA ALA B 17 -17.16 -5.73 -20.16
C ALA B 17 -15.90 -4.89 -20.14
N ILE B 18 -15.89 -3.82 -19.36
CA ILE B 18 -14.74 -2.91 -19.30
C ILE B 18 -13.52 -3.60 -18.74
N SER B 19 -13.70 -4.68 -17.96
CA SER B 19 -12.54 -5.37 -17.40
C SER B 19 -11.60 -5.87 -18.50
N THR B 20 -12.14 -6.17 -19.68
CA THR B 20 -11.31 -6.64 -20.78
C THR B 20 -10.33 -5.57 -21.26
N THR B 21 -10.61 -4.30 -20.99
CA THR B 21 -9.78 -3.20 -21.46
C THR B 21 -8.72 -2.77 -20.46
N PHE B 22 -8.40 -3.63 -19.48
CA PHE B 22 -7.41 -3.33 -18.44
C PHE B 22 -6.31 -4.39 -18.50
N PRO B 23 -5.21 -4.13 -19.21
CA PRO B 23 -4.13 -5.12 -19.30
C PRO B 23 -3.27 -5.17 -18.03
N TYR B 24 -3.90 -5.56 -16.92
CA TYR B 24 -3.23 -5.61 -15.62
C TYR B 24 -2.72 -7.01 -15.30
N THR B 25 -2.42 -7.81 -16.32
CA THR B 25 -1.83 -9.13 -16.13
C THR B 25 -0.36 -9.17 -16.52
N GLY B 26 0.22 -8.05 -16.95
CA GLY B 26 1.61 -7.98 -17.34
C GLY B 26 2.38 -7.03 -16.44
N ASP B 27 3.69 -6.98 -16.66
CA ASP B 27 4.54 -6.15 -15.84
C ASP B 27 4.23 -4.67 -16.10
N PRO B 28 3.98 -3.87 -15.07
CA PRO B 28 3.71 -2.45 -15.29
C PRO B 28 4.99 -1.72 -15.67
N PRO B 29 4.87 -0.57 -16.34
CA PRO B 29 6.08 0.16 -16.75
C PRO B 29 6.88 0.64 -15.54
N TYR B 30 8.21 0.58 -15.69
CA TYR B 30 9.13 1.07 -14.67
C TYR B 30 10.13 2.03 -15.29
N SER B 31 10.57 2.99 -14.49
CA SER B 31 11.69 3.82 -14.86
C SER B 31 13.00 3.10 -14.57
N HIS B 32 14.01 3.36 -15.39
CA HIS B 32 15.28 2.67 -15.30
C HIS B 32 16.41 3.50 -14.71
N GLY B 33 16.50 4.77 -15.07
CA GLY B 33 17.61 5.60 -14.63
C GLY B 33 17.21 6.84 -13.88
N THR B 34 17.89 7.95 -14.18
CA THR B 34 17.69 9.19 -13.44
C THR B 34 16.31 9.77 -13.74
N GLY B 35 15.80 10.53 -12.76
CA GLY B 35 14.57 11.29 -12.94
C GLY B 35 14.85 12.77 -13.09
N THR B 36 16.12 13.12 -13.33
CA THR B 36 16.48 14.53 -13.44
C THR B 36 15.80 15.19 -14.63
N GLY B 37 15.74 14.49 -15.77
CA GLY B 37 15.08 15.05 -16.94
C GLY B 37 13.63 15.41 -16.67
N TYR B 38 12.91 14.50 -16.01
CA TYR B 38 11.52 14.77 -15.69
C TYR B 38 11.39 15.94 -14.71
N THR B 39 12.28 16.01 -13.71
CA THR B 39 12.23 17.11 -12.77
C THR B 39 12.44 18.44 -13.47
N MET B 40 13.45 18.52 -14.33
CA MET B 40 13.70 19.76 -15.06
C MET B 40 12.53 20.10 -15.96
N ASP B 41 11.96 19.11 -16.65
CA ASP B 41 10.82 19.38 -17.51
C ASP B 41 9.64 19.90 -16.72
N THR B 42 9.37 19.31 -15.55
CA THR B 42 8.27 19.77 -14.72
C THR B 42 8.50 21.18 -14.23
N VAL B 43 9.73 21.49 -13.81
CA VAL B 43 10.02 22.85 -13.34
C VAL B 43 9.80 23.86 -14.46
N ASN B 44 10.34 23.57 -15.64
CA ASN B 44 10.19 24.50 -16.77
C ASN B 44 8.73 24.65 -17.16
N ARG B 45 7.98 23.55 -17.18
CA ARG B 45 6.57 23.61 -17.54
C ARG B 45 5.78 24.41 -16.52
N THR B 46 6.05 24.22 -15.23
CA THR B 46 5.36 25.00 -14.21
C THR B 46 5.71 26.48 -14.33
N HIS B 47 6.95 26.81 -14.68
CA HIS B 47 7.34 28.20 -14.79
C HIS B 47 6.82 28.88 -16.05
N GLN B 48 6.59 28.11 -17.13
CA GLN B 48 6.14 28.71 -18.38
C GLN B 48 4.63 28.78 -18.50
N TYR B 49 3.89 28.01 -17.69
CA TYR B 49 2.45 28.21 -17.58
C TYR B 49 2.10 29.49 -16.84
N SER B 50 3.08 30.12 -16.19
CA SER B 50 2.87 31.36 -15.45
C SER B 50 3.87 32.43 -15.90
N GLU B 51 4.27 32.37 -17.17
CA GLU B 51 5.33 33.25 -17.65
C GLU B 51 4.96 34.72 -17.52
N LYS B 52 3.68 35.05 -17.66
CA LYS B 52 3.23 36.43 -17.66
C LYS B 52 3.12 37.03 -16.27
N GLY B 53 3.56 36.32 -15.24
CA GLY B 53 3.56 36.87 -13.89
C GLY B 53 4.63 37.92 -13.73
N ARG B 54 5.06 38.16 -12.50
CA ARG B 54 6.12 39.13 -12.21
C ARG B 54 7.26 38.44 -11.46
N TRP B 55 8.49 38.82 -11.80
CA TRP B 55 9.67 38.20 -11.24
C TRP B 55 10.20 39.00 -10.05
N THR B 56 10.73 38.28 -9.07
CA THR B 56 11.37 38.90 -7.91
C THR B 56 12.52 38.01 -7.47
N THR B 57 13.36 38.54 -6.59
CA THR B 57 14.46 37.78 -6.02
C THR B 57 14.34 37.81 -4.50
N ASN B 58 14.19 36.64 -3.89
CA ASN B 58 14.05 36.57 -2.46
C ASN B 58 15.31 37.09 -1.78
N THR B 59 15.12 37.95 -0.78
CA THR B 59 16.24 38.53 -0.06
C THR B 59 16.93 37.55 0.88
N GLU B 60 16.23 36.47 1.27
CA GLU B 60 16.81 35.48 2.16
C GLU B 60 17.51 34.36 1.38
N THR B 61 16.79 33.69 0.49
CA THR B 61 17.36 32.60 -0.28
C THR B 61 18.06 33.06 -1.56
N GLY B 62 17.83 34.31 -1.98
CA GLY B 62 18.48 34.80 -3.17
C GLY B 62 18.05 34.12 -4.45
N ALA B 63 16.92 33.40 -4.43
CA ALA B 63 16.47 32.67 -5.61
C ALA B 63 15.41 33.45 -6.37
N PRO B 64 15.35 33.31 -7.69
CA PRO B 64 14.30 34.00 -8.45
C PRO B 64 12.96 33.30 -8.29
N GLN B 65 11.92 34.09 -8.01
CA GLN B 65 10.58 33.59 -7.81
C GLN B 65 9.61 34.32 -8.73
N LEU B 66 8.61 33.60 -9.22
CA LEU B 66 7.64 34.12 -10.18
C LEU B 66 6.27 34.13 -9.53
N ASN B 67 5.66 35.31 -9.46
CA ASN B 67 4.33 35.46 -8.85
C ASN B 67 3.33 35.78 -9.95
N PRO B 68 2.44 34.84 -10.32
CA PRO B 68 1.45 35.13 -11.37
C PRO B 68 0.11 35.60 -10.82
N ILE B 69 -0.06 35.54 -9.50
CA ILE B 69 -1.35 35.88 -8.90
C ILE B 69 -1.76 37.27 -9.33
N ASP B 70 -3.04 37.44 -9.60
CA ASP B 70 -3.60 38.71 -10.08
C ASP B 70 -2.95 39.14 -11.39
N GLY B 71 -2.40 38.19 -12.15
CA GLY B 71 -1.81 38.50 -13.43
C GLY B 71 -2.87 38.68 -14.49
N PRO B 72 -2.41 38.93 -15.73
CA PRO B 72 -3.36 39.13 -16.82
C PRO B 72 -4.27 37.92 -17.01
N LEU B 73 -5.54 38.19 -17.30
CA LEU B 73 -6.48 37.12 -17.51
C LEU B 73 -6.12 36.33 -18.76
N PRO B 74 -6.31 35.00 -18.74
CA PRO B 74 -5.96 34.20 -19.93
C PRO B 74 -6.82 34.58 -21.13
N GLU B 75 -6.22 34.52 -22.31
CA GLU B 75 -6.91 34.77 -23.57
C GLU B 75 -6.92 33.54 -24.46
N ASP B 76 -6.54 32.38 -23.95
CA ASP B 76 -6.55 31.14 -24.70
C ASP B 76 -6.90 29.99 -23.75
N ASN B 77 -7.19 28.84 -24.33
CA ASN B 77 -7.60 27.67 -23.57
C ASN B 77 -6.42 26.86 -23.04
N GLU B 78 -5.20 27.34 -23.24
CA GLU B 78 -4.03 26.65 -22.71
C GLU B 78 -3.99 26.74 -21.19
N PRO B 79 -3.27 25.83 -20.53
CA PRO B 79 -3.20 25.89 -19.07
C PRO B 79 -2.63 27.21 -18.60
N SER B 80 -3.17 27.72 -17.50
CA SER B 80 -2.76 29.01 -16.96
C SER B 80 -2.83 28.97 -15.44
N GLY B 81 -1.82 29.53 -14.79
CA GLY B 81 -1.76 29.57 -13.34
C GLY B 81 -2.02 30.96 -12.79
N TYR B 82 -2.68 31.81 -13.57
CA TYR B 82 -2.94 33.19 -13.17
C TYR B 82 -4.25 33.26 -12.38
N ALA B 83 -4.20 32.75 -11.16
CA ALA B 83 -5.34 32.81 -10.25
C ALA B 83 -5.49 34.21 -9.70
N GLN B 84 -6.74 34.62 -9.49
CA GLN B 84 -7.07 35.96 -9.01
C GLN B 84 -7.43 35.88 -7.53
N THR B 85 -6.77 36.69 -6.71
CA THR B 85 -6.96 36.62 -5.27
C THR B 85 -8.42 36.92 -4.90
N ASP B 86 -8.98 37.99 -5.46
CA ASP B 86 -10.33 38.39 -5.10
C ASP B 86 -11.34 37.30 -5.47
N CYS B 87 -11.19 36.69 -6.65
CA CYS B 87 -12.12 35.66 -7.07
C CYS B 87 -12.11 34.47 -6.11
N VAL B 88 -10.92 34.02 -5.71
CA VAL B 88 -10.83 32.87 -4.82
C VAL B 88 -11.33 33.21 -3.43
N LEU B 89 -11.04 34.42 -2.96
CA LEU B 89 -11.59 34.84 -1.67
C LEU B 89 -13.11 34.87 -1.71
N GLU B 90 -13.68 35.36 -2.82
CA GLU B 90 -15.13 35.35 -2.97
C GLU B 90 -15.69 33.93 -3.02
N ALA B 91 -14.99 33.02 -3.71
CA ALA B 91 -15.43 31.63 -3.75
C ALA B 91 -15.44 31.03 -2.36
N MET B 92 -14.39 31.28 -1.57
CA MET B 92 -14.35 30.77 -0.20
C MET B 92 -15.46 31.40 0.65
N ALA B 93 -15.73 32.69 0.43
CA ALA B 93 -16.80 33.35 1.17
C ALA B 93 -18.15 32.73 0.85
N PHE B 94 -18.41 32.42 -0.43
CA PHE B 94 -19.66 31.76 -0.79
C PHE B 94 -19.71 30.35 -0.22
N LEU B 95 -18.57 29.66 -0.20
CA LEU B 95 -18.53 28.34 0.43
C LEU B 95 -18.92 28.43 1.89
N GLU B 96 -18.40 29.44 2.60
CA GLU B 96 -18.77 29.64 4.00
C GLU B 96 -20.25 29.97 4.14
N GLU B 97 -20.77 30.83 3.26
CA GLU B 97 -22.17 31.22 3.36
C GLU B 97 -23.09 30.03 3.15
N SER B 98 -22.78 29.17 2.18
CA SER B 98 -23.60 27.99 1.96
C SER B 98 -23.45 26.97 3.08
N HIS B 99 -22.35 27.02 3.83
CA HIS B 99 -22.09 26.10 4.95
C HIS B 99 -21.64 26.92 6.14
N PRO B 100 -22.56 27.66 6.78
CA PRO B 100 -22.16 28.49 7.92
C PRO B 100 -21.55 27.66 9.05
N GLY B 101 -20.55 28.25 9.70
CA GLY B 101 -19.90 27.61 10.82
C GLY B 101 -18.88 26.56 10.46
N ILE B 102 -18.62 26.34 9.17
CA ILE B 102 -17.67 25.30 8.76
C ILE B 102 -16.26 25.68 9.20
N PHE B 103 -15.81 26.88 8.83
CA PHE B 103 -14.44 27.27 9.11
C PHE B 103 -14.18 27.39 10.60
N GLU B 104 -15.09 28.02 11.33
CA GLU B 104 -14.87 28.22 12.76
C GLU B 104 -14.76 26.88 13.49
N ASN B 105 -15.69 25.96 13.22
CA ASN B 105 -15.62 24.65 13.86
C ASN B 105 -14.32 23.95 13.48
N SER B 106 -14.06 23.81 12.18
CA SER B 106 -12.88 23.08 11.75
C SER B 106 -11.63 23.65 12.39
N CYS B 107 -11.55 24.98 12.50
CA CYS B 107 -10.42 25.61 13.17
C CYS B 107 -10.38 25.24 14.64
N LEU B 108 -11.55 25.11 15.29
CA LEU B 108 -11.55 24.74 16.71
C LEU B 108 -10.97 23.34 16.91
N GLU B 109 -11.45 22.35 16.16
CA GLU B 109 -10.88 21.01 16.31
C GLU B 109 -9.40 20.99 15.92
N THR B 110 -9.03 21.72 14.87
CA THR B 110 -7.63 21.76 14.47
C THR B 110 -6.77 22.38 15.56
N MET B 111 -7.28 23.42 16.24
CA MET B 111 -6.54 24.04 17.33
C MET B 111 -6.36 23.05 18.48
N GLU B 112 -7.42 22.31 18.81
CA GLU B 112 -7.29 21.27 19.83
C GLU B 112 -6.18 20.29 19.46
N VAL B 113 -6.22 19.77 18.23
CA VAL B 113 -5.26 18.76 17.81
C VAL B 113 -3.84 19.32 17.83
N VAL B 114 -3.66 20.54 17.31
CA VAL B 114 -2.32 21.12 17.23
C VAL B 114 -1.75 21.32 18.62
N GLN B 115 -2.57 21.79 19.57
CA GLN B 115 -2.04 22.05 20.89
C GLN B 115 -1.95 20.79 21.75
N GLN B 116 -2.50 19.66 21.31
CA GLN B 116 -2.31 18.40 22.01
C GLN B 116 -1.51 17.38 21.21
N THR B 117 -1.08 17.71 20.00
CA THR B 117 -0.31 16.77 19.19
C THR B 117 1.09 16.61 19.78
N ARG B 118 1.68 15.44 19.51
CA ARG B 118 3.01 15.09 19.99
C ARG B 118 3.98 15.01 18.82
N VAL B 119 5.27 14.96 19.15
CA VAL B 119 6.31 14.89 18.13
C VAL B 119 6.30 13.54 17.43
N ASP B 120 6.04 12.47 18.19
CA ASP B 120 6.14 11.12 17.63
C ASP B 120 5.21 10.91 16.45
N LYS B 121 4.16 11.73 16.32
CA LYS B 121 3.27 11.61 15.18
C LYS B 121 4.00 11.77 13.85
N LEU B 122 5.15 12.44 13.85
CA LEU B 122 5.91 12.60 12.62
C LEU B 122 6.63 11.33 12.20
N THR B 123 6.81 10.38 13.13
CA THR B 123 7.46 9.12 12.77
C THR B 123 6.56 8.25 11.91
N GLN B 124 5.24 8.45 11.99
CA GLN B 124 4.28 7.64 11.23
C GLN B 124 4.17 8.17 9.80
N GLY B 125 5.29 8.09 9.08
CA GLY B 125 5.33 8.55 7.71
C GLY B 125 6.37 7.78 6.92
N ARG B 126 6.18 7.76 5.61
CA ARG B 126 7.10 7.07 4.72
C ARG B 126 8.32 7.95 4.42
N GLN B 127 9.12 7.56 3.43
CA GLN B 127 10.40 8.22 3.18
C GLN B 127 10.27 9.73 3.22
N THR B 128 11.24 10.38 3.86
CA THR B 128 11.33 11.83 3.92
C THR B 128 12.76 12.24 3.62
N TYR B 129 12.91 13.45 3.08
CA TYR B 129 14.22 13.94 2.67
C TYR B 129 14.96 14.49 3.88
N ASP B 130 15.90 13.70 4.41
CA ASP B 130 16.77 14.17 5.46
C ASP B 130 17.82 15.11 4.87
N TRP B 131 17.88 16.34 5.40
CA TRP B 131 18.86 17.32 4.97
C TRP B 131 20.20 17.15 5.66
N THR B 132 20.24 16.43 6.79
CA THR B 132 21.52 16.18 7.44
C THR B 132 22.45 15.37 6.54
N LEU B 133 21.88 14.51 5.70
CA LEU B 133 22.65 13.70 4.77
C LEU B 133 22.31 13.99 3.32
N ASN B 134 21.33 14.86 3.05
CA ASN B 134 20.91 15.18 1.70
C ASN B 134 20.44 13.93 0.97
N ARG B 135 19.52 13.19 1.59
CA ARG B 135 19.04 11.97 0.96
C ARG B 135 17.75 11.54 1.62
N ASN B 136 16.99 10.68 0.93
CA ASN B 136 15.75 10.17 1.47
C ASN B 136 16.03 9.06 2.49
N GLN B 137 15.38 9.16 3.64
CA GLN B 137 15.53 8.19 4.71
C GLN B 137 14.19 8.01 5.39
N PRO B 138 14.00 6.94 6.14
CA PRO B 138 12.72 6.75 6.84
C PRO B 138 12.42 7.91 7.76
N ALA B 139 11.12 8.21 7.91
CA ALA B 139 10.70 9.39 8.65
C ALA B 139 11.32 9.42 10.05
N ALA B 140 11.29 8.28 10.74
CA ALA B 140 11.85 8.25 12.10
C ALA B 140 13.33 8.58 12.11
N THR B 141 14.09 8.04 11.16
CA THR B 141 15.52 8.29 11.11
C THR B 141 15.80 9.77 10.87
N ALA B 142 15.10 10.36 9.90
CA ALA B 142 15.31 11.78 9.61
C ALA B 142 14.93 12.65 10.80
N LEU B 143 13.81 12.32 11.45
CA LEU B 143 13.41 13.10 12.62
C LEU B 143 14.45 13.00 13.72
N ALA B 144 14.97 11.80 13.97
CA ALA B 144 16.00 11.64 15.00
C ALA B 144 17.25 12.43 14.67
N ASN B 145 17.69 12.38 13.40
CA ASN B 145 18.88 13.11 13.01
C ASN B 145 18.69 14.62 13.18
N THR B 146 17.53 15.13 12.75
CA THR B 146 17.27 16.56 12.89
C THR B 146 17.21 16.97 14.35
N ILE B 147 16.58 16.15 15.20
CA ILE B 147 16.52 16.46 16.62
C ILE B 147 17.91 16.48 17.22
N GLU B 148 18.75 15.51 16.84
CA GLU B 148 20.12 15.47 17.36
C GLU B 148 20.88 16.72 16.94
N VAL B 149 20.75 17.12 15.68
CA VAL B 149 21.45 18.32 15.21
C VAL B 149 20.96 19.56 15.95
N PHE B 150 19.65 19.68 16.13
CA PHE B 150 19.09 20.83 16.85
C PHE B 150 19.63 20.87 18.27
N ARG B 151 19.60 19.74 18.97
CA ARG B 151 20.10 19.71 20.33
C ARG B 151 21.59 20.05 20.39
N SER B 152 22.36 19.58 19.41
CA SER B 152 23.78 19.95 19.36
C SER B 152 23.98 21.42 19.09
N ASN B 153 23.05 22.06 18.38
CA ASN B 153 23.17 23.48 18.07
C ASN B 153 22.60 24.39 19.15
N GLY B 154 21.85 23.84 20.10
CA GLY B 154 21.28 24.61 21.20
C GLY B 154 19.77 24.76 21.15
N LEU B 155 19.06 24.13 20.21
CA LEU B 155 17.61 24.22 20.13
C LEU B 155 17.04 22.98 20.78
N THR B 156 16.64 23.11 22.05
CA THR B 156 16.20 21.98 22.87
C THR B 156 14.78 22.16 23.38
N ALA B 157 14.00 23.03 22.73
CA ALA B 157 12.60 23.18 23.13
C ALA B 157 11.80 21.92 22.79
N ASN B 158 12.23 21.18 21.77
CA ASN B 158 11.53 19.96 21.40
C ASN B 158 11.57 18.93 22.51
N GLU B 159 12.46 19.10 23.50
CA GLU B 159 12.46 18.22 24.66
C GLU B 159 11.15 18.28 25.42
N SER B 160 10.35 19.32 25.20
CA SER B 160 9.01 19.36 25.79
C SER B 160 8.11 18.26 25.25
N GLY B 161 8.50 17.61 24.15
CA GLY B 161 7.71 16.52 23.62
C GLY B 161 6.48 16.94 22.86
N ARG B 162 6.42 18.20 22.45
CA ARG B 162 5.27 18.74 21.74
C ARG B 162 5.67 19.12 20.32
N LEU B 163 4.81 18.75 19.36
CA LEU B 163 5.09 19.09 17.97
C LEU B 163 5.12 20.59 17.76
N ILE B 164 4.28 21.35 18.48
CA ILE B 164 4.29 22.80 18.36
C ILE B 164 5.64 23.35 18.81
N ASP B 165 6.19 22.79 19.90
CA ASP B 165 7.52 23.21 20.34
C ASP B 165 8.59 22.83 19.33
N PHE B 166 8.46 21.66 18.69
CA PHE B 166 9.41 21.29 17.65
C PHE B 166 9.37 22.29 16.50
N LEU B 167 8.18 22.72 16.11
CA LEU B 167 8.07 23.74 15.05
C LEU B 167 8.62 25.09 15.51
N LYS B 168 8.44 25.43 16.79
CA LYS B 168 9.04 26.65 17.31
C LYS B 168 10.56 26.59 17.18
N ASP B 169 11.14 25.45 17.54
CA ASP B 169 12.59 25.28 17.38
C ASP B 169 12.98 25.34 15.91
N VAL B 170 12.17 24.75 15.03
CA VAL B 170 12.48 24.76 13.60
C VAL B 170 12.55 26.20 13.10
N MET B 171 11.54 27.01 13.45
CA MET B 171 11.55 28.40 13.02
C MET B 171 12.72 29.17 13.64
N GLU B 172 13.00 28.94 14.92
CA GLU B 172 14.14 29.60 15.55
C GLU B 172 15.44 29.25 14.86
N SER B 173 15.56 28.04 14.31
CA SER B 173 16.75 27.66 13.58
C SER B 173 16.96 28.53 12.35
N MET B 174 15.88 29.08 11.79
CA MET B 174 16.00 29.90 10.59
C MET B 174 16.78 31.17 10.84
N ASP B 175 16.86 31.64 12.08
CA ASP B 175 17.51 32.90 12.41
C ASP B 175 18.89 32.71 13.01
N LYS B 176 19.51 31.55 12.81
CA LYS B 176 20.82 31.26 13.36
C LYS B 176 21.91 31.58 12.35
N GLU B 177 23.04 32.08 12.84
CA GLU B 177 24.12 32.48 11.95
C GLU B 177 24.87 31.28 11.38
N GLU B 178 25.01 30.21 12.16
CA GLU B 178 25.87 29.09 11.75
C GLU B 178 25.41 27.84 12.48
N MET B 179 24.94 26.85 11.73
CA MET B 179 24.63 25.54 12.29
C MET B 179 25.74 24.56 11.95
N GLU B 180 25.70 23.39 12.58
CA GLU B 180 26.71 22.37 12.39
C GLU B 180 26.06 21.03 12.10
N ILE B 181 26.60 20.30 11.13
CA ILE B 181 26.11 18.99 10.74
C ILE B 181 27.28 18.01 10.76
N THR B 182 26.94 16.71 10.72
CA THR B 182 27.91 15.64 10.77
C THR B 182 27.89 14.87 9.45
N THR B 183 29.07 14.50 8.96
CA THR B 183 29.18 13.71 7.75
C THR B 183 30.22 12.62 7.93
N HIS B 184 29.94 11.44 7.38
CA HIS B 184 30.85 10.31 7.44
C HIS B 184 31.40 10.00 6.05
N PHE B 185 32.67 9.64 6.00
CA PHE B 185 33.33 9.31 4.74
C PHE B 185 34.43 8.28 4.97
N LYS B 207 34.34 10.94 11.63
CA LYS B 207 33.26 11.85 11.24
C LYS B 207 33.77 13.29 11.19
N LYS B 208 33.20 14.07 10.28
CA LYS B 208 33.59 15.45 10.05
C LYS B 208 32.44 16.38 10.41
N LYS B 209 32.74 17.43 11.17
CA LYS B 209 31.77 18.45 11.52
C LYS B 209 31.86 19.58 10.50
N GLN B 210 30.76 19.87 9.82
CA GLN B 210 30.72 20.91 8.81
C GLN B 210 29.77 22.02 9.25
N ARG B 211 30.10 23.24 8.87
CA ARG B 211 29.32 24.42 9.27
C ARG B 211 28.50 24.92 8.09
N LEU B 212 27.21 25.13 8.34
CA LEU B 212 26.27 25.64 7.35
C LEU B 212 25.87 27.06 7.74
N ASN B 213 26.04 28.00 6.81
CA ASN B 213 25.65 29.38 7.07
C ASN B 213 24.14 29.51 6.99
N LYS B 214 23.65 30.75 7.12
CA LYS B 214 22.22 30.98 7.17
C LYS B 214 21.56 30.57 5.84
N ARG B 215 22.07 31.10 4.72
CA ARG B 215 21.40 30.87 3.44
C ARG B 215 21.43 29.39 3.05
N SER B 216 22.56 28.72 3.28
CA SER B 216 22.66 27.31 2.91
C SER B 216 21.64 26.49 3.71
N TYR B 217 21.52 26.76 5.01
CA TYR B 217 20.55 26.03 5.81
C TYR B 217 19.12 26.37 5.39
N LEU B 218 18.86 27.63 5.04
CA LEU B 218 17.53 27.99 4.55
C LEU B 218 17.17 27.16 3.32
N ILE B 219 18.10 27.09 2.36
CA ILE B 219 17.83 26.33 1.14
C ILE B 219 17.71 24.83 1.44
N ARG B 220 18.50 24.32 2.38
CA ARG B 220 18.40 22.91 2.74
C ARG B 220 17.09 22.59 3.45
N ALA B 221 16.51 23.55 4.15
CA ALA B 221 15.23 23.34 4.81
C ALA B 221 14.05 23.59 3.88
N LEU B 222 14.23 24.37 2.82
CA LEU B 222 13.17 24.67 1.87
C LEU B 222 13.19 23.79 0.63
N THR B 223 14.06 22.79 0.57
CA THR B 223 14.25 22.01 -0.64
C THR B 223 13.44 20.72 -0.60
N LEU B 224 13.21 20.16 -1.79
CA LEU B 224 12.48 18.92 -1.97
C LEU B 224 13.35 17.94 -2.76
N ASN B 225 13.17 16.65 -2.50
CA ASN B 225 13.90 15.61 -3.22
C ASN B 225 12.99 15.00 -4.29
N THR B 226 13.50 14.91 -5.50
CA THR B 226 12.72 14.46 -6.65
C THR B 226 13.13 13.05 -7.05
N MET B 227 12.13 12.20 -7.31
CA MET B 227 12.35 10.84 -7.75
C MET B 227 11.39 10.55 -8.90
N THR B 228 11.55 9.38 -9.51
CA THR B 228 10.69 8.93 -10.60
C THR B 228 9.70 7.90 -10.07
N LYS B 229 8.44 8.07 -10.44
CA LYS B 229 7.38 7.18 -9.96
C LYS B 229 7.34 5.92 -10.82
N ASP B 230 7.47 4.76 -10.19
CA ASP B 230 7.42 3.48 -10.88
C ASP B 230 6.11 2.77 -10.57
N ALA B 231 5.84 1.71 -11.33
CA ALA B 231 4.62 0.93 -11.18
C ALA B 231 3.38 1.79 -11.37
N GLU B 232 3.44 2.69 -12.36
CA GLU B 232 2.35 3.60 -12.69
C GLU B 232 1.71 3.12 -13.98
N ARG B 233 0.51 2.56 -13.89
CA ARG B 233 -0.18 1.99 -15.02
C ARG B 233 -1.19 3.00 -15.58
N GLY B 234 -1.18 3.16 -16.90
CA GLY B 234 -2.19 3.97 -17.56
C GLY B 234 -1.64 5.14 -18.34
N LYS B 235 -0.34 5.14 -18.64
CA LYS B 235 0.23 6.21 -19.43
C LYS B 235 1.57 5.77 -20.00
N LEU B 236 1.89 6.30 -21.18
CA LEU B 236 3.11 5.91 -21.89
C LEU B 236 4.35 6.56 -21.29
N LYS B 237 4.24 7.78 -20.78
CA LYS B 237 5.39 8.53 -20.30
C LYS B 237 5.48 8.45 -18.77
N ARG B 238 6.71 8.52 -18.28
CA ARG B 238 6.96 8.53 -16.84
C ARG B 238 6.84 9.95 -16.29
N ARG B 239 6.57 10.03 -14.99
CA ARG B 239 6.43 11.29 -14.29
C ARG B 239 7.40 11.36 -13.13
N ALA B 240 7.49 12.54 -12.52
CA ALA B 240 8.34 12.78 -11.37
C ALA B 240 7.49 13.13 -10.16
N ILE B 241 7.97 12.71 -8.98
CA ILE B 241 7.30 12.98 -7.72
C ILE B 241 8.32 13.56 -6.76
N ALA B 242 7.81 14.19 -5.70
CA ALA B 242 8.66 14.93 -4.77
C ALA B 242 8.38 14.48 -3.34
N THR B 243 9.41 14.63 -2.50
CA THR B 243 9.35 14.32 -1.09
C THR B 243 9.95 15.49 -0.31
N PRO B 244 9.22 16.07 0.64
CA PRO B 244 9.74 17.21 1.39
C PRO B 244 10.60 16.77 2.56
N GLY B 245 11.16 17.76 3.25
CA GLY B 245 12.01 17.53 4.40
C GLY B 245 11.20 17.32 5.66
N MET B 246 11.89 17.41 6.80
CA MET B 246 11.27 17.22 8.10
C MET B 246 10.90 18.52 8.79
N GLN B 247 11.54 19.64 8.42
CA GLN B 247 11.19 20.91 9.04
C GLN B 247 9.78 21.35 8.67
N ILE B 248 9.32 20.98 7.46
CA ILE B 248 8.05 21.47 6.93
C ILE B 248 6.92 20.46 7.06
N ARG B 249 7.20 19.25 7.52
CA ARG B 249 6.17 18.23 7.58
C ARG B 249 5.17 18.44 8.72
N GLY B 250 5.58 19.08 9.83
CA GLY B 250 4.63 19.36 10.89
C GLY B 250 3.58 20.36 10.48
N PHE B 251 4.00 21.45 9.82
CA PHE B 251 3.05 22.42 9.32
C PHE B 251 2.12 21.80 8.30
N VAL B 252 2.67 20.94 7.44
CA VAL B 252 1.84 20.24 6.45
C VAL B 252 0.84 19.34 7.15
N TYR B 253 1.26 18.67 8.22
CA TYR B 253 0.35 17.81 8.96
C TYR B 253 -0.80 18.62 9.55
N PHE B 254 -0.49 19.76 10.15
CA PHE B 254 -1.56 20.58 10.73
C PHE B 254 -2.50 21.13 9.65
N VAL B 255 -1.93 21.59 8.54
CA VAL B 255 -2.77 22.13 7.46
C VAL B 255 -3.67 21.05 6.89
N GLU B 256 -3.13 19.85 6.69
CA GLU B 256 -3.94 18.76 6.16
C GLU B 256 -4.97 18.30 7.18
N THR B 257 -4.66 18.37 8.47
CA THR B 257 -5.68 18.09 9.48
C THR B 257 -6.85 19.06 9.36
N LEU B 258 -6.54 20.35 9.22
CA LEU B 258 -7.61 21.34 9.04
C LEU B 258 -8.40 21.06 7.77
N ALA B 259 -7.70 20.76 6.67
CA ALA B 259 -8.39 20.54 5.41
C ALA B 259 -9.26 19.29 5.46
N ARG B 260 -8.79 18.23 6.13
CA ARG B 260 -9.60 17.03 6.29
C ARG B 260 -10.84 17.31 7.14
N SER B 261 -10.66 18.04 8.24
CA SER B 261 -11.81 18.40 9.07
C SER B 261 -12.82 19.22 8.27
N ILE B 262 -12.34 20.06 7.36
CA ILE B 262 -13.25 20.87 6.54
C ILE B 262 -13.97 19.98 5.54
N CYS B 263 -13.22 19.17 4.79
CA CYS B 263 -13.81 18.35 3.74
C CYS B 263 -14.80 17.33 4.31
N GLU B 264 -14.55 16.84 5.53
CA GLU B 264 -15.50 15.92 6.14
C GLU B 264 -16.87 16.55 6.31
N LYS B 265 -16.96 17.87 6.33
CA LYS B 265 -18.23 18.57 6.41
C LYS B 265 -18.81 18.92 5.05
N LEU B 266 -18.13 18.56 3.96
CA LEU B 266 -18.58 18.84 2.61
C LEU B 266 -18.94 17.52 1.94
N GLU B 267 -20.19 17.40 1.50
CA GLU B 267 -20.64 16.20 0.80
C GLU B 267 -20.17 16.16 -0.65
N GLN B 268 -19.74 17.29 -1.21
CA GLN B 268 -19.27 17.31 -2.59
C GLN B 268 -17.84 16.82 -2.72
N SER B 269 -17.11 16.69 -1.62
CA SER B 269 -15.75 16.17 -1.64
C SER B 269 -15.76 14.66 -1.53
N GLY B 270 -14.74 14.03 -2.11
CA GLY B 270 -14.64 12.59 -2.09
C GLY B 270 -13.23 12.08 -1.84
N LEU B 271 -12.35 12.98 -1.41
CA LEU B 271 -10.94 12.64 -1.19
C LEU B 271 -10.73 11.96 0.16
N PRO B 272 -11.32 12.45 1.26
CA PRO B 272 -11.08 11.82 2.56
C PRO B 272 -11.89 10.57 2.83
N VAL B 273 -12.55 10.00 1.82
CA VAL B 273 -13.36 8.80 2.01
C VAL B 273 -12.76 7.66 1.20
N GLY B 274 -13.36 6.47 1.31
CA GLY B 274 -12.92 5.32 0.56
C GLY B 274 -13.59 5.24 -0.81
N GLY B 275 -13.49 4.05 -1.40
CA GLY B 275 -14.07 3.87 -2.72
C GLY B 275 -15.59 3.69 -2.69
N ASN B 276 -16.07 2.83 -1.78
CA ASN B 276 -17.50 2.58 -1.71
C ASN B 276 -18.28 3.84 -1.33
N GLU B 277 -17.72 4.63 -0.40
CA GLU B 277 -18.34 5.91 -0.07
C GLU B 277 -18.35 6.83 -1.29
N LYS B 278 -17.28 6.81 -2.08
CA LYS B 278 -17.24 7.60 -3.30
C LYS B 278 -18.37 7.19 -4.24
N LYS B 279 -18.57 5.89 -4.42
CA LYS B 279 -19.63 5.41 -5.29
C LYS B 279 -21.00 5.81 -4.76
N ALA B 280 -21.20 5.70 -3.44
CA ALA B 280 -22.48 6.06 -2.85
C ALA B 280 -22.77 7.54 -3.07
N LYS B 281 -21.78 8.39 -2.84
CA LYS B 281 -21.99 9.83 -3.04
C LYS B 281 -22.24 10.16 -4.51
N LEU B 282 -21.54 9.49 -5.42
CA LEU B 282 -21.77 9.71 -6.84
C LEU B 282 -23.20 9.33 -7.23
N ALA B 283 -23.67 8.18 -6.74
CA ALA B 283 -25.04 7.77 -7.03
C ALA B 283 -26.04 8.77 -6.45
N ASN B 284 -25.80 9.22 -5.22
CA ASN B 284 -26.71 10.18 -4.60
C ASN B 284 -26.77 11.47 -5.39
N VAL B 285 -25.61 11.99 -5.82
CA VAL B 285 -25.61 13.27 -6.53
C VAL B 285 -26.27 13.13 -7.89
N VAL B 286 -26.00 12.04 -8.62
CA VAL B 286 -26.64 11.89 -9.92
C VAL B 286 -28.15 11.77 -9.77
N ARG B 287 -28.61 10.99 -8.78
CA ARG B 287 -30.05 10.86 -8.57
C ARG B 287 -30.67 12.21 -8.18
N LYS B 288 -29.98 12.96 -7.31
CA LYS B 288 -30.49 14.27 -6.91
C LYS B 288 -30.61 15.20 -8.10
N MET B 289 -29.58 15.23 -8.95
CA MET B 289 -29.58 16.17 -10.07
C MET B 289 -30.62 15.78 -11.12
N MET B 290 -30.67 14.50 -11.48
CA MET B 290 -31.59 14.08 -12.54
C MET B 290 -33.03 14.04 -12.03
N THR B 291 -33.25 13.52 -10.83
CA THR B 291 -34.61 13.37 -10.33
C THR B 291 -35.29 14.71 -10.14
N ASN B 292 -34.58 15.67 -9.53
CA ASN B 292 -35.16 17.00 -9.33
C ASN B 292 -35.43 17.69 -10.66
N SER B 293 -34.64 17.37 -11.69
CA SER B 293 -34.87 17.93 -13.00
C SER B 293 -36.19 17.44 -13.57
N GLN B 294 -37.04 18.36 -14.03
CA GLN B 294 -38.32 18.00 -14.61
C GLN B 294 -38.14 17.62 -16.08
N ASP B 295 -39.27 17.34 -16.75
CA ASP B 295 -39.20 16.94 -18.15
C ASP B 295 -38.62 18.03 -19.02
N THR B 296 -38.78 19.31 -18.63
CA THR B 296 -38.33 20.40 -19.49
C THR B 296 -36.82 20.58 -19.41
N GLU B 297 -36.22 20.32 -18.24
CA GLU B 297 -34.78 20.50 -18.07
C GLU B 297 -34.02 19.29 -18.58
N LEU B 298 -33.00 19.54 -19.40
CA LEU B 298 -32.06 18.54 -19.85
C LEU B 298 -30.88 18.45 -18.88
N SER B 299 -30.29 17.26 -18.82
CA SER B 299 -29.20 16.96 -17.90
C SER B 299 -28.03 16.37 -18.67
N PHE B 300 -26.82 16.81 -18.34
CA PHE B 300 -25.62 16.31 -19.00
C PHE B 300 -24.51 16.10 -17.98
N THR B 301 -23.80 14.98 -18.11
CA THR B 301 -22.68 14.65 -17.25
C THR B 301 -21.38 14.83 -18.02
N ILE B 302 -20.44 15.55 -17.39
CA ILE B 302 -19.09 15.75 -17.90
C ILE B 302 -18.15 14.93 -17.05
N THR B 303 -17.37 14.06 -17.72
CA THR B 303 -16.39 13.20 -17.04
C THR B 303 -15.02 13.87 -17.18
N GLY B 304 -14.76 14.84 -16.32
CA GLY B 304 -13.65 15.76 -16.52
C GLY B 304 -12.40 15.35 -15.77
N ASP B 305 -11.26 15.54 -16.45
CA ASP B 305 -9.95 15.42 -15.85
C ASP B 305 -9.23 16.76 -16.02
N ASN B 306 -8.45 17.14 -15.02
CA ASN B 306 -7.76 18.42 -15.01
C ASN B 306 -6.31 18.22 -15.45
N THR B 307 -5.93 18.94 -16.51
CA THR B 307 -4.57 18.85 -17.02
C THR B 307 -3.63 19.71 -16.19
N LYS B 308 -2.50 19.13 -15.78
CA LYS B 308 -1.49 19.84 -15.01
C LYS B 308 -2.10 20.43 -13.75
N TRP B 309 -2.75 19.56 -12.97
CA TRP B 309 -3.45 20.00 -11.77
C TRP B 309 -2.49 20.61 -10.76
N ASN B 310 -1.42 19.89 -10.44
CA ASN B 310 -0.51 20.34 -9.39
C ASN B 310 0.37 21.50 -9.83
N GLU B 311 0.72 21.55 -11.12
CA GLU B 311 1.63 22.58 -11.60
C GLU B 311 1.00 23.96 -11.64
N ASN B 312 -0.34 24.05 -11.58
CA ASN B 312 -1.03 25.32 -11.72
C ASN B 312 -1.65 25.81 -10.42
N GLN B 313 -1.34 25.16 -9.29
CA GLN B 313 -1.87 25.55 -7.99
C GLN B 313 -0.78 26.30 -7.22
N ASN B 314 -0.96 27.61 -7.08
CA ASN B 314 0.07 28.44 -6.46
C ASN B 314 -0.05 28.40 -4.94
N PRO B 315 1.04 28.14 -4.21
CA PRO B 315 0.95 28.10 -2.74
C PRO B 315 0.46 29.40 -2.12
N ARG B 316 0.72 30.54 -2.75
CA ARG B 316 0.22 31.80 -2.22
C ARG B 316 -1.30 31.79 -2.13
N MET B 317 -1.96 31.14 -3.08
CA MET B 317 -3.41 31.08 -3.05
C MET B 317 -3.89 30.20 -1.91
N PHE B 318 -3.17 29.11 -1.62
CA PHE B 318 -3.49 28.32 -0.44
C PHE B 318 -3.29 29.14 0.83
N LEU B 319 -2.26 29.98 0.88
CA LEU B 319 -2.09 30.88 2.00
C LEU B 319 -3.30 31.79 2.16
N ALA B 320 -3.78 32.35 1.05
CA ALA B 320 -4.97 33.20 1.09
C ALA B 320 -6.18 32.44 1.61
N MET B 321 -6.38 31.22 1.10
CA MET B 321 -7.53 30.43 1.54
C MET B 321 -7.46 30.12 3.03
N ILE B 322 -6.28 29.75 3.53
CA ILE B 322 -6.20 29.42 4.95
C ILE B 322 -6.35 30.66 5.82
N THR B 323 -5.78 31.80 5.41
CA THR B 323 -5.94 33.01 6.22
C THR B 323 -7.37 33.52 6.21
N TYR B 324 -8.12 33.24 5.13
CA TYR B 324 -9.55 33.51 5.17
C TYR B 324 -10.28 32.52 6.06
N ILE B 325 -9.85 31.26 6.05
CA ILE B 325 -10.48 30.24 6.87
C ILE B 325 -10.26 30.55 8.35
N THR B 326 -9.06 30.98 8.72
CA THR B 326 -8.68 31.19 10.10
C THR B 326 -8.94 32.63 10.57
N ARG B 327 -9.90 33.32 9.96
CA ARG B 327 -10.27 34.64 10.43
C ARG B 327 -10.95 34.56 11.79
N ASN B 328 -10.74 35.58 12.61
CA ASN B 328 -11.33 35.65 13.95
C ASN B 328 -10.93 34.43 14.78
N GLN B 329 -9.65 34.11 14.75
CA GLN B 329 -9.06 33.02 15.50
C GLN B 329 -7.80 33.51 16.19
N PRO B 330 -7.31 32.80 17.20
CA PRO B 330 -6.09 33.22 17.88
C PRO B 330 -4.94 33.39 16.89
N GLU B 331 -4.16 34.46 17.07
CA GLU B 331 -3.12 34.79 16.10
C GLU B 331 -2.07 33.69 16.00
N TRP B 332 -1.79 33.00 17.10
CA TRP B 332 -0.81 31.92 17.05
C TRP B 332 -1.28 30.78 16.15
N PHE B 333 -2.56 30.45 16.20
CA PHE B 333 -3.11 29.43 15.32
C PHE B 333 -2.96 29.85 13.86
N ARG B 334 -3.29 31.11 13.56
CA ARG B 334 -3.14 31.61 12.19
C ARG B 334 -1.69 31.52 11.74
N ASN B 335 -0.76 31.91 12.61
CA ASN B 335 0.66 31.88 12.24
C ASN B 335 1.13 30.45 11.97
N VAL B 336 0.78 29.52 12.86
CA VAL B 336 1.27 28.15 12.70
C VAL B 336 0.66 27.50 11.47
N LEU B 337 -0.60 27.82 11.15
CA LEU B 337 -1.19 27.28 9.92
C LEU B 337 -0.71 28.00 8.67
N SER B 338 -0.21 29.24 8.79
CA SER B 338 0.28 29.98 7.64
C SER B 338 1.73 29.68 7.32
N ILE B 339 2.49 29.15 8.28
CA ILE B 339 3.91 28.89 8.04
C ILE B 339 4.09 27.95 6.84
N ALA B 340 3.23 26.95 6.70
CA ALA B 340 3.41 25.95 5.64
C ALA B 340 3.36 26.57 4.25
N PRO B 341 2.27 27.20 3.82
CA PRO B 341 2.27 27.81 2.48
C PRO B 341 3.35 28.86 2.30
N ILE B 342 3.78 29.52 3.37
CA ILE B 342 4.87 30.47 3.25
C ILE B 342 6.14 29.77 2.79
N MET B 343 6.40 28.56 3.33
CA MET B 343 7.57 27.80 2.92
C MET B 343 7.38 27.18 1.54
N PHE B 344 6.17 26.71 1.21
CA PHE B 344 5.95 26.19 -0.14
C PHE B 344 6.13 27.27 -1.20
N SER B 345 5.73 28.51 -0.91
CA SER B 345 5.89 29.58 -1.88
C SER B 345 7.36 29.82 -2.22
N ASN B 346 8.26 29.49 -1.29
CA ASN B 346 9.69 29.60 -1.50
C ASN B 346 10.37 28.24 -1.66
N LYS B 347 9.58 27.19 -1.93
CA LYS B 347 10.13 25.85 -1.98
C LYS B 347 11.15 25.72 -3.11
N MET B 348 12.17 24.91 -2.86
CA MET B 348 13.16 24.53 -3.87
C MET B 348 13.05 23.03 -4.11
N ALA B 349 13.48 22.61 -5.29
CA ALA B 349 13.44 21.22 -5.69
C ALA B 349 14.83 20.76 -6.10
N ARG B 350 15.28 19.65 -5.54
CA ARG B 350 16.52 19.04 -5.99
C ARG B 350 16.32 18.40 -7.36
N LEU B 351 17.26 18.64 -8.26
CA LEU B 351 17.07 18.22 -9.65
C LEU B 351 16.93 16.70 -9.73
N GLY B 352 17.74 15.95 -8.99
CA GLY B 352 17.60 14.52 -8.95
C GLY B 352 18.92 13.76 -8.82
N LYS B 353 18.91 12.50 -9.24
CA LYS B 353 20.10 11.67 -9.10
C LYS B 353 21.24 12.20 -9.96
N GLY B 354 20.95 12.60 -11.19
CA GLY B 354 21.96 13.12 -12.08
C GLY B 354 21.79 12.61 -13.50
N TYR B 355 22.88 12.43 -14.23
CA TYR B 355 22.84 11.92 -15.59
C TYR B 355 24.00 10.97 -15.82
N MET B 356 23.74 9.88 -16.51
CA MET B 356 24.76 8.89 -16.82
C MET B 356 25.11 8.97 -18.31
N PHE B 357 26.39 9.05 -18.60
CA PHE B 357 26.92 9.14 -19.96
C PHE B 357 27.64 7.85 -20.31
N GLU B 358 27.65 7.52 -21.61
CA GLU B 358 28.37 6.36 -22.11
C GLU B 358 29.25 6.78 -23.28
N SER B 359 30.46 6.23 -23.34
CA SER B 359 31.39 6.43 -24.44
C SER B 359 31.69 5.07 -25.05
N LYS B 360 31.15 4.82 -26.24
CA LYS B 360 31.35 3.54 -26.90
C LYS B 360 32.73 3.44 -27.54
N SER B 361 33.30 4.56 -28.00
CA SER B 361 34.64 4.52 -28.57
C SER B 361 35.66 4.04 -27.55
N MET B 362 35.60 4.58 -26.33
CA MET B 362 36.46 4.14 -25.25
C MET B 362 35.81 3.08 -24.36
N LYS B 363 34.53 2.78 -24.58
CA LYS B 363 33.85 1.69 -23.89
C LYS B 363 33.87 1.90 -22.38
N LEU B 364 33.21 2.98 -21.94
CA LEU B 364 33.14 3.30 -20.52
C LEU B 364 31.83 4.02 -20.24
N ARG B 365 31.51 4.16 -18.96
CA ARG B 365 30.33 4.90 -18.53
C ARG B 365 30.69 5.77 -17.34
N THR B 366 29.89 6.81 -17.14
CA THR B 366 30.13 7.81 -16.11
C THR B 366 28.81 8.27 -15.55
N GLN B 367 28.82 8.73 -14.30
CA GLN B 367 27.62 9.22 -13.62
C GLN B 367 27.94 10.57 -13.01
N ILE B 368 27.36 11.63 -13.57
CA ILE B 368 27.56 12.99 -13.08
C ILE B 368 26.37 13.36 -12.19
N PRO B 369 26.60 13.88 -10.99
CA PRO B 369 25.47 14.29 -10.15
C PRO B 369 24.74 15.49 -10.75
N ALA B 370 23.47 15.64 -10.36
CA ALA B 370 22.66 16.72 -10.89
C ALA B 370 23.19 18.09 -10.48
N GLU B 371 23.90 18.18 -9.35
CA GLU B 371 24.37 19.47 -8.88
C GLU B 371 25.35 20.11 -9.85
N MET B 372 25.92 19.35 -10.77
CA MET B 372 26.84 19.91 -11.76
C MET B 372 26.12 20.52 -12.95
N LEU B 373 24.79 20.37 -13.04
CA LEU B 373 24.07 20.90 -14.19
C LEU B 373 24.21 22.42 -14.31
N ALA B 374 24.49 23.10 -13.20
CA ALA B 374 24.60 24.56 -13.25
C ALA B 374 25.84 24.99 -14.03
N SER B 375 26.95 24.26 -13.89
CA SER B 375 28.22 24.65 -14.48
C SER B 375 28.70 23.73 -15.59
N ILE B 376 28.23 22.48 -15.62
CA ILE B 376 28.72 21.53 -16.63
C ILE B 376 28.40 22.04 -18.02
N ASP B 377 29.35 21.87 -18.93
CA ASP B 377 29.12 22.24 -20.32
C ASP B 377 27.97 21.43 -20.90
N LEU B 378 27.41 21.92 -22.00
CA LEU B 378 26.23 21.33 -22.62
C LEU B 378 26.57 20.47 -23.83
N LYS B 379 27.84 20.13 -24.02
CA LYS B 379 28.23 19.31 -25.17
C LYS B 379 27.77 17.86 -25.03
N TYR B 380 27.59 17.37 -23.80
CA TYR B 380 27.22 15.98 -23.58
C TYR B 380 25.74 15.72 -23.71
N PHE B 381 24.90 16.75 -23.70
CA PHE B 381 23.46 16.59 -23.64
C PHE B 381 22.85 16.71 -25.02
N ASN B 382 21.77 15.95 -25.24
CA ASN B 382 21.05 16.01 -26.51
C ASN B 382 20.32 17.35 -26.62
N ASP B 383 19.66 17.55 -27.77
CA ASP B 383 19.00 18.83 -28.02
C ASP B 383 17.92 19.11 -26.98
N SER B 384 17.07 18.11 -26.70
CA SER B 384 15.98 18.31 -25.76
C SER B 384 16.52 18.63 -24.36
N THR B 385 17.41 17.78 -23.86
CA THR B 385 17.98 18.03 -22.53
C THR B 385 18.82 19.30 -22.52
N ARG B 386 19.53 19.59 -23.62
CA ARG B 386 20.29 20.83 -23.69
C ARG B 386 19.38 22.03 -23.49
N LYS B 387 18.25 22.05 -24.21
CA LYS B 387 17.33 23.18 -24.09
C LYS B 387 16.69 23.23 -22.70
N LYS B 388 16.34 22.07 -22.14
CA LYS B 388 15.77 22.06 -20.80
C LYS B 388 16.74 22.65 -19.79
N ILE B 389 18.02 22.25 -19.87
CA ILE B 389 19.01 22.78 -18.94
C ILE B 389 19.21 24.28 -19.17
N GLU B 390 19.26 24.71 -20.43
CA GLU B 390 19.43 26.12 -20.71
C GLU B 390 18.28 26.93 -20.12
N LYS B 391 17.06 26.40 -20.18
CA LYS B 391 15.92 27.12 -19.67
C LYS B 391 15.85 27.10 -18.15
N ILE B 392 16.30 26.02 -17.51
CA ILE B 392 16.20 25.92 -16.06
C ILE B 392 17.40 26.49 -15.32
N ARG B 393 18.52 26.74 -16.01
CA ARG B 393 19.71 27.23 -15.33
C ARG B 393 19.48 28.51 -14.55
N PRO B 394 18.76 29.51 -15.07
CA PRO B 394 18.59 30.76 -14.33
C PRO B 394 17.99 30.56 -12.95
N LEU B 395 17.22 29.49 -12.76
CA LEU B 395 16.57 29.20 -11.49
C LEU B 395 17.43 28.32 -10.58
N LEU B 396 18.62 27.93 -11.00
CA LEU B 396 19.46 27.05 -10.20
C LEU B 396 20.17 27.85 -9.11
N ILE B 397 19.97 27.46 -7.87
CA ILE B 397 20.62 28.08 -6.72
C ILE B 397 21.15 26.96 -5.84
N ASP B 398 22.47 26.78 -5.81
CA ASP B 398 23.11 25.79 -4.96
C ASP B 398 22.63 24.37 -5.29
N GLY B 399 22.60 24.05 -6.58
CA GLY B 399 22.26 22.72 -7.01
C GLY B 399 20.79 22.37 -6.94
N THR B 400 19.92 23.34 -6.66
CA THR B 400 18.48 23.11 -6.60
C THR B 400 17.77 24.27 -7.28
N ALA B 401 16.61 23.96 -7.87
CA ALA B 401 15.86 24.92 -8.66
C ALA B 401 14.67 25.45 -7.88
N SER B 402 14.47 26.76 -7.92
CA SER B 402 13.33 27.37 -7.25
C SER B 402 12.05 27.01 -7.98
N LEU B 403 11.03 26.57 -7.24
CA LEU B 403 9.76 26.12 -7.81
C LEU B 403 8.61 26.84 -7.12
N SER B 404 8.73 28.16 -7.00
CA SER B 404 7.68 28.95 -6.36
C SER B 404 6.32 28.84 -7.05
N PRO B 405 6.22 28.87 -8.38
CA PRO B 405 4.90 29.11 -9.01
C PRO B 405 3.81 28.14 -8.58
N GLY B 406 4.11 26.87 -8.38
CA GLY B 406 3.04 25.91 -8.10
C GLY B 406 3.54 24.68 -7.39
N MET B 407 2.58 23.91 -6.88
CA MET B 407 2.89 22.68 -6.17
C MET B 407 3.52 21.66 -7.12
N MET B 408 4.30 20.74 -6.54
CA MET B 408 5.03 19.74 -7.32
C MET B 408 4.23 18.45 -7.48
N MET B 409 3.86 17.80 -6.38
CA MET B 409 3.10 16.55 -6.47
C MET B 409 2.15 16.49 -5.27
N GLY B 410 0.93 16.97 -5.46
CA GLY B 410 -0.17 16.73 -4.54
C GLY B 410 0.17 16.67 -3.07
N MET B 411 1.01 17.60 -2.58
CA MET B 411 1.23 17.68 -1.15
C MET B 411 0.01 18.24 -0.44
N PHE B 412 -0.61 19.28 -1.00
CA PHE B 412 -1.89 19.79 -0.51
C PHE B 412 -3.03 19.21 -1.36
N ASN B 413 -3.25 17.92 -1.18
CA ASN B 413 -4.39 17.28 -1.83
C ASN B 413 -5.70 17.83 -1.28
N MET B 414 -5.80 17.94 0.04
CA MET B 414 -7.08 18.27 0.66
C MET B 414 -7.47 19.71 0.39
N LEU B 415 -6.50 20.64 0.39
CA LEU B 415 -6.81 22.03 0.07
C LEU B 415 -7.22 22.18 -1.39
N SER B 416 -6.58 21.44 -2.28
CA SER B 416 -7.00 21.44 -3.69
C SER B 416 -8.43 20.93 -3.82
N THR B 417 -8.76 19.87 -3.08
CA THR B 417 -10.14 19.37 -3.08
C THR B 417 -11.09 20.43 -2.53
N VAL B 418 -10.65 21.19 -1.52
CA VAL B 418 -11.50 22.26 -0.99
C VAL B 418 -11.77 23.30 -2.05
N LEU B 419 -10.74 23.69 -2.80
CA LEU B 419 -10.93 24.68 -3.87
C LEU B 419 -11.88 24.15 -4.93
N GLY B 420 -11.70 22.89 -5.32
CA GLY B 420 -12.60 22.31 -6.30
C GLY B 420 -14.03 22.23 -5.81
N VAL B 421 -14.22 21.91 -4.53
CA VAL B 421 -15.55 21.86 -3.97
C VAL B 421 -16.16 23.25 -3.92
N SER B 422 -15.35 24.27 -3.65
CA SER B 422 -15.85 25.64 -3.72
C SER B 422 -16.34 25.96 -5.13
N ILE B 423 -15.57 25.57 -6.14
CA ILE B 423 -16.01 25.78 -7.52
C ILE B 423 -17.32 25.05 -7.78
N LEU B 424 -17.42 23.81 -7.34
CA LEU B 424 -18.63 23.03 -7.57
C LEU B 424 -19.84 23.70 -6.90
N ASN B 425 -19.67 24.17 -5.67
CA ASN B 425 -20.77 24.78 -4.93
C ASN B 425 -21.12 26.16 -5.47
N LEU B 426 -20.19 26.82 -6.15
CA LEU B 426 -20.47 28.15 -6.70
C LEU B 426 -21.53 28.13 -7.80
N GLY B 427 -22.10 26.97 -8.13
CA GLY B 427 -23.14 26.89 -9.12
C GLY B 427 -24.42 26.27 -8.58
N GLN B 428 -24.77 26.62 -7.35
CA GLN B 428 -25.93 26.05 -6.67
C GLN B 428 -27.25 26.65 -7.13
N LYS B 429 -27.26 27.39 -8.23
CA LYS B 429 -28.40 28.11 -8.80
C LYS B 429 -28.72 29.37 -8.01
N ARG B 430 -28.08 29.61 -6.86
CA ARG B 430 -28.22 30.87 -6.15
C ARG B 430 -27.17 31.88 -6.58
N TYR B 431 -26.02 31.40 -7.05
CA TYR B 431 -24.97 32.27 -7.58
C TYR B 431 -24.94 32.31 -9.09
N THR B 432 -25.49 31.29 -9.76
CA THR B 432 -25.52 31.30 -11.22
C THR B 432 -26.39 32.43 -11.76
N LYS B 433 -27.51 32.70 -11.09
CA LYS B 433 -28.44 33.74 -11.52
C LYS B 433 -28.97 33.47 -12.94
N THR B 434 -29.16 32.19 -13.28
CA THR B 434 -29.63 31.81 -14.59
C THR B 434 -30.32 30.45 -14.48
N THR B 435 -31.08 30.11 -15.52
CA THR B 435 -31.82 28.86 -15.51
C THR B 435 -30.90 27.65 -15.32
N TYR B 436 -29.75 27.67 -15.98
CA TYR B 436 -28.83 26.55 -15.87
C TYR B 436 -28.19 26.50 -14.49
N TRP B 437 -27.75 25.31 -14.10
CA TRP B 437 -27.05 25.12 -12.84
C TRP B 437 -26.27 23.82 -12.93
N TRP B 438 -25.38 23.62 -11.96
CA TRP B 438 -24.52 22.43 -11.99
C TRP B 438 -24.17 22.01 -10.57
N ASP B 439 -23.78 20.74 -10.46
CA ASP B 439 -23.25 20.18 -9.22
C ASP B 439 -22.32 19.05 -9.63
N GLY B 440 -21.85 18.27 -8.65
CA GLY B 440 -21.05 17.11 -8.97
C GLY B 440 -20.13 16.76 -7.83
N LEU B 441 -19.08 16.00 -8.18
CA LEU B 441 -18.13 15.53 -7.19
C LEU B 441 -16.71 15.78 -7.70
N GLN B 442 -15.86 16.24 -6.79
CA GLN B 442 -14.46 16.58 -7.09
C GLN B 442 -13.55 15.74 -6.20
N SER B 443 -12.59 15.07 -6.81
CA SER B 443 -11.47 14.48 -6.08
C SER B 443 -10.22 14.83 -6.86
N SER B 444 -9.24 15.43 -6.19
CA SER B 444 -8.16 16.16 -6.85
C SER B 444 -7.74 15.49 -8.15
N ASP B 445 -7.72 16.30 -9.23
CA ASP B 445 -7.29 15.93 -10.57
C ASP B 445 -8.38 15.19 -11.36
N ASP B 446 -9.57 15.01 -10.78
CA ASP B 446 -10.64 14.25 -11.40
C ASP B 446 -11.97 14.79 -10.89
N PHE B 447 -12.98 14.83 -11.76
CA PHE B 447 -14.28 15.29 -11.31
C PHE B 447 -15.37 14.78 -12.24
N ALA B 448 -16.58 14.69 -11.70
CA ALA B 448 -17.79 14.44 -12.46
C ALA B 448 -18.72 15.62 -12.23
N LEU B 449 -19.20 16.22 -13.32
CA LEU B 449 -20.00 17.44 -13.25
C LEU B 449 -21.35 17.20 -13.93
N ILE B 450 -22.42 17.23 -13.15
CA ILE B 450 -23.78 17.10 -13.67
C ILE B 450 -24.35 18.49 -13.80
N VAL B 451 -24.67 18.91 -15.02
CA VAL B 451 -25.17 20.24 -15.32
C VAL B 451 -26.56 20.10 -15.94
N ASN B 452 -27.52 20.84 -15.40
CA ASN B 452 -28.88 20.83 -15.91
C ASN B 452 -29.25 22.22 -16.42
N ALA B 453 -30.02 22.25 -17.49
CA ALA B 453 -30.45 23.50 -18.11
C ALA B 453 -31.64 23.20 -19.02
N PRO B 454 -32.53 24.18 -19.20
CA PRO B 454 -33.76 23.91 -19.98
C PRO B 454 -33.50 23.55 -21.43
N ASN B 455 -32.36 23.91 -22.00
CA ASN B 455 -32.10 23.64 -23.41
C ASN B 455 -30.60 23.45 -23.61
N HIS B 456 -30.25 22.89 -24.78
CA HIS B 456 -28.85 22.65 -25.08
C HIS B 456 -28.03 23.94 -24.98
N GLU B 457 -28.63 25.07 -25.36
CA GLU B 457 -27.94 26.34 -25.20
C GLU B 457 -27.65 26.62 -23.73
N GLY B 458 -28.60 26.31 -22.85
CA GLY B 458 -28.36 26.48 -21.43
C GLY B 458 -27.24 25.61 -20.92
N ILE B 459 -27.19 24.34 -21.36
CA ILE B 459 -26.11 23.45 -20.94
C ILE B 459 -24.77 23.99 -21.44
N GLN B 460 -24.73 24.45 -22.69
CA GLN B 460 -23.49 24.99 -23.23
C GLN B 460 -23.03 26.21 -22.43
N ALA B 461 -23.96 27.12 -22.12
CA ALA B 461 -23.60 28.30 -21.34
C ALA B 461 -23.12 27.91 -19.95
N GLY B 462 -23.79 26.95 -19.32
CA GLY B 462 -23.37 26.52 -17.99
C GLY B 462 -21.99 25.93 -17.98
N VAL B 463 -21.70 25.04 -18.92
CA VAL B 463 -20.37 24.43 -18.96
C VAL B 463 -19.33 25.48 -19.30
N ASP B 464 -19.65 26.42 -20.19
CA ASP B 464 -18.69 27.47 -20.53
C ASP B 464 -18.37 28.33 -19.31
N ARG B 465 -19.40 28.72 -18.55
CA ARG B 465 -19.15 29.53 -17.37
C ARG B 465 -18.39 28.75 -16.30
N PHE B 466 -18.68 27.47 -16.14
CA PHE B 466 -17.93 26.65 -15.20
C PHE B 466 -16.46 26.60 -15.58
N TYR B 467 -16.19 26.37 -16.86
CA TYR B 467 -14.80 26.36 -17.33
C TYR B 467 -14.12 27.70 -17.09
N ARG B 468 -14.83 28.79 -17.39
CA ARG B 468 -14.25 30.13 -17.22
C ARG B 468 -13.93 30.39 -15.75
N THR B 469 -14.85 30.04 -14.85
CA THR B 469 -14.61 30.22 -13.43
C THR B 469 -13.44 29.36 -12.96
N CYS B 470 -13.33 28.14 -13.50
CA CYS B 470 -12.18 27.30 -13.15
C CYS B 470 -10.88 27.96 -13.57
N LYS B 471 -10.86 28.56 -14.76
CA LYS B 471 -9.65 29.22 -15.22
C LYS B 471 -9.29 30.45 -14.38
N LEU B 472 -10.25 31.02 -13.65
CA LEU B 472 -9.97 32.14 -12.77
C LEU B 472 -9.36 31.71 -11.45
N LEU B 473 -9.37 30.41 -11.15
CA LEU B 473 -8.82 29.88 -9.91
C LEU B 473 -7.54 29.07 -10.13
N GLY B 474 -6.96 29.18 -11.32
CA GLY B 474 -5.75 28.42 -11.62
C GLY B 474 -5.98 26.95 -11.87
N ILE B 475 -7.23 26.55 -12.12
CA ILE B 475 -7.58 25.15 -12.38
C ILE B 475 -7.95 25.03 -13.85
N ASN B 476 -7.37 24.05 -14.53
CA ASN B 476 -7.57 23.83 -15.95
C ASN B 476 -8.28 22.50 -16.16
N MET B 477 -9.16 22.46 -17.16
CA MET B 477 -9.89 21.25 -17.53
C MET B 477 -9.24 20.65 -18.76
N SER B 478 -8.90 19.36 -18.67
CA SER B 478 -8.25 18.66 -19.78
C SER B 478 -9.30 18.34 -20.84
N LYS B 479 -9.29 19.11 -21.93
CA LYS B 479 -10.25 18.88 -23.00
C LYS B 479 -10.01 17.56 -23.73
N LYS B 480 -8.77 17.07 -23.73
CA LYS B 480 -8.47 15.83 -24.45
C LYS B 480 -8.94 14.60 -23.70
N LYS B 481 -8.92 14.64 -22.36
CA LYS B 481 -9.33 13.50 -21.54
C LYS B 481 -10.71 13.67 -20.94
N SER B 482 -11.54 14.56 -21.50
CA SER B 482 -12.85 14.84 -20.96
C SER B 482 -13.90 14.74 -22.06
N TYR B 483 -15.10 14.32 -21.68
CA TYR B 483 -16.22 14.25 -22.61
C TYR B 483 -17.53 14.41 -21.84
N ILE B 484 -18.56 14.84 -22.55
CA ILE B 484 -19.87 15.13 -21.98
C ILE B 484 -20.91 14.30 -22.71
N ASN B 485 -21.80 13.67 -21.95
CA ASN B 485 -22.90 12.89 -22.52
C ASN B 485 -24.14 13.18 -21.69
N ARG B 486 -25.24 12.48 -21.97
CA ARG B 486 -26.41 12.57 -21.12
C ARG B 486 -26.19 11.81 -19.81
N THR B 487 -26.82 12.29 -18.75
CA THR B 487 -26.64 11.68 -17.44
C THR B 487 -27.16 10.25 -17.44
N GLY B 488 -26.49 9.39 -16.68
CA GLY B 488 -26.82 7.98 -16.63
C GLY B 488 -25.62 7.12 -16.95
N THR B 489 -24.62 7.72 -17.59
CA THR B 489 -23.39 7.01 -17.95
C THR B 489 -22.22 7.97 -17.78
N PHE B 490 -21.23 7.56 -16.98
CA PHE B 490 -20.04 8.39 -16.78
C PHE B 490 -18.97 7.54 -16.11
N GLU B 491 -17.84 8.18 -15.81
CA GLU B 491 -16.70 7.55 -15.17
C GLU B 491 -16.15 8.46 -14.10
N PHE B 492 -15.53 7.86 -13.08
CA PHE B 492 -14.89 8.60 -12.01
C PHE B 492 -13.87 7.71 -11.34
N THR B 493 -12.59 8.04 -11.50
CA THR B 493 -11.50 7.31 -10.86
C THR B 493 -11.65 5.80 -11.08
N SER B 494 -11.70 5.42 -12.35
CA SER B 494 -11.78 4.01 -12.77
C SER B 494 -13.05 3.34 -12.27
N PHE B 495 -14.04 4.11 -11.84
CA PHE B 495 -15.36 3.58 -11.48
C PHE B 495 -16.32 3.99 -12.58
N PHE B 496 -16.86 3.01 -13.30
CA PHE B 496 -17.72 3.25 -14.45
C PHE B 496 -19.17 3.11 -14.00
N TYR B 497 -19.92 4.22 -14.07
CA TYR B 497 -21.32 4.23 -13.70
C TYR B 497 -22.16 4.15 -14.95
N ARG B 498 -23.03 3.14 -15.03
CA ARG B 498 -23.98 2.96 -16.14
C ARG B 498 -25.30 2.55 -15.50
N TYR B 499 -26.13 3.53 -15.16
CA TYR B 499 -27.37 3.28 -14.44
C TYR B 499 -27.10 2.45 -13.18
N GLY B 500 -25.96 2.71 -12.55
CA GLY B 500 -25.51 1.91 -11.44
C GLY B 500 -24.07 1.47 -11.65
N PHE B 501 -23.25 1.52 -10.60
CA PHE B 501 -21.84 1.19 -10.74
C PHE B 501 -21.67 -0.27 -11.15
N VAL B 502 -20.69 -0.51 -12.02
CA VAL B 502 -20.38 -1.84 -12.53
C VAL B 502 -19.02 -2.26 -12.01
N ALA B 503 -18.92 -3.50 -11.56
CA ALA B 503 -17.67 -4.03 -11.05
C ALA B 503 -16.64 -4.15 -12.17
N ASN B 504 -15.38 -3.97 -11.81
CA ASN B 504 -14.28 -4.06 -12.76
C ASN B 504 -13.41 -5.30 -12.51
N PHE B 505 -12.87 -5.43 -11.30
CA PHE B 505 -12.10 -6.61 -10.89
C PHE B 505 -10.74 -6.68 -11.57
N SER B 506 -10.49 -5.80 -12.54
CA SER B 506 -9.19 -5.75 -13.18
C SER B 506 -8.22 -4.82 -12.46
N MET B 507 -8.74 -3.92 -11.61
CA MET B 507 -7.89 -3.06 -10.80
C MET B 507 -7.29 -3.82 -9.61
N GLU B 508 -7.97 -4.86 -9.14
CA GLU B 508 -7.53 -5.63 -7.97
C GLU B 508 -6.82 -6.91 -8.36
N LEU B 509 -6.68 -7.19 -9.65
CA LEU B 509 -6.05 -8.41 -10.11
C LEU B 509 -4.62 -8.52 -9.60
N PRO B 510 -3.83 -7.44 -9.63
CA PRO B 510 -2.44 -7.53 -9.14
C PRO B 510 -2.33 -7.92 -7.68
N SER B 511 -3.41 -7.84 -6.91
CA SER B 511 -3.37 -8.13 -5.48
C SER B 511 -3.80 -9.55 -5.16
N PHE B 512 -3.85 -10.43 -6.18
CA PHE B 512 -4.31 -11.80 -5.99
C PHE B 512 -3.16 -12.79 -5.76
N GLY B 513 -1.92 -12.31 -5.74
CA GLY B 513 -0.77 -13.17 -5.51
C GLY B 513 -0.33 -13.15 -4.06
N VAL B 514 0.81 -13.77 -3.81
CA VAL B 514 1.39 -13.76 -2.47
C VAL B 514 1.87 -12.34 -2.16
N SER B 515 1.38 -11.78 -1.06
CA SER B 515 1.70 -10.40 -0.75
C SER B 515 3.21 -10.20 -0.55
N GLY B 516 3.83 -11.10 0.20
CA GLY B 516 5.27 -11.03 0.42
C GLY B 516 5.63 -10.58 1.82
N ILE B 517 4.73 -10.79 2.77
CA ILE B 517 4.99 -10.44 4.17
C ILE B 517 5.63 -11.62 4.86
N ASN B 518 4.90 -12.73 4.93
CA ASN B 518 5.41 -13.99 5.46
C ASN B 518 4.37 -15.06 5.13
N GLU B 519 4.59 -16.28 5.61
CA GLU B 519 3.74 -17.40 5.20
C GLU B 519 2.32 -17.21 5.71
N SER B 520 2.16 -17.13 7.03
CA SER B 520 0.83 -16.96 7.61
C SER B 520 0.19 -15.66 7.13
N ALA B 521 0.97 -14.58 7.13
CA ALA B 521 0.44 -13.30 6.67
C ALA B 521 0.00 -13.36 5.22
N ASP B 522 0.81 -14.00 4.37
CA ASP B 522 0.44 -14.11 2.96
C ASP B 522 -0.83 -14.91 2.78
N MET B 523 -0.95 -16.04 3.49
CA MET B 523 -2.15 -16.86 3.39
C MET B 523 -3.38 -16.06 3.79
N SER B 524 -3.32 -15.43 4.97
CA SER B 524 -4.47 -14.67 5.45
C SER B 524 -4.81 -13.53 4.52
N ILE B 525 -3.79 -12.81 4.02
CA ILE B 525 -4.03 -11.68 3.15
C ILE B 525 -4.67 -12.14 1.84
N GLY B 526 -4.19 -13.25 1.29
CA GLY B 526 -4.78 -13.74 0.05
C GLY B 526 -6.24 -14.12 0.21
N VAL B 527 -6.55 -14.88 1.27
CA VAL B 527 -7.94 -15.29 1.46
C VAL B 527 -8.81 -14.08 1.75
N THR B 528 -8.31 -13.12 2.54
CA THR B 528 -9.10 -11.93 2.84
C THR B 528 -9.31 -11.07 1.61
N VAL B 529 -8.30 -10.98 0.72
CA VAL B 529 -8.47 -10.22 -0.51
C VAL B 529 -9.52 -10.88 -1.39
N ILE B 530 -9.49 -12.21 -1.50
CA ILE B 530 -10.52 -12.90 -2.27
C ILE B 530 -11.89 -12.59 -1.68
N LYS B 531 -12.01 -12.66 -0.36
CA LYS B 531 -13.29 -12.38 0.29
C LYS B 531 -13.76 -10.97 -0.01
N ASN B 532 -12.88 -9.97 0.16
CA ASN B 532 -13.26 -8.59 -0.03
C ASN B 532 -13.68 -8.32 -1.47
N ASN B 533 -12.89 -8.81 -2.43
CA ASN B 533 -13.25 -8.62 -3.82
C ASN B 533 -14.52 -9.37 -4.19
N MET B 534 -14.86 -10.43 -3.46
CA MET B 534 -16.18 -11.02 -3.60
C MET B 534 -17.27 -10.11 -3.05
N ILE B 535 -17.01 -9.42 -1.95
CA ILE B 535 -18.02 -8.56 -1.35
C ILE B 535 -18.21 -7.28 -2.15
N ASN B 536 -17.10 -6.64 -2.53
CA ASN B 536 -17.18 -5.31 -3.15
C ASN B 536 -17.19 -5.40 -4.68
N ASN B 537 -16.18 -6.02 -5.27
CA ASN B 537 -15.99 -6.02 -6.72
C ASN B 537 -16.78 -7.13 -7.41
N ASP B 538 -17.79 -7.68 -6.76
CA ASP B 538 -18.73 -8.61 -7.40
C ASP B 538 -17.99 -9.77 -8.07
N LEU B 539 -17.02 -10.33 -7.36
CA LEU B 539 -16.32 -11.51 -7.84
C LEU B 539 -17.22 -12.73 -7.71
N GLY B 540 -17.27 -13.54 -8.77
CA GLY B 540 -18.17 -14.67 -8.82
C GLY B 540 -17.73 -15.81 -7.92
N PRO B 541 -18.67 -16.68 -7.56
CA PRO B 541 -18.29 -17.84 -6.72
C PRO B 541 -17.27 -18.76 -7.38
N ALA B 542 -17.56 -19.21 -8.61
CA ALA B 542 -16.63 -20.10 -9.30
C ALA B 542 -15.30 -19.40 -9.55
N THR B 543 -15.36 -18.12 -9.92
CA THR B 543 -14.12 -17.36 -10.10
C THR B 543 -13.35 -17.28 -8.79
N ALA B 544 -14.05 -17.10 -7.67
CA ALA B 544 -13.37 -17.06 -6.38
C ALA B 544 -12.72 -18.39 -6.05
N GLN B 545 -13.40 -19.50 -6.35
CA GLN B 545 -12.80 -20.81 -6.13
C GLN B 545 -11.56 -20.99 -6.99
N MET B 546 -11.62 -20.58 -8.26
CA MET B 546 -10.45 -20.65 -9.12
C MET B 546 -9.31 -19.80 -8.58
N ALA B 547 -9.65 -18.60 -8.08
CA ALA B 547 -8.62 -17.74 -7.50
C ALA B 547 -7.99 -18.39 -6.28
N LEU B 548 -8.80 -19.04 -5.45
CA LEU B 548 -8.26 -19.75 -4.28
C LEU B 548 -7.30 -20.85 -4.72
N GLN B 549 -7.70 -21.63 -5.73
CA GLN B 549 -6.86 -22.72 -6.21
C GLN B 549 -5.53 -22.18 -6.74
N LEU B 550 -5.60 -21.15 -7.58
CA LEU B 550 -4.37 -20.60 -8.17
C LEU B 550 -3.49 -19.97 -7.10
N PHE B 551 -4.10 -19.28 -6.13
CA PHE B 551 -3.32 -18.69 -5.06
C PHE B 551 -2.63 -19.75 -4.23
N ILE B 552 -3.32 -20.86 -3.93
CA ILE B 552 -2.70 -21.93 -3.18
C ILE B 552 -1.54 -22.54 -3.96
N LYS B 553 -1.73 -22.74 -5.27
CA LYS B 553 -0.65 -23.27 -6.09
C LYS B 553 0.57 -22.36 -6.05
N ASP B 554 0.36 -21.06 -6.28
CA ASP B 554 1.47 -20.12 -6.26
C ASP B 554 2.11 -20.03 -4.89
N TYR B 555 1.30 -20.08 -3.83
CA TYR B 555 1.83 -20.05 -2.47
C TYR B 555 2.72 -21.24 -2.18
N ARG B 556 2.27 -22.44 -2.57
CA ARG B 556 3.10 -23.62 -2.35
C ARG B 556 4.36 -23.57 -3.19
N TYR B 557 4.27 -23.07 -4.43
CA TYR B 557 5.44 -23.01 -5.29
C TYR B 557 6.40 -21.89 -4.89
N THR B 558 5.94 -20.91 -4.12
CA THR B 558 6.79 -19.80 -3.70
C THR B 558 7.53 -20.10 -2.40
N TYR B 559 6.85 -20.70 -1.43
CA TYR B 559 7.42 -21.02 -0.13
C TYR B 559 7.96 -22.44 -0.07
N ARG B 560 8.00 -23.15 -1.19
CA ARG B 560 8.58 -24.49 -1.24
C ARG B 560 7.87 -25.44 -0.26
N CYS B 561 6.57 -25.22 -0.06
CA CYS B 561 5.75 -26.02 0.85
C CYS B 561 4.71 -26.74 0.00
N HIS B 562 5.07 -27.91 -0.50
CA HIS B 562 4.18 -28.70 -1.32
C HIS B 562 3.40 -29.69 -0.46
N ARG B 563 2.40 -30.32 -1.07
CA ARG B 563 1.41 -31.10 -0.32
C ARG B 563 2.04 -32.14 0.60
N GLY B 564 3.29 -32.54 0.34
CA GLY B 564 3.98 -33.50 1.17
C GLY B 564 3.85 -34.93 0.71
N ASP B 565 2.70 -35.28 0.14
CA ASP B 565 2.49 -36.60 -0.44
C ASP B 565 3.00 -36.69 -1.86
N THR B 566 3.56 -35.62 -2.41
CA THR B 566 4.11 -35.59 -3.74
C THR B 566 5.62 -35.86 -3.69
N GLN B 567 6.20 -36.07 -4.87
CA GLN B 567 7.63 -36.32 -5.02
C GLN B 567 8.32 -35.13 -5.68
N ILE B 568 7.90 -33.92 -5.33
CA ILE B 568 8.50 -32.70 -5.85
C ILE B 568 9.69 -32.37 -4.96
N GLN B 569 10.89 -32.66 -5.44
CA GLN B 569 12.10 -32.40 -4.66
C GLN B 569 12.39 -30.91 -4.64
N THR B 570 12.52 -30.35 -3.45
CA THR B 570 12.88 -28.95 -3.24
C THR B 570 13.89 -28.87 -2.10
N ARG B 571 14.30 -27.65 -1.78
CA ARG B 571 15.18 -27.44 -0.63
C ARG B 571 14.48 -27.68 0.70
N ARG B 572 13.16 -27.83 0.70
CA ARG B 572 12.38 -27.99 1.91
C ARG B 572 11.48 -29.21 1.88
N SER B 573 11.65 -30.09 0.88
CA SER B 573 10.77 -31.24 0.70
C SER B 573 11.10 -32.40 1.63
N PHE B 574 12.26 -32.39 2.28
CA PHE B 574 12.64 -33.51 3.13
C PHE B 574 12.03 -33.37 4.52
N GLU B 575 12.27 -32.24 5.16
CA GLU B 575 11.69 -32.00 6.49
C GLU B 575 10.17 -32.04 6.42
N ILE B 576 9.60 -31.48 5.36
CA ILE B 576 8.15 -31.50 5.19
C ILE B 576 7.67 -32.94 5.09
N LYS B 577 8.37 -33.78 4.34
CA LYS B 577 7.93 -35.16 4.19
C LYS B 577 8.06 -35.94 5.49
N LYS B 578 9.12 -35.72 6.27
CA LYS B 578 9.20 -36.41 7.56
C LYS B 578 8.12 -35.92 8.52
N LEU B 579 7.81 -34.63 8.51
CA LEU B 579 6.72 -34.14 9.33
C LEU B 579 5.40 -34.77 8.89
N TRP B 580 5.22 -34.94 7.57
CA TRP B 580 4.02 -35.59 7.05
C TRP B 580 3.91 -37.02 7.55
N GLU B 581 4.99 -37.80 7.41
CA GLU B 581 4.97 -39.19 7.84
C GLU B 581 4.88 -39.33 9.35
N GLN B 582 5.34 -38.32 10.10
CA GLN B 582 5.26 -38.37 11.56
C GLN B 582 3.85 -38.11 12.04
N THR B 583 3.14 -37.20 11.39
CA THR B 583 1.81 -36.81 11.84
C THR B 583 0.80 -37.93 11.57
N ARG B 584 -0.14 -38.10 12.50
CA ARG B 584 -1.19 -39.10 12.36
C ARG B 584 -2.42 -38.52 11.66
N SER B 585 -2.93 -37.39 12.17
CA SER B 585 -4.04 -36.70 11.53
C SER B 585 -3.45 -35.65 10.60
N LYS B 586 -3.13 -36.07 9.37
CA LYS B 586 -2.46 -35.20 8.41
C LYS B 586 -3.35 -34.10 7.87
N ALA B 587 -4.67 -34.17 8.11
CA ALA B 587 -5.58 -33.12 7.64
C ALA B 587 -5.43 -31.83 8.43
N GLY B 588 -4.72 -31.83 9.56
CA GLY B 588 -4.58 -30.65 10.37
C GLY B 588 -3.32 -29.86 10.07
N LEU B 589 -2.45 -30.42 9.23
CA LEU B 589 -1.22 -29.72 8.86
C LEU B 589 -1.53 -28.48 8.04
N LEU B 590 -0.82 -27.39 8.33
CA LEU B 590 -0.99 -26.16 7.58
C LEU B 590 -0.37 -26.30 6.19
N VAL B 591 -0.91 -25.53 5.24
CA VAL B 591 -0.36 -25.54 3.89
C VAL B 591 1.11 -25.12 3.91
N SER B 592 1.49 -24.28 4.88
CA SER B 592 2.89 -23.90 5.02
C SER B 592 3.77 -25.08 5.39
N ASP B 593 3.22 -26.09 6.06
CA ASP B 593 3.97 -27.28 6.46
C ASP B 593 3.67 -28.48 5.57
N GLY B 594 3.06 -28.25 4.42
CA GLY B 594 2.77 -29.32 3.48
C GLY B 594 1.55 -30.12 3.85
N GLY B 595 0.43 -29.44 4.08
CA GLY B 595 -0.81 -30.10 4.39
C GLY B 595 -1.90 -29.75 3.40
N PRO B 596 -3.01 -30.48 3.44
CA PRO B 596 -4.10 -30.21 2.51
C PRO B 596 -4.76 -28.87 2.79
N ASN B 597 -5.39 -28.32 1.76
CA ASN B 597 -6.07 -27.03 1.84
C ASN B 597 -7.56 -27.29 2.03
N LEU B 598 -8.10 -26.80 3.16
CA LEU B 598 -9.50 -26.95 3.48
C LEU B 598 -10.32 -25.69 3.21
N TYR B 599 -9.71 -24.68 2.58
CA TYR B 599 -10.40 -23.43 2.34
C TYR B 599 -11.47 -23.58 1.27
N ASN B 600 -12.50 -22.75 1.37
CA ASN B 600 -13.57 -22.71 0.39
C ASN B 600 -14.31 -21.39 0.55
N ILE B 601 -15.33 -21.18 -0.27
CA ILE B 601 -16.05 -19.90 -0.24
C ILE B 601 -16.62 -19.63 1.15
N ARG B 602 -16.96 -20.69 1.89
CA ARG B 602 -17.51 -20.51 3.23
C ARG B 602 -16.43 -20.26 4.28
N ASN B 603 -15.17 -20.56 3.99
CA ASN B 603 -14.09 -20.49 4.96
C ASN B 603 -13.10 -19.36 4.68
N LEU B 604 -13.47 -18.40 3.83
CA LEU B 604 -12.54 -17.35 3.45
C LEU B 604 -12.33 -16.31 4.54
N HIS B 605 -13.14 -16.33 5.61
CA HIS B 605 -13.04 -15.35 6.68
C HIS B 605 -12.49 -15.95 7.97
N ILE B 606 -11.83 -17.11 7.89
CA ILE B 606 -11.31 -17.81 9.05
C ILE B 606 -9.80 -17.96 8.87
N PRO B 607 -8.98 -17.66 9.87
CA PRO B 607 -7.55 -17.94 9.75
C PRO B 607 -7.28 -19.42 9.60
N GLU B 608 -6.18 -19.73 8.92
CA GLU B 608 -5.84 -21.12 8.64
C GLU B 608 -5.63 -21.90 9.94
N VAL B 609 -4.96 -21.29 10.93
CA VAL B 609 -4.65 -22.01 12.15
C VAL B 609 -5.92 -22.43 12.86
N CYS B 610 -6.91 -21.54 12.95
CA CYS B 610 -8.14 -21.85 13.65
C CYS B 610 -9.03 -22.79 12.86
N LEU B 611 -8.96 -22.78 11.54
CA LEU B 611 -9.74 -23.70 10.73
C LEU B 611 -9.25 -25.13 10.88
N LYS B 612 -7.96 -25.32 11.12
CA LYS B 612 -7.36 -26.64 11.27
C LYS B 612 -7.01 -26.97 12.72
N TRP B 613 -7.54 -26.19 13.67
CA TRP B 613 -7.14 -26.37 15.07
C TRP B 613 -7.57 -27.74 15.59
N GLU B 614 -8.81 -28.13 15.32
CA GLU B 614 -9.33 -29.38 15.87
C GLU B 614 -8.76 -30.61 15.17
N LEU B 615 -8.11 -30.46 14.02
CA LEU B 615 -7.52 -31.59 13.31
C LEU B 615 -6.06 -31.79 13.60
N MET B 616 -5.38 -30.80 14.20
CA MET B 616 -3.96 -30.92 14.46
C MET B 616 -3.70 -31.89 15.62
N ASP B 617 -2.58 -32.61 15.53
CA ASP B 617 -2.11 -33.40 16.64
C ASP B 617 -1.53 -32.49 17.72
N GLU B 618 -1.74 -32.86 18.98
CA GLU B 618 -1.33 -31.98 20.07
C GLU B 618 0.16 -31.71 20.04
N ASP B 619 0.98 -32.68 19.64
CA ASP B 619 2.42 -32.45 19.55
C ASP B 619 2.73 -31.39 18.51
N TYR B 620 2.19 -31.55 17.29
CA TYR B 620 2.43 -30.57 16.24
C TYR B 620 1.80 -29.23 16.59
N GLN B 621 0.62 -29.26 17.21
CA GLN B 621 -0.03 -28.01 17.61
C GLN B 621 0.83 -27.25 18.62
N GLY B 622 1.38 -27.94 19.61
CA GLY B 622 2.23 -27.28 20.58
C GLY B 622 3.53 -26.79 19.98
N ARG B 623 4.15 -27.58 19.11
CA ARG B 623 5.38 -27.14 18.47
C ARG B 623 5.13 -25.91 17.60
N LEU B 624 4.00 -25.88 16.90
CA LEU B 624 3.71 -24.75 16.01
C LEU B 624 3.50 -23.47 16.80
N CYS B 625 2.52 -23.46 17.71
CA CYS B 625 2.14 -22.25 18.43
C CYS B 625 2.84 -22.24 19.80
N ASN B 626 4.16 -22.10 19.76
CA ASN B 626 4.97 -22.06 20.97
C ASN B 626 5.47 -20.63 21.19
N PRO B 627 5.12 -19.97 22.30
CA PRO B 627 5.58 -18.59 22.49
C PRO B 627 7.10 -18.45 22.45
N LEU B 628 7.82 -19.44 22.96
CA LEU B 628 9.28 -19.40 22.99
C LEU B 628 9.92 -19.58 21.63
N ASN B 629 9.17 -19.64 20.54
CA ASN B 629 9.77 -19.83 19.23
C ASN B 629 10.71 -18.66 18.92
N PRO B 630 11.88 -18.92 18.33
CA PRO B 630 12.81 -17.83 18.02
C PRO B 630 12.50 -17.06 16.75
N PHE B 631 11.38 -17.36 16.08
CA PHE B 631 11.04 -16.74 14.80
C PHE B 631 10.09 -15.55 14.96
N VAL B 632 9.08 -15.67 15.81
CA VAL B 632 8.09 -14.61 15.97
C VAL B 632 8.74 -13.41 16.62
N SER B 633 8.54 -12.22 16.03
CA SER B 633 9.03 -10.98 16.59
C SER B 633 7.95 -9.91 16.42
N HIS B 634 7.57 -9.28 17.53
CA HIS B 634 6.57 -8.22 17.54
C HIS B 634 7.21 -6.96 18.08
N LYS B 635 7.06 -5.86 17.35
CA LYS B 635 7.71 -4.60 17.70
C LYS B 635 6.76 -3.64 18.40
N GLU B 636 5.63 -3.32 17.78
CA GLU B 636 4.71 -2.34 18.31
C GLU B 636 3.28 -2.76 18.01
N ILE B 637 2.33 -2.13 18.71
CA ILE B 637 0.91 -2.42 18.49
C ILE B 637 0.51 -2.08 17.06
N GLU B 638 1.18 -1.09 16.44
CA GLU B 638 0.81 -0.68 15.09
C GLU B 638 1.17 -1.74 14.06
N SER B 639 2.28 -2.46 14.27
CA SER B 639 2.79 -3.42 13.29
C SER B 639 2.51 -4.86 13.68
N VAL B 640 1.40 -5.11 14.38
CA VAL B 640 1.08 -6.48 14.79
C VAL B 640 0.52 -7.27 13.62
N ASN B 641 -0.62 -6.83 13.08
CA ASN B 641 -1.28 -7.51 11.97
C ASN B 641 -1.72 -6.49 10.93
N ASN B 642 -0.85 -5.53 10.63
CA ASN B 642 -1.07 -4.53 9.61
C ASN B 642 -0.04 -4.72 8.51
N ALA B 643 -0.51 -4.84 7.27
CA ALA B 643 0.36 -5.02 6.12
C ALA B 643 0.14 -3.89 5.13
N VAL B 644 1.22 -3.27 4.68
CA VAL B 644 1.17 -2.13 3.78
C VAL B 644 1.27 -2.70 2.35
N MET B 645 0.15 -2.71 1.65
CA MET B 645 0.10 -3.16 0.26
C MET B 645 -0.21 -1.95 -0.61
N MET B 646 0.74 -1.56 -1.45
CA MET B 646 0.52 -0.46 -2.37
C MET B 646 -0.42 -0.90 -3.48
N PRO B 647 -1.68 -0.48 -3.49
CA PRO B 647 -2.61 -0.96 -4.52
C PRO B 647 -2.28 -0.37 -5.88
N ALA B 648 -2.61 -1.14 -6.91
CA ALA B 648 -2.43 -0.66 -8.28
C ALA B 648 -3.37 0.51 -8.55
N HIS B 649 -2.84 1.56 -9.16
CA HIS B 649 -3.62 2.74 -9.51
C HIS B 649 -4.20 3.40 -8.25
N GLY B 650 -3.35 3.62 -7.25
CA GLY B 650 -3.75 4.28 -6.03
C GLY B 650 -2.60 4.50 -5.07
N PRO B 651 -2.84 5.27 -4.02
CA PRO B 651 -1.79 5.51 -3.02
C PRO B 651 -1.62 4.33 -2.09
N ALA B 652 -0.46 4.30 -1.43
CA ALA B 652 -0.15 3.21 -0.52
C ALA B 652 -1.22 3.08 0.55
N LYS B 653 -1.64 1.84 0.82
CA LYS B 653 -2.71 1.57 1.76
C LYS B 653 -2.28 0.45 2.71
N ASN B 654 -2.92 0.44 3.89
CA ASN B 654 -2.66 -0.56 4.92
C ASN B 654 -3.90 -1.41 5.12
N MET B 655 -3.69 -2.69 5.41
CA MET B 655 -4.80 -3.63 5.63
C MET B 655 -4.58 -4.38 6.92
N GLU B 656 -5.69 -4.56 7.66
CA GLU B 656 -5.75 -5.46 8.80
C GLU B 656 -6.01 -6.87 8.29
N TYR B 657 -5.11 -7.79 8.61
CA TYR B 657 -5.25 -9.19 8.21
C TYR B 657 -5.32 -10.06 9.47
N ASP B 658 -6.29 -10.96 9.50
CA ASP B 658 -6.48 -11.85 10.64
C ASP B 658 -5.48 -13.00 10.56
N ALA B 659 -4.66 -13.15 11.59
CA ALA B 659 -3.67 -14.22 11.61
C ALA B 659 -3.34 -14.56 13.06
N VAL B 660 -2.97 -15.81 13.28
CA VAL B 660 -2.55 -16.31 14.58
C VAL B 660 -1.03 -16.36 14.61
N ALA B 661 -0.45 -15.88 15.71
CA ALA B 661 1.01 -15.83 15.83
C ALA B 661 1.53 -17.25 15.93
N THR B 662 2.08 -17.76 14.83
CA THR B 662 2.67 -19.09 14.77
C THR B 662 4.16 -18.97 14.48
N THR B 663 4.81 -20.13 14.43
CA THR B 663 6.23 -20.16 14.07
C THR B 663 6.48 -19.71 12.63
N HIS B 664 5.43 -19.61 11.82
CA HIS B 664 5.54 -19.16 10.45
C HIS B 664 5.46 -17.64 10.31
N SER B 665 5.30 -16.91 11.40
CA SER B 665 5.17 -15.46 11.37
C SER B 665 6.51 -14.75 11.38
N TRP B 666 7.58 -15.42 10.96
CA TRP B 666 8.89 -14.82 10.90
C TRP B 666 8.86 -13.55 10.05
N ILE B 667 9.88 -12.72 10.22
CA ILE B 667 10.07 -11.53 9.38
C ILE B 667 11.27 -11.79 8.48
N PRO B 668 11.24 -11.36 7.22
CA PRO B 668 12.28 -11.74 6.27
C PRO B 668 13.58 -10.97 6.50
N LYS B 669 14.60 -11.37 5.75
CA LYS B 669 15.91 -10.75 5.83
C LYS B 669 15.87 -9.31 5.35
N ARG B 670 16.77 -8.49 5.90
CA ARG B 670 16.88 -7.09 5.50
C ARG B 670 17.87 -6.95 4.34
N ASN B 671 18.05 -5.71 3.89
CA ASN B 671 18.80 -5.48 2.64
C ASN B 671 20.24 -5.94 2.78
N ARG B 672 20.95 -5.49 3.83
CA ARG B 672 22.32 -5.87 4.15
C ARG B 672 23.36 -5.20 3.25
N SER B 673 22.96 -4.27 2.38
CA SER B 673 23.93 -3.58 1.52
C SER B 673 24.58 -2.38 2.19
N ILE B 674 24.12 -2.00 3.39
CA ILE B 674 24.73 -0.89 4.09
C ILE B 674 26.18 -1.14 4.45
N LEU B 675 26.61 -2.40 4.46
CA LEU B 675 27.95 -2.75 4.91
C LEU B 675 29.03 -2.22 3.98
N ASN B 676 28.70 -1.93 2.72
CA ASN B 676 29.67 -1.46 1.75
C ASN B 676 29.66 0.05 1.58
N THR B 677 28.91 0.78 2.41
CA THR B 677 28.76 2.22 2.30
C THR B 677 29.43 2.91 3.48
N SER B 678 29.81 4.17 3.27
CA SER B 678 30.37 4.96 4.36
C SER B 678 29.38 5.16 5.48
N GLN B 679 28.08 5.03 5.21
CA GLN B 679 27.06 5.09 6.24
C GLN B 679 26.92 3.73 6.91
N ARG B 680 28.04 3.17 7.37
CA ARG B 680 28.04 1.86 8.01
C ARG B 680 27.79 1.96 9.51
N GLY B 681 28.13 3.08 10.13
CA GLY B 681 27.90 3.25 11.55
C GLY B 681 26.43 3.32 11.93
N ILE B 682 25.54 3.54 10.96
CA ILE B 682 24.12 3.57 11.26
C ILE B 682 23.65 2.21 11.79
N LEU B 683 24.28 1.12 11.34
CA LEU B 683 23.88 -0.19 11.83
C LEU B 683 24.28 -0.40 13.28
N GLU B 684 25.46 0.07 13.67
CA GLU B 684 25.86 -0.02 15.07
C GLU B 684 24.93 0.79 15.95
N ASP B 685 24.57 2.01 15.51
CA ASP B 685 23.61 2.81 16.25
C ASP B 685 22.27 2.11 16.34
N GLU B 686 21.84 1.49 15.24
CA GLU B 686 20.60 0.72 15.27
C GLU B 686 20.66 -0.38 16.33
N GLN B 687 21.75 -1.14 16.34
CA GLN B 687 21.86 -2.24 17.29
C GLN B 687 21.85 -1.73 18.72
N MET B 688 22.60 -0.66 18.99
CA MET B 688 22.64 -0.13 20.36
C MET B 688 21.28 0.43 20.79
N TYR B 689 20.63 1.16 19.90
CA TYR B 689 19.29 1.68 20.21
C TYR B 689 18.31 0.55 20.47
N GLN B 690 18.38 -0.52 19.67
CA GLN B 690 17.47 -1.64 19.88
C GLN B 690 17.77 -2.37 21.19
N LYS B 691 19.04 -2.50 21.54
CA LYS B 691 19.38 -3.11 22.83
C LYS B 691 18.82 -2.28 23.98
N CYS B 692 19.00 -0.96 23.91
CA CYS B 692 18.47 -0.10 24.98
C CYS B 692 16.94 -0.17 25.02
N CYS B 693 16.30 -0.18 23.84
CA CYS B 693 14.84 -0.25 23.80
C CYS B 693 14.33 -1.56 24.36
N ASN B 694 15.00 -2.68 24.06
CA ASN B 694 14.61 -3.96 24.61
C ASN B 694 14.77 -3.97 26.13
N LEU B 695 15.87 -3.40 26.62
CA LEU B 695 16.06 -3.31 28.07
C LEU B 695 14.95 -2.48 28.71
N PHE B 696 14.62 -1.34 28.10
CA PHE B 696 13.55 -0.51 28.64
C PHE B 696 12.22 -1.25 28.64
N GLU B 697 11.93 -1.96 27.55
CA GLU B 697 10.67 -2.72 27.47
C GLU B 697 10.62 -3.78 28.56
N LYS B 698 11.72 -4.50 28.79
CA LYS B 698 11.76 -5.43 29.90
C LYS B 698 11.59 -4.72 31.23
N PHE B 699 12.04 -3.47 31.31
CA PHE B 699 11.80 -2.67 32.50
C PHE B 699 10.40 -2.06 32.50
N PHE B 700 9.91 -1.65 31.33
CA PHE B 700 8.59 -1.04 31.18
C PHE B 700 7.81 -1.86 30.16
N PRO B 701 7.07 -2.87 30.59
CA PRO B 701 6.39 -3.76 29.62
C PRO B 701 5.43 -3.03 28.70
N SER B 702 4.84 -1.92 29.13
CA SER B 702 3.88 -1.20 28.30
C SER B 702 4.53 -0.28 27.28
N SER B 703 5.85 -0.39 27.10
CA SER B 703 6.54 0.52 26.18
C SER B 703 6.00 0.41 24.77
N SER B 704 5.66 -0.80 24.33
CA SER B 704 5.21 -0.99 22.96
C SER B 704 3.74 -0.56 22.79
N TYR B 705 2.85 -1.07 23.65
CA TYR B 705 1.43 -0.82 23.45
C TYR B 705 1.10 0.66 23.57
N ARG B 706 1.52 1.28 24.67
CA ARG B 706 1.41 2.73 24.86
C ARG B 706 2.81 3.31 24.95
N ARG B 707 3.14 4.19 24.02
CA ARG B 707 4.45 4.82 23.99
C ARG B 707 4.66 5.63 25.27
N PRO B 708 5.74 5.40 26.03
CA PRO B 708 5.92 6.13 27.28
C PRO B 708 6.08 7.63 27.03
N VAL B 709 5.68 8.41 28.03
CA VAL B 709 5.79 9.86 27.99
C VAL B 709 6.45 10.33 29.27
N GLY B 710 7.06 11.51 29.20
CA GLY B 710 7.74 12.08 30.33
C GLY B 710 8.91 12.94 29.87
N ILE B 711 9.65 13.45 30.86
CA ILE B 711 10.81 14.29 30.61
C ILE B 711 12.06 13.78 31.31
N SER B 712 11.99 12.65 32.02
CA SER B 712 13.17 12.07 32.63
C SER B 712 13.97 11.28 31.60
N SER B 713 15.14 10.82 32.02
CA SER B 713 16.03 10.03 31.17
C SER B 713 15.88 8.55 31.47
N MET B 714 16.46 7.72 30.59
CA MET B 714 16.28 6.28 30.67
C MET B 714 16.70 5.75 32.03
N VAL B 715 17.99 5.93 32.35
CA VAL B 715 18.58 5.21 33.47
C VAL B 715 17.87 5.55 34.77
N GLU B 716 17.38 6.78 34.91
CA GLU B 716 16.64 7.14 36.12
C GLU B 716 15.44 6.22 36.30
N ALA B 717 14.60 6.13 35.28
CA ALA B 717 13.41 5.29 35.38
C ALA B 717 13.79 3.83 35.58
N MET B 718 14.78 3.34 34.82
CA MET B 718 15.12 1.93 34.91
C MET B 718 15.67 1.58 36.30
N VAL B 719 16.58 2.39 36.84
CA VAL B 719 17.16 2.09 38.14
C VAL B 719 16.10 2.21 39.24
N SER B 720 15.26 3.24 39.16
CA SER B 720 14.27 3.43 40.22
C SER B 720 13.25 2.30 40.21
N ARG B 721 12.80 1.89 39.03
CA ARG B 721 11.90 0.75 38.95
C ARG B 721 12.59 -0.53 39.39
N ALA B 722 13.89 -0.66 39.16
CA ALA B 722 14.61 -1.81 39.71
C ALA B 722 14.52 -1.81 41.23
N ARG B 723 14.79 -0.66 41.86
CA ARG B 723 14.62 -0.52 43.30
C ARG B 723 13.27 -1.09 43.70
N ILE B 724 12.21 -0.49 43.16
CA ILE B 724 10.86 -0.78 43.67
C ILE B 724 10.46 -2.22 43.37
N ASP B 725 10.77 -2.71 42.17
CA ASP B 725 10.33 -4.05 41.80
C ASP B 725 11.05 -5.10 42.63
N ALA B 726 12.35 -4.92 42.87
CA ALA B 726 13.05 -5.83 43.78
C ALA B 726 12.38 -5.82 45.14
N ARG B 727 12.14 -4.63 45.69
CA ARG B 727 11.43 -4.52 46.96
C ARG B 727 10.17 -5.38 46.97
N ILE B 728 9.23 -5.05 46.08
CA ILE B 728 7.89 -5.62 46.17
C ILE B 728 7.90 -7.10 45.82
N ASP B 729 8.73 -7.50 44.86
CA ASP B 729 8.81 -8.89 44.49
C ASP B 729 9.45 -9.73 45.59
N PHE B 730 10.25 -9.12 46.47
CA PHE B 730 10.48 -9.76 47.76
C PHE B 730 9.24 -9.78 48.64
N GLU B 731 8.58 -8.65 48.84
CA GLU B 731 7.46 -8.66 49.76
C GLU B 731 6.49 -9.80 49.41
N SER B 732 6.56 -10.30 48.18
CA SER B 732 6.05 -11.64 47.85
C SER B 732 6.65 -12.06 46.52
N GLY B 733 7.53 -13.06 46.53
CA GLY B 733 8.08 -13.59 45.30
C GLY B 733 9.45 -14.20 45.50
N ARG B 734 10.11 -14.46 44.36
CA ARG B 734 11.35 -15.22 44.33
C ARG B 734 12.50 -14.51 45.03
N ILE B 735 12.55 -13.18 44.97
CA ILE B 735 13.70 -12.44 45.48
C ILE B 735 13.99 -12.88 46.92
N LYS B 736 15.23 -12.68 47.37
CA LYS B 736 15.59 -12.88 48.77
C LYS B 736 16.38 -11.67 49.26
N LYS B 737 16.44 -11.50 50.59
CA LYS B 737 17.19 -10.39 51.18
C LYS B 737 18.56 -10.26 50.54
N GLU B 738 19.28 -11.37 50.39
CA GLU B 738 20.59 -11.32 49.74
C GLU B 738 20.47 -10.67 48.36
N GLU B 739 19.57 -11.19 47.53
CA GLU B 739 19.37 -10.65 46.20
C GLU B 739 18.82 -9.23 46.23
N PHE B 740 17.90 -8.92 47.13
CA PHE B 740 17.35 -7.57 47.17
C PHE B 740 18.42 -6.54 47.49
N ALA B 741 19.24 -6.82 48.49
CA ALA B 741 20.34 -5.91 48.84
C ALA B 741 21.36 -5.85 47.70
N GLU B 742 21.62 -6.98 47.05
CA GLU B 742 22.53 -6.98 45.90
C GLU B 742 22.00 -6.04 44.81
N ILE B 743 20.71 -6.11 44.52
CA ILE B 743 20.10 -5.20 43.54
C ILE B 743 20.18 -3.75 44.01
N MET B 744 19.92 -3.50 45.29
CA MET B 744 19.97 -2.11 45.77
C MET B 744 21.36 -1.52 45.58
N LYS B 745 22.40 -2.27 45.97
CA LYS B 745 23.75 -1.74 45.85
C LYS B 745 24.24 -1.75 44.41
N ILE B 746 23.70 -2.62 43.56
CA ILE B 746 24.02 -2.56 42.14
C ILE B 746 23.38 -1.31 41.52
N CYS B 747 22.17 -0.97 41.97
CA CYS B 747 21.56 0.29 41.54
C CYS B 747 22.42 1.48 41.97
N SER B 748 22.93 1.44 43.19
CA SER B 748 23.85 2.49 43.64
C SER B 748 25.10 2.52 42.76
N THR B 749 25.60 1.35 42.37
CA THR B 749 26.79 1.27 41.53
C THR B 749 26.55 1.92 40.18
N ILE B 750 25.43 1.60 39.54
CA ILE B 750 25.13 2.22 38.25
C ILE B 750 24.87 3.70 38.43
N GLU B 751 24.32 4.11 39.58
CA GLU B 751 24.16 5.53 39.87
C GLU B 751 25.51 6.25 39.85
N GLU B 752 26.47 5.73 40.62
CA GLU B 752 27.78 6.37 40.67
C GLU B 752 28.50 6.26 39.34
N LEU B 753 28.19 5.22 38.54
CA LEU B 753 28.76 5.13 37.21
C LEU B 753 28.22 6.23 36.30
N ARG B 754 26.92 6.49 36.37
CA ARG B 754 26.33 7.57 35.59
C ARG B 754 26.85 8.93 36.06
N ARG B 755 27.13 9.06 37.37
CA ARG B 755 27.83 10.24 37.86
C ARG B 755 29.13 10.46 37.10
N GLN B 756 29.88 9.39 36.83
CA GLN B 756 31.14 9.50 36.11
C GLN B 756 31.19 8.49 34.96
N MET C 1 17.06 -9.83 38.84
CA MET C 1 18.54 -9.94 38.87
C MET C 1 19.15 -9.66 37.51
N GLU C 2 18.84 -10.51 36.54
CA GLU C 2 19.42 -10.38 35.21
C GLU C 2 19.23 -8.98 34.64
N ARG C 3 17.99 -8.47 34.66
CA ARG C 3 17.65 -7.25 33.94
C ARG C 3 18.59 -6.11 34.30
N ILE C 4 18.74 -5.84 35.60
CA ILE C 4 19.65 -4.78 36.02
C ILE C 4 21.08 -5.14 35.65
N LYS C 5 21.36 -6.43 35.49
CA LYS C 5 22.74 -6.82 35.17
C LYS C 5 23.10 -6.46 33.73
N GLU C 6 22.22 -6.74 32.76
CA GLU C 6 22.55 -6.25 31.42
C GLU C 6 22.44 -4.73 31.36
N LEU C 7 21.62 -4.13 32.24
CA LEU C 7 21.63 -2.68 32.34
C LEU C 7 23.01 -2.17 32.71
N ARG C 8 23.61 -2.75 33.75
CA ARG C 8 24.96 -2.34 34.16
C ARG C 8 25.98 -2.63 33.07
N ASP C 9 25.85 -3.78 32.40
CA ASP C 9 26.77 -4.09 31.31
C ASP C 9 26.66 -3.08 30.18
N LEU C 10 25.45 -2.65 29.84
CA LEU C 10 25.25 -1.62 28.84
C LEU C 10 25.90 -0.31 29.28
N MET C 11 25.63 0.11 30.52
CA MET C 11 26.23 1.34 31.02
C MET C 11 27.74 1.25 31.14
N SER C 12 28.30 0.04 31.14
CA SER C 12 29.75 -0.09 31.21
C SER C 12 30.41 0.53 29.98
N GLN C 13 29.85 0.28 28.80
CA GLN C 13 30.42 0.80 27.57
C GLN C 13 29.95 2.23 27.34
N SER C 14 30.87 3.08 26.88
CA SER C 14 30.64 4.51 26.89
C SER C 14 29.48 4.92 25.97
N ARG C 15 29.41 4.35 24.77
CA ARG C 15 28.41 4.78 23.80
C ARG C 15 27.00 4.50 24.30
N THR C 16 26.75 3.26 24.74
CA THR C 16 25.43 2.93 25.27
C THR C 16 25.14 3.73 26.54
N ARG C 17 26.16 4.01 27.35
CA ARG C 17 25.95 4.84 28.53
C ARG C 17 25.46 6.24 28.13
N GLU C 18 26.09 6.83 27.11
CA GLU C 18 25.65 8.13 26.65
C GLU C 18 24.23 8.07 26.09
N ILE C 19 23.93 7.02 25.32
CA ILE C 19 22.58 6.88 24.77
C ILE C 19 21.56 6.80 25.90
N LEU C 20 21.88 6.05 26.95
CA LEU C 20 20.96 5.91 28.07
C LEU C 20 20.83 7.21 28.85
N THR C 21 21.91 7.98 28.96
CA THR C 21 21.88 9.17 29.79
C THR C 21 21.18 10.33 29.09
N LYS C 22 21.59 10.67 27.87
CA LYS C 22 21.08 11.86 27.22
C LYS C 22 19.68 11.67 26.65
N THR C 23 19.31 10.44 26.32
CA THR C 23 18.01 10.20 25.70
C THR C 23 16.92 10.23 26.76
N THR C 24 15.88 11.03 26.53
CA THR C 24 14.76 11.13 27.45
C THR C 24 13.68 10.09 27.09
N VAL C 25 12.77 9.88 28.04
CA VAL C 25 11.76 8.84 27.87
C VAL C 25 10.87 9.14 26.67
N ASP C 26 10.55 10.41 26.45
CA ASP C 26 9.63 10.75 25.36
C ASP C 26 10.19 10.30 24.02
N HIS C 27 11.49 10.49 23.80
CA HIS C 27 12.12 10.09 22.55
C HIS C 27 12.19 8.58 22.38
N MET C 28 11.79 7.81 23.40
CA MET C 28 11.76 6.35 23.30
C MET C 28 11.31 5.87 21.93
N ALA C 29 10.13 6.30 21.50
CA ALA C 29 9.57 5.78 20.24
C ALA C 29 10.52 6.09 19.09
N ILE C 30 10.97 7.34 19.01
CA ILE C 30 11.77 7.76 17.86
C ILE C 30 12.96 6.83 17.67
N ILE C 31 13.84 6.75 18.66
CA ILE C 31 15.02 5.92 18.54
C ILE C 31 14.66 4.46 18.34
N LYS C 32 13.49 4.03 18.84
CA LYS C 32 13.10 2.63 18.63
C LYS C 32 12.77 2.38 17.16
N LYS C 33 12.19 3.37 16.49
CA LYS C 33 11.92 3.28 15.07
C LYS C 33 13.09 3.75 14.22
N TYR C 34 14.16 4.25 14.84
CA TYR C 34 15.35 4.66 14.11
C TYR C 34 15.95 3.45 13.41
N THR C 35 15.86 3.41 12.07
CA THR C 35 16.39 2.29 11.31
C THR C 35 16.80 2.77 9.93
N SER C 36 17.76 2.07 9.35
CA SER C 36 18.16 2.31 7.97
C SER C 36 17.34 1.49 6.97
N GLY C 37 16.51 0.58 7.45
CA GLY C 37 15.75 -0.27 6.56
C GLY C 37 14.57 0.47 5.96
N ARG C 38 14.57 0.65 4.65
CA ARG C 38 13.43 1.25 3.97
C ARG C 38 12.27 0.26 3.93
N GLN C 39 11.05 0.80 3.93
CA GLN C 39 9.86 -0.03 3.79
C GLN C 39 9.74 -0.48 2.34
N GLU C 40 9.56 -1.78 2.14
CA GLU C 40 9.60 -2.34 0.80
C GLU C 40 8.46 -1.80 -0.05
N LYS C 41 8.79 -1.48 -1.31
CA LYS C 41 7.78 -0.99 -2.25
C LYS C 41 7.06 -2.15 -2.95
N ASN C 42 7.79 -3.23 -3.24
CA ASN C 42 7.24 -4.39 -3.94
C ASN C 42 7.55 -5.64 -3.12
N PRO C 43 6.75 -5.90 -2.07
CA PRO C 43 7.07 -7.05 -1.21
C PRO C 43 7.01 -8.39 -1.92
N ALA C 44 6.04 -8.57 -2.83
CA ALA C 44 5.87 -9.87 -3.48
C ALA C 44 7.10 -10.24 -4.30
N LEU C 45 7.64 -9.28 -5.05
CA LEU C 45 8.76 -9.58 -5.92
C LEU C 45 9.96 -10.08 -5.12
N ARG C 46 10.26 -9.43 -4.00
CA ARG C 46 11.41 -9.83 -3.20
C ARG C 46 11.14 -11.08 -2.36
N MET C 47 9.91 -11.28 -1.91
CA MET C 47 9.60 -12.53 -1.24
C MET C 47 9.75 -13.71 -2.18
N LYS C 48 9.39 -13.53 -3.45
CA LYS C 48 9.62 -14.58 -4.44
C LYS C 48 11.08 -14.69 -4.83
N TRP C 49 11.86 -13.63 -4.58
CA TRP C 49 13.28 -13.61 -4.91
C TRP C 49 14.16 -14.04 -3.73
N MET C 50 13.77 -13.66 -2.50
CA MET C 50 14.58 -14.03 -1.35
C MET C 50 14.43 -15.50 -0.99
N MET C 51 13.23 -16.07 -1.16
CA MET C 51 13.02 -17.46 -0.78
C MET C 51 13.84 -18.43 -1.62
N ALA C 52 14.41 -17.98 -2.74
CA ALA C 52 15.31 -18.80 -3.52
C ALA C 52 16.73 -18.79 -2.97
N MET C 53 17.01 -18.00 -1.93
CA MET C 53 18.30 -17.96 -1.29
C MET C 53 18.35 -18.96 -0.14
N LYS C 54 19.57 -19.24 0.32
CA LYS C 54 19.77 -19.98 1.55
C LYS C 54 19.85 -19.01 2.72
N TYR C 55 19.18 -19.35 3.81
CA TYR C 55 19.05 -18.46 4.96
C TYR C 55 18.29 -17.20 4.57
N PRO C 56 17.02 -17.31 4.17
CA PRO C 56 16.25 -16.12 3.80
C PRO C 56 15.46 -15.48 4.93
N ILE C 57 15.28 -16.14 6.06
CA ILE C 57 14.48 -15.56 7.14
C ILE C 57 15.39 -15.20 8.30
N THR C 58 14.84 -14.57 9.33
CA THR C 58 15.63 -14.15 10.49
C THR C 58 15.01 -14.70 11.77
N ALA C 59 15.86 -14.99 12.74
CA ALA C 59 15.40 -15.54 14.01
C ALA C 59 16.33 -15.08 15.12
N ASP C 60 15.84 -15.13 16.35
CA ASP C 60 16.62 -14.70 17.50
C ASP C 60 17.86 -15.57 17.64
N LYS C 61 18.86 -15.05 18.37
CA LYS C 61 20.09 -15.79 18.57
C LYS C 61 19.85 -17.12 19.27
N ARG C 62 18.79 -17.20 20.10
CA ARG C 62 18.56 -18.40 20.89
C ARG C 62 18.39 -19.63 20.01
N ILE C 63 18.02 -19.43 18.74
CA ILE C 63 17.84 -20.57 17.83
C ILE C 63 19.13 -21.37 17.73
N MET C 64 20.29 -20.72 17.89
CA MET C 64 21.55 -21.41 17.78
C MET C 64 21.75 -22.44 18.89
N GLU C 65 20.94 -22.40 19.94
CA GLU C 65 21.06 -23.33 21.07
C GLU C 65 19.81 -24.16 21.28
N MET C 66 18.91 -24.22 20.30
CA MET C 66 17.76 -25.12 20.39
C MET C 66 17.69 -26.03 19.17
N ILE C 67 18.14 -25.55 18.03
CA ILE C 67 18.05 -26.27 16.76
C ILE C 67 19.48 -26.55 16.29
N PRO C 68 19.80 -27.78 15.89
CA PRO C 68 21.16 -28.05 15.40
C PRO C 68 21.45 -27.29 14.12
N GLU C 69 22.75 -27.03 13.92
CA GLU C 69 23.17 -26.28 12.74
C GLU C 69 22.82 -26.98 11.43
N ARG C 70 22.67 -28.30 11.45
CA ARG C 70 22.35 -29.05 10.25
C ARG C 70 21.43 -30.20 10.60
N ASN C 71 20.67 -30.64 9.60
CA ASN C 71 19.72 -31.73 9.74
C ASN C 71 20.41 -33.05 9.37
N GLU C 72 19.62 -34.10 9.17
CA GLU C 72 20.18 -35.44 9.02
C GLU C 72 21.13 -35.52 7.83
N GLN C 73 20.73 -35.01 6.67
CA GLN C 73 21.58 -35.09 5.49
C GLN C 73 22.64 -34.00 5.44
N GLY C 74 22.60 -33.04 6.36
CA GLY C 74 23.54 -31.95 6.36
C GLY C 74 23.03 -30.65 5.80
N GLN C 75 21.74 -30.54 5.47
CA GLN C 75 21.19 -29.26 5.05
C GLN C 75 21.23 -28.30 6.24
N THR C 76 21.88 -27.16 6.04
CA THR C 76 22.03 -26.20 7.13
C THR C 76 20.68 -25.58 7.48
N LEU C 77 20.44 -25.44 8.79
CA LEU C 77 19.18 -24.87 9.29
C LEU C 77 19.32 -23.41 9.70
N TRP C 78 20.47 -23.02 10.25
CA TRP C 78 20.68 -21.64 10.65
C TRP C 78 22.14 -21.27 10.43
N SER C 79 22.39 -19.97 10.32
CA SER C 79 23.72 -19.42 10.18
C SER C 79 24.00 -18.48 11.36
N LYS C 80 25.28 -18.34 11.67
CA LYS C 80 25.70 -17.49 12.79
C LYS C 80 25.93 -16.04 12.38
N THR C 81 25.78 -15.71 11.10
CA THR C 81 25.95 -14.34 10.64
C THR C 81 24.69 -13.54 10.99
N ASN C 82 24.87 -12.46 11.73
CA ASN C 82 23.74 -11.68 12.22
C ASN C 82 23.14 -10.84 11.10
N ASP C 83 21.92 -10.36 11.34
CA ASP C 83 21.24 -9.51 10.39
C ASP C 83 21.98 -8.17 10.27
N ALA C 84 21.48 -7.31 9.39
CA ALA C 84 22.13 -6.02 9.13
C ALA C 84 22.17 -5.17 10.39
N GLY C 85 21.01 -4.77 10.90
CA GLY C 85 20.94 -3.86 12.03
C GLY C 85 20.30 -4.47 13.25
N SER C 86 20.60 -5.73 13.52
CA SER C 86 20.05 -6.42 14.68
C SER C 86 20.97 -7.55 15.09
N ASP C 87 20.79 -8.03 16.31
CA ASP C 87 21.55 -9.17 16.80
C ASP C 87 20.98 -10.51 16.33
N ARG C 88 19.83 -10.50 15.66
CA ARG C 88 19.25 -11.74 15.17
C ARG C 88 20.09 -12.32 14.05
N VAL C 89 19.99 -13.64 13.88
CA VAL C 89 20.76 -14.38 12.89
C VAL C 89 19.85 -14.83 11.77
N MET C 90 20.40 -14.85 10.55
CA MET C 90 19.66 -15.31 9.39
C MET C 90 19.64 -16.84 9.36
N VAL C 91 18.47 -17.40 9.14
CA VAL C 91 18.26 -18.85 9.15
C VAL C 91 17.42 -19.26 7.95
N SER C 92 17.49 -20.55 7.65
CA SER C 92 16.81 -21.16 6.52
C SER C 92 15.37 -21.49 6.89
N PRO C 93 14.47 -21.60 5.90
CA PRO C 93 13.07 -21.93 6.24
C PRO C 93 12.91 -23.32 6.81
N LEU C 94 13.84 -24.24 6.55
CA LEU C 94 13.74 -25.56 7.14
C LEU C 94 13.73 -25.49 8.66
N ALA C 95 14.48 -24.55 9.24
CA ALA C 95 14.49 -24.40 10.68
C ALA C 95 13.08 -24.15 11.22
N VAL C 96 12.19 -23.63 10.40
CA VAL C 96 10.78 -23.53 10.79
C VAL C 96 10.16 -24.93 10.84
N THR C 97 10.21 -25.64 9.72
CA THR C 97 9.58 -26.96 9.67
C THR C 97 10.21 -27.91 10.69
N TRP C 98 11.53 -27.83 10.85
CA TRP C 98 12.18 -28.63 11.88
C TRP C 98 11.55 -28.36 13.24
N TRP C 99 11.36 -27.08 13.57
CA TRP C 99 10.75 -26.74 14.86
C TRP C 99 9.37 -27.35 15.01
N ASN C 100 8.70 -27.64 13.90
CA ASN C 100 7.35 -28.20 13.94
C ASN C 100 7.33 -29.72 13.97
N ARG C 101 8.49 -30.37 13.91
CA ARG C 101 8.56 -31.83 13.95
C ARG C 101 9.41 -32.38 15.07
N ASN C 102 10.41 -31.63 15.55
CA ASN C 102 11.18 -32.04 16.72
C ASN C 102 11.46 -30.92 17.70
N GLY C 103 10.91 -29.73 17.49
CA GLY C 103 11.14 -28.63 18.40
C GLY C 103 10.41 -28.83 19.70
N PRO C 104 10.69 -27.99 20.69
CA PRO C 104 10.01 -28.12 21.99
C PRO C 104 8.51 -27.97 21.85
N THR C 105 7.79 -28.71 22.67
CA THR C 105 6.33 -28.68 22.69
C THR C 105 5.84 -28.07 23.99
N THR C 106 4.64 -27.48 23.93
CA THR C 106 4.05 -26.82 25.07
C THR C 106 2.57 -27.18 25.11
N SER C 107 1.83 -26.51 25.99
CA SER C 107 0.39 -26.71 26.13
C SER C 107 -0.32 -25.52 25.49
N ALA C 108 -0.87 -25.73 24.30
CA ALA C 108 -1.57 -24.68 23.55
C ALA C 108 -3.05 -24.63 23.88
N VAL C 109 -3.45 -25.11 25.06
CA VAL C 109 -4.87 -25.14 25.42
C VAL C 109 -5.42 -23.73 25.57
N HIS C 110 -4.58 -22.76 25.92
CA HIS C 110 -5.04 -21.41 26.21
C HIS C 110 -5.10 -20.51 24.99
N TYR C 111 -4.53 -20.91 23.85
CA TYR C 111 -4.68 -20.12 22.63
C TYR C 111 -6.13 -19.92 22.25
N PRO C 112 -7.00 -20.94 22.30
CA PRO C 112 -8.42 -20.69 22.08
C PRO C 112 -8.99 -19.60 22.99
N LYS C 113 -8.54 -19.55 24.24
CA LYS C 113 -9.00 -18.51 25.16
C LYS C 113 -8.47 -17.13 24.76
N ILE C 114 -7.25 -17.07 24.22
CA ILE C 114 -6.70 -15.78 23.80
C ILE C 114 -7.37 -15.31 22.52
N TYR C 115 -7.21 -16.08 21.44
CA TYR C 115 -7.77 -15.70 20.14
C TYR C 115 -9.27 -16.00 20.14
N LYS C 116 -9.97 -15.23 20.98
CA LYS C 116 -11.40 -15.45 21.15
C LYS C 116 -12.17 -15.19 19.86
N THR C 117 -11.82 -14.13 19.13
CA THR C 117 -12.59 -13.75 17.96
C THR C 117 -12.58 -14.83 16.90
N TYR C 118 -11.39 -15.33 16.55
CA TYR C 118 -11.27 -16.31 15.48
C TYR C 118 -11.96 -17.62 15.85
N PHE C 119 -11.76 -18.10 17.08
CA PHE C 119 -12.40 -19.34 17.49
C PHE C 119 -13.92 -19.18 17.57
N GLU C 120 -14.40 -18.00 17.98
CA GLU C 120 -15.84 -17.75 17.94
C GLU C 120 -16.35 -17.78 16.51
N LYS C 121 -15.60 -17.23 15.56
CA LYS C 121 -15.99 -17.32 14.15
C LYS C 121 -16.11 -18.78 13.73
N VAL C 122 -15.10 -19.59 14.09
CA VAL C 122 -15.10 -20.99 13.70
C VAL C 122 -16.31 -21.71 14.30
N GLU C 123 -16.57 -21.48 15.59
CA GLU C 123 -17.71 -22.12 16.24
C GLU C 123 -19.02 -21.69 15.61
N ARG C 124 -19.15 -20.40 15.29
CA ARG C 124 -20.38 -19.92 14.67
C ARG C 124 -20.59 -20.57 13.32
N LEU C 125 -19.54 -20.71 12.52
CA LEU C 125 -19.70 -21.32 11.19
C LEU C 125 -19.93 -22.81 11.27
N LYS C 126 -19.30 -23.51 12.23
CA LYS C 126 -19.40 -24.96 12.27
C LYS C 126 -20.84 -25.42 12.48
N HIS C 127 -21.61 -24.65 13.24
CA HIS C 127 -22.99 -25.00 13.55
C HIS C 127 -24.00 -24.27 12.66
N GLY C 128 -23.53 -23.60 11.61
CA GLY C 128 -24.45 -22.93 10.71
C GLY C 128 -25.23 -23.92 9.86
N THR C 129 -26.38 -23.45 9.38
CA THR C 129 -27.27 -24.26 8.55
C THR C 129 -27.55 -23.48 7.27
N PHE C 130 -27.19 -24.07 6.13
CA PHE C 130 -27.41 -23.43 4.84
C PHE C 130 -28.83 -23.68 4.35
N GLY C 131 -29.19 -23.02 3.25
CA GLY C 131 -30.48 -23.16 2.65
C GLY C 131 -30.42 -23.08 1.14
N PRO C 132 -31.57 -23.12 0.49
CA PRO C 132 -31.58 -23.06 -0.97
C PRO C 132 -31.05 -21.73 -1.49
N VAL C 133 -30.45 -21.79 -2.68
CA VAL C 133 -29.96 -20.60 -3.36
C VAL C 133 -31.05 -20.07 -4.26
N HIS C 134 -31.40 -18.79 -4.09
CA HIS C 134 -32.45 -18.14 -4.87
C HIS C 134 -31.80 -17.16 -5.84
N PHE C 135 -32.12 -17.32 -7.12
CA PHE C 135 -31.52 -16.51 -8.17
C PHE C 135 -32.48 -15.37 -8.52
N ARG C 136 -32.12 -14.15 -8.14
CA ARG C 136 -32.87 -12.97 -8.49
C ARG C 136 -31.98 -11.75 -8.28
N ASN C 137 -32.25 -10.69 -9.04
CA ASN C 137 -31.42 -9.50 -8.97
C ASN C 137 -31.42 -8.96 -7.55
N GLN C 138 -30.23 -8.67 -7.04
CA GLN C 138 -30.06 -8.14 -5.70
C GLN C 138 -29.75 -6.64 -5.78
N VAL C 139 -30.53 -5.84 -5.07
CA VAL C 139 -30.34 -4.39 -5.05
C VAL C 139 -29.37 -4.12 -3.90
N LYS C 140 -28.08 -4.18 -4.21
CA LYS C 140 -27.05 -3.90 -3.21
C LYS C 140 -26.98 -2.39 -2.98
N ILE C 141 -27.29 -1.97 -1.77
CA ILE C 141 -27.20 -0.56 -1.40
C ILE C 141 -26.11 -0.44 -0.33
N ARG C 142 -25.34 0.64 -0.42
CA ARG C 142 -24.18 0.82 0.42
C ARG C 142 -24.55 1.45 1.75
N ARG C 143 -24.09 0.84 2.84
CA ARG C 143 -24.46 1.24 4.19
C ARG C 143 -23.27 1.09 5.11
N ARG C 144 -23.27 1.86 6.20
CA ARG C 144 -22.26 1.76 7.25
C ARG C 144 -22.69 0.70 8.24
N VAL C 145 -21.86 -0.32 8.44
CA VAL C 145 -22.19 -1.44 9.32
C VAL C 145 -20.97 -1.79 10.17
N ASP C 146 -21.23 -2.42 11.31
CA ASP C 146 -20.18 -2.85 12.22
C ASP C 146 -19.75 -4.26 11.84
N ILE C 147 -18.45 -4.47 11.65
CA ILE C 147 -17.96 -5.76 11.23
C ILE C 147 -17.64 -6.65 12.43
N ASN C 148 -17.12 -6.07 13.50
CA ASN C 148 -16.70 -6.87 14.65
C ASN C 148 -17.94 -7.36 15.39
N PRO C 149 -18.16 -8.67 15.51
CA PRO C 149 -19.37 -9.16 16.17
C PRO C 149 -19.25 -9.34 17.68
N GLY C 150 -18.10 -9.02 18.26
CA GLY C 150 -17.91 -9.19 19.69
C GLY C 150 -17.58 -7.91 20.41
N HIS C 151 -17.72 -6.77 19.74
CA HIS C 151 -17.43 -5.49 20.36
C HIS C 151 -18.29 -5.30 21.60
N ALA C 152 -17.63 -4.89 22.70
CA ALA C 152 -18.29 -4.76 23.99
C ALA C 152 -18.86 -3.36 24.20
N ASP C 153 -19.17 -2.63 23.13
CA ASP C 153 -19.72 -1.27 23.22
C ASP C 153 -18.67 -0.32 23.78
N LEU C 154 -17.42 -0.45 23.33
CA LEU C 154 -16.32 0.40 23.76
C LEU C 154 -15.58 0.92 22.53
N SER C 155 -15.07 2.15 22.65
CA SER C 155 -14.25 2.74 21.61
C SER C 155 -12.79 2.31 21.79
N ALA C 156 -11.92 2.80 20.92
CA ALA C 156 -10.51 2.46 21.00
C ALA C 156 -9.92 2.94 22.32
N LYS C 157 -9.94 4.26 22.55
CA LYS C 157 -9.41 4.80 23.79
C LYS C 157 -10.17 4.28 25.00
N GLU C 158 -11.49 4.15 24.87
CA GLU C 158 -12.31 3.72 26.01
C GLU C 158 -11.89 2.34 26.50
N ALA C 159 -11.57 1.42 25.59
CA ALA C 159 -11.15 0.09 25.97
C ALA C 159 -9.64 -0.03 26.15
N GLN C 160 -8.88 0.98 25.73
CA GLN C 160 -7.42 0.90 25.88
C GLN C 160 -7.01 0.89 27.35
N ASP C 161 -7.68 1.70 28.18
CA ASP C 161 -7.40 1.68 29.60
C ASP C 161 -7.77 0.34 30.22
N VAL C 162 -8.90 -0.23 29.79
CA VAL C 162 -9.29 -1.56 30.25
C VAL C 162 -8.22 -2.57 29.90
N ILE C 163 -7.71 -2.50 28.67
CA ILE C 163 -6.71 -3.46 28.22
C ILE C 163 -5.43 -3.32 29.04
N MET C 164 -4.99 -2.09 29.28
CA MET C 164 -3.79 -1.91 30.10
C MET C 164 -4.00 -2.48 31.50
N GLU C 165 -5.10 -2.12 32.15
CA GLU C 165 -5.34 -2.62 33.50
C GLU C 165 -5.48 -4.14 33.52
N VAL C 166 -5.90 -4.74 32.42
CA VAL C 166 -5.98 -6.20 32.36
C VAL C 166 -4.60 -6.82 32.18
N VAL C 167 -3.76 -6.22 31.36
CA VAL C 167 -2.44 -6.76 31.03
C VAL C 167 -1.33 -6.06 31.81
N PHE C 168 -1.32 -4.73 31.78
CA PHE C 168 -0.30 -3.94 32.45
C PHE C 168 -0.91 -3.17 33.61
N PRO C 169 -1.22 -3.84 34.72
CA PRO C 169 -1.94 -3.16 35.81
C PRO C 169 -1.17 -2.02 36.45
N ASN C 170 0.15 -1.99 36.34
CA ASN C 170 0.95 -0.99 37.04
C ASN C 170 1.17 0.28 36.25
N GLU C 171 1.09 0.23 34.92
CA GLU C 171 1.31 1.39 34.08
C GLU C 171 0.02 2.15 33.78
N VAL C 172 -1.08 1.82 34.45
CA VAL C 172 -2.34 2.49 34.19
C VAL C 172 -2.22 3.99 34.47
N GLY C 173 -1.53 4.37 35.52
CA GLY C 173 -1.39 5.77 35.88
C GLY C 173 -2.57 6.33 36.64
N ALA C 174 -3.04 7.51 36.24
CA ALA C 174 -4.15 8.14 36.96
C ALA C 174 -5.43 7.35 36.80
N ARG C 175 -5.67 6.80 35.61
CA ARG C 175 -6.99 6.27 35.28
C ARG C 175 -7.34 5.12 36.20
N ILE C 176 -8.54 5.19 36.78
CA ILE C 176 -9.20 4.05 37.42
C ILE C 176 -10.60 3.98 36.85
N LEU C 177 -10.92 2.86 36.21
CA LEU C 177 -12.07 2.81 35.33
C LEU C 177 -13.36 2.94 36.14
N THR C 178 -14.25 3.83 35.68
CA THR C 178 -15.46 4.12 36.43
C THR C 178 -16.61 3.19 36.02
N SER C 179 -16.85 3.06 34.71
CA SER C 179 -17.97 2.26 34.24
C SER C 179 -17.87 0.84 34.75
N GLU C 180 -18.99 0.32 35.28
CA GLU C 180 -19.01 -1.02 35.85
C GLU C 180 -18.93 -2.12 34.79
N SER C 181 -19.39 -1.85 33.57
CA SER C 181 -19.17 -2.80 32.49
C SER C 181 -17.67 -3.06 32.31
N GLN C 182 -16.88 -1.99 32.35
CA GLN C 182 -15.43 -2.14 32.29
C GLN C 182 -14.92 -2.92 33.49
N LEU C 183 -15.53 -2.71 34.67
CA LEU C 183 -15.12 -3.48 35.84
C LEU C 183 -15.29 -4.98 35.61
N THR C 184 -16.47 -5.39 35.14
CA THR C 184 -16.71 -6.81 34.94
C THR C 184 -15.83 -7.36 33.83
N ILE C 185 -15.61 -6.60 32.75
CA ILE C 185 -14.72 -7.06 31.69
C ILE C 185 -13.31 -7.27 32.23
N THR C 186 -12.82 -6.31 33.02
CA THR C 186 -11.49 -6.46 33.61
C THR C 186 -11.42 -7.70 34.48
N LYS C 187 -12.43 -7.90 35.33
CA LYS C 187 -12.42 -9.08 36.21
C LYS C 187 -12.37 -10.37 35.40
N GLU C 188 -13.24 -10.48 34.39
CA GLU C 188 -13.32 -11.71 33.61
C GLU C 188 -12.03 -11.97 32.84
N LYS C 189 -11.55 -10.97 32.10
CA LYS C 189 -10.35 -11.16 31.30
C LYS C 189 -9.09 -11.20 32.15
N LYS C 190 -9.17 -10.81 33.43
CA LYS C 190 -8.04 -10.96 34.33
C LYS C 190 -7.97 -12.38 34.86
N GLU C 191 -9.09 -12.89 35.39
CA GLU C 191 -9.08 -14.25 35.92
C GLU C 191 -8.93 -15.28 34.80
N GLU C 192 -9.34 -14.94 33.58
CA GLU C 192 -9.25 -15.91 32.49
C GLU C 192 -7.83 -16.06 31.97
N LEU C 193 -7.09 -14.95 31.87
CA LEU C 193 -5.76 -14.93 31.30
C LEU C 193 -4.68 -14.70 32.36
N GLN C 194 -4.86 -15.31 33.53
CA GLN C 194 -4.03 -14.95 34.68
C GLN C 194 -2.59 -15.40 34.51
N ASP C 195 -2.36 -16.56 33.87
CA ASP C 195 -1.01 -17.08 33.68
C ASP C 195 -0.66 -17.31 32.21
N CYS C 196 -1.47 -16.84 31.27
CA CYS C 196 -1.17 -17.04 29.87
C CYS C 196 0.15 -16.35 29.53
N LYS C 197 1.01 -17.06 28.80
CA LYS C 197 2.38 -16.63 28.55
C LYS C 197 2.66 -16.49 27.05
N ILE C 198 1.66 -16.06 26.28
CA ILE C 198 1.86 -15.91 24.84
C ILE C 198 2.72 -14.69 24.59
N SER C 199 2.18 -13.52 24.89
CA SER C 199 2.94 -12.27 24.91
C SER C 199 2.03 -11.17 25.43
N PRO C 200 2.53 -10.22 26.21
CA PRO C 200 1.66 -9.10 26.62
C PRO C 200 1.15 -8.30 25.43
N LEU C 201 1.98 -8.10 24.42
CA LEU C 201 1.60 -7.25 23.29
C LEU C 201 0.49 -7.90 22.47
N MET C 202 0.62 -9.19 22.16
CA MET C 202 -0.42 -9.85 21.38
C MET C 202 -1.71 -9.97 22.17
N VAL C 203 -1.61 -10.24 23.48
CA VAL C 203 -2.81 -10.28 24.31
C VAL C 203 -3.53 -8.94 24.28
N ALA C 204 -2.76 -7.85 24.42
CA ALA C 204 -3.37 -6.52 24.37
C ALA C 204 -3.99 -6.25 23.00
N TYR C 205 -3.31 -6.64 21.93
CA TYR C 205 -3.83 -6.40 20.59
C TYR C 205 -5.14 -7.14 20.37
N MET C 206 -5.19 -8.41 20.78
CA MET C 206 -6.42 -9.18 20.57
C MET C 206 -7.54 -8.71 21.48
N LEU C 207 -7.23 -8.27 22.70
CA LEU C 207 -8.27 -7.67 23.54
C LEU C 207 -8.81 -6.40 22.90
N GLU C 208 -7.93 -5.58 22.32
CA GLU C 208 -8.38 -4.39 21.61
C GLU C 208 -9.30 -4.76 20.46
N ARG C 209 -8.91 -5.77 19.69
CA ARG C 209 -9.74 -6.18 18.56
C ARG C 209 -11.10 -6.68 19.02
N GLU C 210 -11.13 -7.47 20.10
CA GLU C 210 -12.38 -8.07 20.55
C GLU C 210 -13.31 -7.03 21.15
N LEU C 211 -12.80 -6.18 22.04
CA LEU C 211 -13.68 -5.27 22.77
C LEU C 211 -14.01 -4.01 21.99
N VAL C 212 -13.06 -3.47 21.24
CA VAL C 212 -13.26 -2.19 20.55
C VAL C 212 -14.22 -2.39 19.39
N ARG C 213 -15.18 -1.48 19.28
CA ARG C 213 -16.11 -1.48 18.15
C ARG C 213 -15.44 -0.85 16.93
N LYS C 214 -15.66 -1.47 15.77
CA LYS C 214 -15.12 -0.98 14.52
C LYS C 214 -16.21 -1.05 13.47
N THR C 215 -16.21 -0.08 12.56
CA THR C 215 -17.29 0.10 11.61
C THR C 215 -16.69 0.39 10.24
N ARG C 216 -17.35 -0.11 9.19
CA ARG C 216 -16.91 0.13 7.82
C ARG C 216 -18.12 0.20 6.91
N PHE C 217 -17.92 0.83 5.77
CA PHE C 217 -18.97 1.08 4.80
C PHE C 217 -18.91 -0.01 3.74
N LEU C 218 -20.03 -0.71 3.51
CA LEU C 218 -20.03 -1.87 2.63
C LEU C 218 -21.33 -1.91 1.85
N PRO C 219 -21.31 -2.52 0.65
CA PRO C 219 -22.56 -2.74 -0.10
C PRO C 219 -23.29 -3.98 0.42
N VAL C 220 -24.46 -3.76 1.02
CA VAL C 220 -25.23 -4.83 1.65
C VAL C 220 -26.61 -4.89 1.00
N ALA C 221 -27.23 -6.07 1.12
CA ALA C 221 -28.61 -6.28 0.71
C ALA C 221 -29.23 -7.23 1.73
N GLY C 222 -30.04 -6.69 2.63
CA GLY C 222 -30.56 -7.48 3.74
C GLY C 222 -29.54 -7.58 4.87
N GLY C 223 -29.71 -8.61 5.68
CA GLY C 223 -28.79 -8.85 6.78
C GLY C 223 -28.69 -7.68 7.74
N THR C 224 -27.58 -6.95 7.68
CA THR C 224 -27.26 -5.77 8.48
C THR C 224 -26.85 -6.14 9.90
N SER C 225 -26.93 -7.41 10.29
CA SER C 225 -26.49 -7.83 11.60
C SER C 225 -25.00 -8.12 11.62
N SER C 226 -24.39 -8.00 12.80
CA SER C 226 -22.96 -8.20 12.92
C SER C 226 -22.56 -9.61 12.51
N VAL C 227 -23.31 -10.61 12.98
CA VAL C 227 -23.01 -11.99 12.64
C VAL C 227 -23.27 -12.27 11.16
N TYR C 228 -24.22 -11.56 10.55
CA TYR C 228 -24.56 -11.77 9.15
C TYR C 228 -23.66 -10.98 8.20
N ILE C 229 -22.80 -10.11 8.71
CA ILE C 229 -21.94 -9.32 7.85
C ILE C 229 -20.58 -10.00 7.64
N GLU C 230 -20.12 -10.79 8.62
CA GLU C 230 -18.85 -11.50 8.44
C GLU C 230 -18.94 -12.52 7.32
N VAL C 231 -20.12 -13.07 7.07
CA VAL C 231 -20.35 -14.01 5.99
C VAL C 231 -21.04 -13.33 4.80
N LEU C 232 -20.94 -12.00 4.70
CA LEU C 232 -21.58 -11.29 3.61
C LEU C 232 -21.09 -11.76 2.26
N HIS C 233 -19.87 -12.29 2.17
CA HIS C 233 -19.35 -12.81 0.91
C HIS C 233 -20.05 -14.10 0.50
N LEU C 234 -20.58 -14.86 1.47
CA LEU C 234 -21.17 -16.16 1.20
C LEU C 234 -22.69 -16.11 1.06
N THR C 235 -23.35 -15.11 1.61
CA THR C 235 -24.81 -15.05 1.60
C THR C 235 -25.37 -14.16 0.49
N GLN C 236 -24.63 -13.15 0.05
CA GLN C 236 -25.12 -12.20 -0.94
C GLN C 236 -24.17 -12.16 -2.12
N GLY C 237 -24.74 -12.12 -3.33
CA GLY C 237 -23.97 -12.04 -4.54
C GLY C 237 -24.58 -11.07 -5.55
N THR C 238 -24.13 -11.16 -6.80
CA THR C 238 -24.64 -10.26 -7.84
C THR C 238 -26.05 -10.65 -8.27
N CYS C 239 -26.32 -11.95 -8.41
CA CYS C 239 -27.61 -12.41 -8.86
C CYS C 239 -28.11 -13.62 -8.08
N TRP C 240 -27.55 -13.88 -6.90
CA TRP C 240 -27.93 -15.05 -6.13
C TRP C 240 -27.89 -14.70 -4.65
N GLU C 241 -28.83 -15.27 -3.89
CA GLU C 241 -28.89 -15.13 -2.45
C GLU C 241 -28.87 -16.51 -1.81
N GLN C 242 -28.00 -16.68 -0.82
CA GLN C 242 -27.82 -17.95 -0.12
C GLN C 242 -28.26 -17.76 1.32
N MET C 243 -29.44 -18.28 1.66
CA MET C 243 -29.94 -18.17 3.02
C MET C 243 -29.01 -18.89 3.99
N TYR C 244 -28.68 -18.23 5.09
CA TYR C 244 -27.72 -18.76 6.06
C TYR C 244 -28.13 -18.31 7.45
N THR C 245 -27.86 -19.17 8.44
CA THR C 245 -28.16 -18.88 9.83
C THR C 245 -26.98 -19.33 10.68
N PRO C 246 -26.13 -18.40 11.12
CA PRO C 246 -24.95 -18.81 11.92
C PRO C 246 -25.32 -19.65 13.12
N GLY C 247 -24.32 -20.32 13.71
CA GLY C 247 -24.59 -21.22 14.82
C GLY C 247 -25.08 -20.50 16.06
N GLY C 248 -24.75 -19.22 16.20
CA GLY C 248 -25.17 -18.49 17.39
C GLY C 248 -26.67 -18.43 17.53
N GLU C 249 -27.39 -18.23 16.43
CA GLU C 249 -28.84 -18.16 16.45
C GLU C 249 -29.46 -19.55 16.31
N VAL F 2 -31.43 0.97 -33.10
CA VAL F 2 -31.68 0.25 -34.33
C VAL F 2 -33.12 -0.21 -34.30
N GLN F 3 -33.88 0.14 -35.35
CA GLN F 3 -35.22 -0.31 -35.61
C GLN F 3 -35.10 -1.19 -36.83
N LEU F 4 -36.01 -2.16 -36.98
CA LEU F 4 -35.93 -3.16 -38.01
C LEU F 4 -37.33 -3.40 -38.53
N GLN F 5 -37.49 -3.49 -39.86
CA GLN F 5 -38.77 -3.81 -40.46
C GLN F 5 -38.58 -4.92 -41.47
N GLU F 6 -39.22 -6.08 -41.24
CA GLU F 6 -39.23 -7.16 -42.20
C GLU F 6 -40.30 -7.02 -43.28
N SER F 7 -39.96 -7.46 -44.51
CA SER F 7 -40.83 -7.48 -45.68
C SER F 7 -40.67 -8.82 -46.36
N GLY F 8 -41.60 -9.18 -47.29
CA GLY F 8 -41.42 -10.32 -48.19
C GLY F 8 -42.02 -11.63 -47.78
N GLY F 9 -42.69 -11.69 -46.61
CA GLY F 9 -43.47 -12.87 -46.21
C GLY F 9 -44.79 -13.02 -46.94
N GLY F 10 -45.51 -14.13 -46.67
CA GLY F 10 -46.83 -14.36 -47.24
C GLY F 10 -47.18 -15.82 -47.33
N LEU F 11 -48.26 -16.12 -48.08
CA LEU F 11 -48.71 -17.47 -48.39
C LEU F 11 -48.01 -17.99 -49.64
N VAL F 12 -47.43 -19.19 -49.57
CA VAL F 12 -46.75 -19.80 -50.69
C VAL F 12 -47.00 -21.28 -50.78
N GLN F 13 -46.92 -21.79 -52.02
CA GLN F 13 -46.87 -23.20 -52.38
C GLN F 13 -45.65 -23.93 -51.81
N PRO F 14 -45.70 -25.23 -51.51
CA PRO F 14 -44.52 -25.97 -51.16
C PRO F 14 -43.68 -26.17 -52.41
N GLY F 15 -42.36 -26.14 -52.26
CA GLY F 15 -41.44 -26.14 -53.39
C GLY F 15 -41.30 -24.78 -54.03
N GLY F 16 -42.06 -23.79 -53.53
CA GLY F 16 -41.98 -22.40 -53.94
C GLY F 16 -40.80 -21.69 -53.34
N SER F 17 -40.72 -20.38 -53.61
CA SER F 17 -39.58 -19.57 -53.22
C SER F 17 -40.06 -18.26 -52.67
N LEU F 18 -39.28 -17.65 -51.78
CA LEU F 18 -39.68 -16.45 -51.07
C LEU F 18 -38.45 -15.63 -50.72
N ARG F 19 -38.49 -14.31 -50.92
CA ARG F 19 -37.36 -13.46 -50.56
C ARG F 19 -37.77 -12.54 -49.43
N LEU F 20 -37.29 -12.84 -48.22
CA LEU F 20 -37.47 -11.98 -47.09
C LEU F 20 -36.44 -10.89 -47.15
N SER F 21 -36.78 -9.71 -46.64
CA SER F 21 -35.85 -8.62 -46.55
C SER F 21 -36.14 -7.88 -45.27
N CYS F 22 -35.10 -7.36 -44.63
CA CYS F 22 -35.21 -6.62 -43.41
C CYS F 22 -34.43 -5.36 -43.56
N ALA F 23 -35.13 -4.22 -43.51
CA ALA F 23 -34.52 -2.92 -43.53
C ALA F 23 -34.20 -2.52 -42.11
N ALA F 24 -33.07 -1.82 -41.91
CA ALA F 24 -32.62 -1.42 -40.61
C ALA F 24 -32.35 0.07 -40.57
N ALA F 33 -23.36 -7.45 -37.22
CA ALA F 33 -23.84 -8.69 -37.78
C ALA F 33 -25.36 -8.83 -37.71
N MET F 34 -25.94 -9.57 -38.66
CA MET F 34 -27.39 -9.65 -38.81
C MET F 34 -27.77 -11.09 -38.96
N GLY F 35 -29.09 -11.38 -38.89
CA GLY F 35 -29.53 -12.70 -39.25
C GLY F 35 -30.99 -12.83 -39.17
N TRP F 36 -31.44 -14.10 -39.15
CA TRP F 36 -32.83 -14.42 -39.27
C TRP F 36 -33.13 -15.56 -38.34
N TYR F 37 -34.19 -15.43 -37.53
CA TYR F 37 -34.65 -16.47 -36.64
C TYR F 37 -36.13 -16.62 -36.93
N ARG F 38 -36.75 -17.73 -36.55
CA ARG F 38 -38.16 -17.93 -36.83
C ARG F 38 -38.89 -18.46 -35.63
N GLN F 39 -40.21 -18.24 -35.57
CA GLN F 39 -41.05 -18.71 -34.49
C GLN F 39 -42.32 -19.32 -35.04
N VAL F 40 -42.44 -20.65 -34.92
CA VAL F 40 -43.64 -21.41 -35.22
C VAL F 40 -44.70 -21.13 -34.15
N PRO F 41 -46.02 -21.11 -34.41
CA PRO F 41 -47.07 -20.86 -33.42
C PRO F 41 -46.96 -21.60 -32.09
N GLY F 42 -46.46 -22.85 -32.10
CA GLY F 42 -46.33 -23.69 -30.91
C GLY F 42 -44.97 -23.76 -30.27
N LYS F 43 -44.07 -22.77 -30.46
CA LYS F 43 -42.72 -22.88 -29.93
C LYS F 43 -42.08 -21.52 -29.72
N GLU F 44 -40.86 -21.53 -29.14
CA GLU F 44 -40.03 -20.35 -28.99
C GLU F 44 -39.16 -20.10 -30.23
N ARG F 45 -38.06 -19.36 -30.09
CA ARG F 45 -37.20 -19.01 -31.20
C ARG F 45 -36.36 -20.16 -31.78
N GLU F 46 -36.23 -20.20 -33.13
CA GLU F 46 -35.39 -21.15 -33.85
C GLU F 46 -34.41 -20.37 -34.71
N LEU F 47 -33.10 -20.67 -34.62
CA LEU F 47 -32.07 -20.10 -35.47
C LEU F 47 -32.25 -20.50 -36.93
N VAL F 48 -32.26 -19.53 -37.87
CA VAL F 48 -32.33 -19.84 -39.29
C VAL F 48 -30.98 -19.58 -39.93
N ALA F 49 -30.50 -18.33 -39.83
CA ALA F 49 -29.31 -17.90 -40.53
C ALA F 49 -28.67 -16.73 -39.80
N THR F 50 -27.37 -16.50 -40.04
CA THR F 50 -26.62 -15.40 -39.43
C THR F 50 -25.53 -15.03 -40.40
N ASN F 58 -23.57 -18.76 -41.99
CA ASN F 58 -23.95 -19.90 -41.15
C ASN F 58 -25.48 -20.08 -41.24
N PHE F 59 -25.93 -21.32 -41.53
CA PHE F 59 -27.32 -21.72 -41.58
C PHE F 59 -27.53 -22.97 -40.76
N ALA F 60 -28.68 -23.05 -40.05
CA ALA F 60 -29.18 -24.25 -39.40
C ALA F 60 -29.39 -25.46 -40.31
N ASP F 61 -29.38 -26.68 -39.72
CA ASP F 61 -29.52 -27.95 -40.43
C ASP F 61 -30.83 -28.07 -41.23
N SER F 62 -31.97 -27.66 -40.63
CA SER F 62 -33.30 -27.78 -41.21
C SER F 62 -33.54 -26.89 -42.43
N ALA F 63 -32.70 -25.87 -42.63
CA ALA F 63 -32.83 -24.93 -43.73
C ALA F 63 -31.62 -24.82 -44.65
N ARG F 64 -30.49 -25.52 -44.36
CA ARG F 64 -29.28 -25.44 -45.15
C ARG F 64 -29.44 -25.93 -46.59
N GLY F 65 -28.85 -25.21 -47.56
CA GLY F 65 -28.90 -25.54 -48.97
C GLY F 65 -30.15 -25.02 -49.66
N ARG F 66 -31.27 -24.98 -48.94
CA ARG F 66 -32.50 -24.35 -49.37
C ARG F 66 -32.45 -22.84 -49.28
N PHE F 67 -31.88 -22.28 -48.19
CA PHE F 67 -31.97 -20.86 -47.89
C PHE F 67 -30.61 -20.17 -47.90
N THR F 68 -30.59 -18.90 -48.37
CA THR F 68 -29.39 -18.08 -48.50
C THR F 68 -29.56 -16.72 -47.86
N ILE F 69 -28.63 -16.30 -46.98
CA ILE F 69 -28.64 -15.01 -46.33
C ILE F 69 -27.63 -14.10 -47.00
N SER F 70 -27.99 -12.83 -47.20
CA SER F 70 -27.12 -11.87 -47.86
C SER F 70 -27.42 -10.51 -47.31
N ARG F 71 -26.56 -9.52 -47.57
CA ARG F 71 -26.78 -8.20 -47.03
C ARG F 71 -26.21 -7.16 -47.96
N GLY F 72 -26.85 -5.99 -48.00
CA GLY F 72 -26.35 -4.85 -48.74
C GLY F 72 -26.09 -3.75 -47.78
N ASN F 73 -24.83 -3.55 -47.37
CA ASN F 73 -24.47 -2.57 -46.37
C ASN F 73 -24.73 -1.13 -46.83
N ALA F 74 -24.74 -0.87 -48.15
CA ALA F 74 -25.12 0.40 -48.72
C ALA F 74 -26.62 0.67 -48.77
N LYS F 75 -27.46 -0.35 -48.60
CA LYS F 75 -28.90 -0.19 -48.57
C LYS F 75 -29.41 -0.33 -47.14
N ASN F 76 -28.52 -0.78 -46.24
CA ASN F 76 -28.78 -1.15 -44.87
C ASN F 76 -29.84 -2.23 -44.71
N THR F 77 -29.71 -3.29 -45.53
CA THR F 77 -30.73 -4.35 -45.63
C THR F 77 -30.08 -5.70 -45.56
N VAL F 78 -30.68 -6.65 -44.80
CA VAL F 78 -30.31 -8.05 -44.82
C VAL F 78 -31.44 -8.84 -45.45
N TYR F 79 -31.11 -9.80 -46.34
CA TYR F 79 -32.06 -10.55 -47.12
C TYR F 79 -31.97 -12.02 -46.75
N LEU F 80 -33.10 -12.74 -46.82
CA LEU F 80 -33.12 -14.18 -46.71
C LEU F 80 -33.86 -14.74 -47.90
N GLN F 81 -33.12 -15.44 -48.79
CA GLN F 81 -33.68 -16.00 -49.99
C GLN F 81 -34.02 -17.44 -49.71
N MET F 82 -35.32 -17.75 -49.62
CA MET F 82 -35.82 -19.05 -49.30
C MET F 82 -36.27 -19.75 -50.57
N ASN F 83 -35.86 -21.01 -50.80
CA ASN F 83 -36.24 -21.77 -51.97
C ASN F 83 -36.64 -23.18 -51.56
N ASN F 84 -37.44 -23.87 -52.40
CA ASN F 84 -37.93 -25.22 -52.19
C ASN F 84 -38.57 -25.40 -50.81
N LEU F 85 -39.50 -24.48 -50.49
CA LEU F 85 -40.15 -24.37 -49.20
C LEU F 85 -40.96 -25.58 -48.79
N LYS F 86 -41.00 -25.85 -47.48
CA LYS F 86 -41.74 -26.96 -46.91
C LYS F 86 -42.83 -26.43 -45.99
N PRO F 87 -43.94 -27.15 -45.75
CA PRO F 87 -44.94 -26.77 -44.75
C PRO F 87 -44.40 -26.53 -43.35
N GLU F 88 -43.21 -27.08 -43.04
CA GLU F 88 -42.51 -26.97 -41.78
C GLU F 88 -41.71 -25.68 -41.67
N ASP F 89 -41.67 -24.86 -42.75
CA ASP F 89 -41.06 -23.56 -42.67
C ASP F 89 -42.06 -22.49 -42.22
N THR F 90 -43.36 -22.83 -42.10
CA THR F 90 -44.44 -21.94 -41.65
C THR F 90 -44.23 -21.37 -40.27
N ALA F 91 -43.86 -20.08 -40.22
CA ALA F 91 -43.48 -19.41 -39.02
C ALA F 91 -43.49 -17.91 -39.22
N VAL F 92 -43.40 -17.15 -38.12
CA VAL F 92 -43.10 -15.74 -38.18
C VAL F 92 -41.59 -15.62 -38.25
N TYR F 93 -41.04 -14.99 -39.30
CA TYR F 93 -39.60 -14.85 -39.46
C TYR F 93 -39.19 -13.50 -38.96
N TYR F 94 -38.29 -13.48 -37.97
CA TYR F 94 -37.85 -12.27 -37.31
C TYR F 94 -36.45 -11.99 -37.72
N CYS F 95 -36.18 -10.73 -38.03
CA CYS F 95 -34.86 -10.20 -38.25
C CYS F 95 -34.32 -9.66 -36.95
N TRP F 96 -33.01 -9.48 -36.85
CA TRP F 96 -32.37 -9.05 -35.65
C TRP F 96 -31.09 -8.31 -35.95
N SER F 97 -30.61 -7.54 -34.94
CA SER F 97 -29.28 -6.94 -34.96
C SER F 97 -28.64 -7.11 -33.59
N THR F 107 -31.45 -6.23 -30.62
CA THR F 107 -32.46 -5.52 -31.40
C THR F 107 -33.15 -6.56 -32.22
N TRP F 108 -34.48 -6.58 -32.18
CA TRP F 108 -35.31 -7.55 -32.85
C TRP F 108 -36.41 -6.82 -33.59
N GLY F 109 -36.69 -7.28 -34.83
CA GLY F 109 -37.86 -6.84 -35.58
C GLY F 109 -39.14 -7.38 -35.02
N GLN F 110 -40.25 -7.04 -35.68
CA GLN F 110 -41.56 -7.47 -35.24
C GLN F 110 -41.93 -8.79 -35.89
N GLY F 111 -41.22 -9.15 -36.97
CA GLY F 111 -41.39 -10.40 -37.68
C GLY F 111 -42.38 -10.34 -38.82
N THR F 112 -42.11 -11.12 -39.88
CA THR F 112 -42.99 -11.22 -41.03
C THR F 112 -43.49 -12.64 -41.18
N GLN F 113 -44.82 -12.81 -41.32
CA GLN F 113 -45.46 -14.11 -41.41
C GLN F 113 -45.16 -14.82 -42.72
N VAL F 114 -44.66 -16.07 -42.65
CA VAL F 114 -44.46 -16.93 -43.80
C VAL F 114 -45.29 -18.17 -43.58
N THR F 115 -46.14 -18.52 -44.57
CA THR F 115 -47.03 -19.66 -44.45
C THR F 115 -46.92 -20.49 -45.70
N VAL F 116 -46.49 -21.76 -45.55
CA VAL F 116 -46.18 -22.64 -46.66
C VAL F 116 -47.13 -23.82 -46.60
#